data_1WU3
# 
_entry.id   1WU3 
# 
_audit_conform.dict_name       mmcif_pdbx.dic 
_audit_conform.dict_version    5.388 
_audit_conform.dict_location   http://mmcif.pdb.org/dictionaries/ascii/mmcif_pdbx.dic 
# 
loop_
_database_2.database_id 
_database_2.database_code 
_database_2.pdbx_database_accession 
_database_2.pdbx_DOI 
PDB   1WU3         pdb_00001wu3 10.2210/pdb1wu3/pdb 
RCSB  RCSB023999   ?            ?                   
WWPDB D_1000023999 ?            ?                   
# 
loop_
_pdbx_audit_revision_history.ordinal 
_pdbx_audit_revision_history.data_content_type 
_pdbx_audit_revision_history.major_revision 
_pdbx_audit_revision_history.minor_revision 
_pdbx_audit_revision_history.revision_date 
1 'Structure model' 1 0 2004-12-14 
2 'Structure model' 1 1 2008-04-30 
3 'Structure model' 1 2 2011-07-13 
4 'Structure model' 1 3 2017-10-11 
5 'Structure model' 1 4 2024-03-13 
# 
_pdbx_audit_revision_details.ordinal             1 
_pdbx_audit_revision_details.revision_ordinal    1 
_pdbx_audit_revision_details.data_content_type   'Structure model' 
_pdbx_audit_revision_details.provider            repository 
_pdbx_audit_revision_details.type                'Initial release' 
_pdbx_audit_revision_details.description         ? 
_pdbx_audit_revision_details.details             ? 
# 
loop_
_pdbx_audit_revision_group.ordinal 
_pdbx_audit_revision_group.revision_ordinal 
_pdbx_audit_revision_group.data_content_type 
_pdbx_audit_revision_group.group 
1 2 'Structure model' 'Version format compliance' 
2 3 'Structure model' 'Version format compliance' 
3 4 'Structure model' Advisory                    
4 5 'Structure model' Advisory                    
5 5 'Structure model' 'Data collection'           
6 5 'Structure model' 'Database references'       
# 
loop_
_pdbx_audit_revision_category.ordinal 
_pdbx_audit_revision_category.revision_ordinal 
_pdbx_audit_revision_category.data_content_type 
_pdbx_audit_revision_category.category 
1 4 'Structure model' pdbx_unobs_or_zero_occ_residues 
2 5 'Structure model' chem_comp_atom                  
3 5 'Structure model' chem_comp_bond                  
4 5 'Structure model' database_2                      
5 5 'Structure model' pdbx_unobs_or_zero_occ_residues 
# 
loop_
_pdbx_audit_revision_item.ordinal 
_pdbx_audit_revision_item.revision_ordinal 
_pdbx_audit_revision_item.data_content_type 
_pdbx_audit_revision_item.item 
1 5 'Structure model' '_database_2.pdbx_DOI'                
2 5 'Structure model' '_database_2.pdbx_database_accession' 
# 
_pdbx_database_PDB_obs_spr.id               SPRSDE 
_pdbx_database_PDB_obs_spr.date             2004-12-14 
_pdbx_database_PDB_obs_spr.pdb_id           1WU3 
_pdbx_database_PDB_obs_spr.replace_pdb_id   1RMI 
_pdbx_database_PDB_obs_spr.details          ? 
# 
_pdbx_database_status.status_code                     REL 
_pdbx_database_status.entry_id                        1WU3 
_pdbx_database_status.recvd_initial_deposition_date   2004-12-01 
_pdbx_database_status.deposit_site                    PDBJ 
_pdbx_database_status.process_site                    PDBJ 
_pdbx_database_status.status_code_sf                  REL 
_pdbx_database_status.SG_entry                        . 
_pdbx_database_status.pdb_format_compatible           Y 
_pdbx_database_status.status_code_mr                  ? 
_pdbx_database_status.status_code_cs                  ? 
_pdbx_database_status.methods_development_category    ? 
_pdbx_database_status.status_code_nmr_data            ? 
# 
loop_
_audit_author.name 
_audit_author.pdbx_ordinal 
'Senda, T.'  1 
'Saitoh, S.' 2 
'Mitsui, Y.' 3 
# 
loop_
_citation.id 
_citation.title 
_citation.journal_abbrev 
_citation.journal_volume 
_citation.page_first 
_citation.page_last 
_citation.year 
_citation.journal_id_ASTM 
_citation.country 
_citation.journal_id_ISSN 
_citation.journal_id_CSD 
_citation.book_publisher 
_citation.pdbx_database_id_PubMed 
_citation.pdbx_database_id_DOI 
primary 'Refined crystal structure of recombinant murine interferon-beta at 2.15 A resolution' J.Mol.Biol.          253 187  207  
1995 JMOBAK UK 0022-2836 0070 ? 7473712 10.1006/jmbi.1995.0544         
1       'Three-dimensional crystal structure of recombinant murine interferon-beta' 'Embo J.'            11  3193 3201 1992 EMJODG 
UK 0261-4189 0897 ? 1505514 ?                              
2       'Three-dimensional structure of recombinant murine interferon-beta' Proc.Jpn.Acad.,Ser.B 66  77   80   1990 PJABDW JA 
0386-2208 0535 ? ?       ?                              
3       
'Structural, functional and evolutionary implications of the three-dimensional crystal structure of murine interferon-beta' 
Pharmacol.Ther.      58  93   132  1993 PHTHDT UK 0163-7258 0792 ? 8415875 '10.1016/0163-7258(93)90068-O' 
# 
loop_
_citation_author.citation_id 
_citation_author.name 
_citation_author.ordinal 
_citation_author.identifier_ORCID 
primary 'Senda, T.'      1  ? 
primary 'Saitoh, S.'     2  ? 
primary 'Mitsui, Y.'     3  ? 
1       'Senda, T.'      4  ? 
1       'Shimazu, T.'    5  ? 
1       'Matsuda, S.'    6  ? 
1       'Kawano, G.'     7  ? 
1       'Shimizu, H.'    8  ? 
1       'Nakamura, K.T.' 9  ? 
1       'Mitsui, Y.'     10 ? 
2       'Senda, T.'      11 ? 
2       'Matsuda, S.'    12 ? 
2       'Kurihara, H.'   13 ? 
2       'Nakamura, K.T.' 14 ? 
2       'Kawano, G.'     15 ? 
2       'Shimizu, H.'    16 ? 
2       'Mizuno, H.'     17 ? 
2       'Mitsui, Y.'     18 ? 
3       'Mitsui, Y.'     19 ? 
3       'Senda, T.'      20 ? 
3       'Shimazu, T.'    21 ? 
3       'Matsuda, S.'    22 ? 
3       'Utsumi, J.'     23 ? 
# 
loop_
_entity.id 
_entity.type 
_entity.src_method 
_entity.pdbx_description 
_entity.formula_weight 
_entity.pdbx_number_of_molecules 
_entity.pdbx_ec 
_entity.pdbx_mutation 
_entity.pdbx_fragment 
_entity.details 
1 polymer man 'Interferon beta' 19760.926 1  ? ? ? ? 
2 water   nat water             18.015    48 ? ? ? ? 
# 
_entity_name_com.entity_id   1 
_entity_name_com.name        IFN-beta 
# 
_entity_poly.entity_id                      1 
_entity_poly.type                           'polypeptide(L)' 
_entity_poly.nstd_linkage                   no 
_entity_poly.nstd_monomer                   no 
_entity_poly.pdbx_seq_one_letter_code       
;INYKQLQLQERTNIRKCQELLEQLNGKINLTYRADFKIPMEMTEKMQKSYTAFAIQEMLQNVFLVFRNNFSSTGWNETIV
VRLLDELHQQTVFLKTVLEEKQEERLTWEMSSTALHLKSYYWRVQRYLKLMKYNSYAWMVVRAEIFRNFLIIRRLTRNFQ
N
;
_entity_poly.pdbx_seq_one_letter_code_can   
;INYKQLQLQERTNIRKCQELLEQLNGKINLTYRADFKIPMEMTEKMQKSYTAFAIQEMLQNVFLVFRNNFSSTGWNETIV
VRLLDELHQQTVFLKTVLEEKQEERLTWEMSSTALHLKSYYWRVQRYLKLMKYNSYAWMVVRAEIFRNFLIIRRLTRNFQ
N
;
_entity_poly.pdbx_strand_id                 I 
_entity_poly.pdbx_target_identifier         ? 
# 
_pdbx_entity_nonpoly.entity_id   2 
_pdbx_entity_nonpoly.name        water 
_pdbx_entity_nonpoly.comp_id     HOH 
# 
loop_
_entity_poly_seq.entity_id 
_entity_poly_seq.num 
_entity_poly_seq.mon_id 
_entity_poly_seq.hetero 
1 1   ILE n 
1 2   ASN n 
1 3   TYR n 
1 4   LYS n 
1 5   GLN n 
1 6   LEU n 
1 7   GLN n 
1 8   LEU n 
1 9   GLN n 
1 10  GLU n 
1 11  ARG n 
1 12  THR n 
1 13  ASN n 
1 14  ILE n 
1 15  ARG n 
1 16  LYS n 
1 17  CYS n 
1 18  GLN n 
1 19  GLU n 
1 20  LEU n 
1 21  LEU n 
1 22  GLU n 
1 23  GLN n 
1 24  LEU n 
1 25  ASN n 
1 26  GLY n 
1 27  LYS n 
1 28  ILE n 
1 29  ASN n 
1 30  LEU n 
1 31  THR n 
1 32  TYR n 
1 33  ARG n 
1 34  ALA n 
1 35  ASP n 
1 36  PHE n 
1 37  LYS n 
1 38  ILE n 
1 39  PRO n 
1 40  MET n 
1 41  GLU n 
1 42  MET n 
1 43  THR n 
1 44  GLU n 
1 45  LYS n 
1 46  MET n 
1 47  GLN n 
1 48  LYS n 
1 49  SER n 
1 50  TYR n 
1 51  THR n 
1 52  ALA n 
1 53  PHE n 
1 54  ALA n 
1 55  ILE n 
1 56  GLN n 
1 57  GLU n 
1 58  MET n 
1 59  LEU n 
1 60  GLN n 
1 61  ASN n 
1 62  VAL n 
1 63  PHE n 
1 64  LEU n 
1 65  VAL n 
1 66  PHE n 
1 67  ARG n 
1 68  ASN n 
1 69  ASN n 
1 70  PHE n 
1 71  SER n 
1 72  SER n 
1 73  THR n 
1 74  GLY n 
1 75  TRP n 
1 76  ASN n 
1 77  GLU n 
1 78  THR n 
1 79  ILE n 
1 80  VAL n 
1 81  VAL n 
1 82  ARG n 
1 83  LEU n 
1 84  LEU n 
1 85  ASP n 
1 86  GLU n 
1 87  LEU n 
1 88  HIS n 
1 89  GLN n 
1 90  GLN n 
1 91  THR n 
1 92  VAL n 
1 93  PHE n 
1 94  LEU n 
1 95  LYS n 
1 96  THR n 
1 97  VAL n 
1 98  LEU n 
1 99  GLU n 
1 100 GLU n 
1 101 LYS n 
1 102 GLN n 
1 103 GLU n 
1 104 GLU n 
1 105 ARG n 
1 106 LEU n 
1 107 THR n 
1 108 TRP n 
1 109 GLU n 
1 110 MET n 
1 111 SER n 
1 112 SER n 
1 113 THR n 
1 114 ALA n 
1 115 LEU n 
1 116 HIS n 
1 117 LEU n 
1 118 LYS n 
1 119 SER n 
1 120 TYR n 
1 121 TYR n 
1 122 TRP n 
1 123 ARG n 
1 124 VAL n 
1 125 GLN n 
1 126 ARG n 
1 127 TYR n 
1 128 LEU n 
1 129 LYS n 
1 130 LEU n 
1 131 MET n 
1 132 LYS n 
1 133 TYR n 
1 134 ASN n 
1 135 SER n 
1 136 TYR n 
1 137 ALA n 
1 138 TRP n 
1 139 MET n 
1 140 VAL n 
1 141 VAL n 
1 142 ARG n 
1 143 ALA n 
1 144 GLU n 
1 145 ILE n 
1 146 PHE n 
1 147 ARG n 
1 148 ASN n 
1 149 PHE n 
1 150 LEU n 
1 151 ILE n 
1 152 ILE n 
1 153 ARG n 
1 154 ARG n 
1 155 LEU n 
1 156 THR n 
1 157 ARG n 
1 158 ASN n 
1 159 PHE n 
1 160 GLN n 
1 161 ASN n 
# 
_entity_src_gen.entity_id                          1 
_entity_src_gen.pdbx_src_id                        1 
_entity_src_gen.pdbx_alt_source_flag               sample 
_entity_src_gen.pdbx_seq_type                      ? 
_entity_src_gen.pdbx_beg_seq_num                   ? 
_entity_src_gen.pdbx_end_seq_num                   ? 
_entity_src_gen.gene_src_common_name               'house mouse' 
_entity_src_gen.gene_src_genus                     Mus 
_entity_src_gen.pdbx_gene_src_gene                 ? 
_entity_src_gen.gene_src_species                   ? 
_entity_src_gen.gene_src_strain                    ? 
_entity_src_gen.gene_src_tissue                    ? 
_entity_src_gen.gene_src_tissue_fraction           ? 
_entity_src_gen.gene_src_details                   ? 
_entity_src_gen.pdbx_gene_src_fragment             ? 
_entity_src_gen.pdbx_gene_src_scientific_name      'Mus musculus' 
_entity_src_gen.pdbx_gene_src_ncbi_taxonomy_id     10090 
_entity_src_gen.pdbx_gene_src_variant              ? 
_entity_src_gen.pdbx_gene_src_cell_line            ? 
_entity_src_gen.pdbx_gene_src_atcc                 ? 
_entity_src_gen.pdbx_gene_src_organ                ? 
_entity_src_gen.pdbx_gene_src_organelle            ? 
_entity_src_gen.pdbx_gene_src_cell                 ? 
_entity_src_gen.pdbx_gene_src_cellular_location    ? 
_entity_src_gen.host_org_common_name               ? 
_entity_src_gen.pdbx_host_org_scientific_name      'Escherichia coli' 
_entity_src_gen.pdbx_host_org_ncbi_taxonomy_id     562 
_entity_src_gen.host_org_genus                     Escherichia 
_entity_src_gen.pdbx_host_org_gene                 ? 
_entity_src_gen.pdbx_host_org_organ                ? 
_entity_src_gen.host_org_species                   ? 
_entity_src_gen.pdbx_host_org_tissue               ? 
_entity_src_gen.pdbx_host_org_tissue_fraction      ? 
_entity_src_gen.pdbx_host_org_strain               ? 
_entity_src_gen.pdbx_host_org_variant              ? 
_entity_src_gen.pdbx_host_org_cell_line            ? 
_entity_src_gen.pdbx_host_org_atcc                 ? 
_entity_src_gen.pdbx_host_org_culture_collection   ? 
_entity_src_gen.pdbx_host_org_cell                 ? 
_entity_src_gen.pdbx_host_org_organelle            ? 
_entity_src_gen.pdbx_host_org_cellular_location    ? 
_entity_src_gen.pdbx_host_org_vector_type          ? 
_entity_src_gen.pdbx_host_org_vector               ? 
_entity_src_gen.host_org_details                   ? 
_entity_src_gen.expression_system_id               ? 
_entity_src_gen.plasmid_name                       ? 
_entity_src_gen.plasmid_details                    ? 
_entity_src_gen.pdbx_description                   ? 
# 
loop_
_chem_comp.id 
_chem_comp.type 
_chem_comp.mon_nstd_flag 
_chem_comp.name 
_chem_comp.pdbx_synonyms 
_chem_comp.formula 
_chem_comp.formula_weight 
ALA 'L-peptide linking' y ALANINE         ? 'C3 H7 N O2'     89.093  
ARG 'L-peptide linking' y ARGININE        ? 'C6 H15 N4 O2 1' 175.209 
ASN 'L-peptide linking' y ASPARAGINE      ? 'C4 H8 N2 O3'    132.118 
ASP 'L-peptide linking' y 'ASPARTIC ACID' ? 'C4 H7 N O4'     133.103 
CYS 'L-peptide linking' y CYSTEINE        ? 'C3 H7 N O2 S'   121.158 
GLN 'L-peptide linking' y GLUTAMINE       ? 'C5 H10 N2 O3'   146.144 
GLU 'L-peptide linking' y 'GLUTAMIC ACID' ? 'C5 H9 N O4'     147.129 
GLY 'peptide linking'   y GLYCINE         ? 'C2 H5 N O2'     75.067  
HIS 'L-peptide linking' y HISTIDINE       ? 'C6 H10 N3 O2 1' 156.162 
HOH non-polymer         . WATER           ? 'H2 O'           18.015  
ILE 'L-peptide linking' y ISOLEUCINE      ? 'C6 H13 N O2'    131.173 
LEU 'L-peptide linking' y LEUCINE         ? 'C6 H13 N O2'    131.173 
LYS 'L-peptide linking' y LYSINE          ? 'C6 H15 N2 O2 1' 147.195 
MET 'L-peptide linking' y METHIONINE      ? 'C5 H11 N O2 S'  149.211 
PHE 'L-peptide linking' y PHENYLALANINE   ? 'C9 H11 N O2'    165.189 
PRO 'L-peptide linking' y PROLINE         ? 'C5 H9 N O2'     115.130 
SER 'L-peptide linking' y SERINE          ? 'C3 H7 N O3'     105.093 
THR 'L-peptide linking' y THREONINE       ? 'C4 H9 N O3'     119.119 
TRP 'L-peptide linking' y TRYPTOPHAN      ? 'C11 H12 N2 O2'  204.225 
TYR 'L-peptide linking' y TYROSINE        ? 'C9 H11 N O3'    181.189 
VAL 'L-peptide linking' y VALINE          ? 'C5 H11 N O2'    117.146 
# 
loop_
_pdbx_poly_seq_scheme.asym_id 
_pdbx_poly_seq_scheme.entity_id 
_pdbx_poly_seq_scheme.seq_id 
_pdbx_poly_seq_scheme.mon_id 
_pdbx_poly_seq_scheme.ndb_seq_num 
_pdbx_poly_seq_scheme.pdb_seq_num 
_pdbx_poly_seq_scheme.auth_seq_num 
_pdbx_poly_seq_scheme.pdb_mon_id 
_pdbx_poly_seq_scheme.auth_mon_id 
_pdbx_poly_seq_scheme.pdb_strand_id 
_pdbx_poly_seq_scheme.pdb_ins_code 
_pdbx_poly_seq_scheme.hetero 
A 1 1   ILE 1   1   1   ILE ILE I . n 
A 1 2   ASN 2   2   2   ASN ASN I . n 
A 1 3   TYR 3   3   3   TYR TYR I . n 
A 1 4   LYS 4   4   4   LYS LYS I . n 
A 1 5   GLN 5   5   5   GLN GLN I . n 
A 1 6   LEU 6   6   6   LEU LEU I . n 
A 1 7   GLN 7   7   7   GLN GLN I . n 
A 1 8   LEU 8   8   8   LEU LEU I . n 
A 1 9   GLN 9   9   9   GLN GLN I . n 
A 1 10  GLU 10  10  10  GLU GLU I . n 
A 1 11  ARG 11  11  11  ARG ARG I . n 
A 1 12  THR 12  12  12  THR THR I . n 
A 1 13  ASN 13  13  13  ASN ASN I . n 
A 1 14  ILE 14  14  14  ILE ILE I . n 
A 1 15  ARG 15  15  15  ARG ARG I . n 
A 1 16  LYS 16  16  16  LYS LYS I . n 
A 1 17  CYS 17  17  17  CYS CYS I . n 
A 1 18  GLN 18  18  18  GLN GLN I . n 
A 1 19  GLU 19  19  19  GLU GLU I . n 
A 1 20  LEU 20  20  20  LEU LEU I . n 
A 1 21  LEU 21  21  21  LEU LEU I . n 
A 1 22  GLU 22  22  22  GLU GLU I . n 
A 1 23  GLN 23  23  23  GLN GLN I . n 
A 1 24  LEU 24  24  24  LEU LEU I . n 
A 1 25  ASN 25  25  25  ASN ASN I . n 
A 1 26  GLY 26  26  26  GLY GLY I . n 
A 1 27  LYS 27  27  27  LYS LYS I . n 
A 1 28  ILE 28  28  28  ILE ILE I . n 
A 1 29  ASN 29  29  29  ASN ASN I . n 
A 1 30  LEU 30  30  30  LEU LEU I . n 
A 1 31  THR 31  31  31  THR THR I . n 
A 1 32  TYR 32  32  32  TYR TYR I . n 
A 1 33  ARG 33  33  33  ARG ARG I . n 
A 1 34  ALA 34  34  34  ALA ALA I . n 
A 1 35  ASP 35  35  35  ASP ASP I . n 
A 1 36  PHE 36  36  36  PHE PHE I . n 
A 1 37  LYS 37  37  37  LYS LYS I . n 
A 1 38  ILE 38  38  38  ILE ILE I . n 
A 1 39  PRO 39  39  39  PRO PRO I . n 
A 1 40  MET 40  40  40  MET MET I . n 
A 1 41  GLU 41  41  41  GLU GLU I . n 
A 1 42  MET 42  42  42  MET MET I . n 
A 1 43  THR 43  43  43  THR THR I . n 
A 1 44  GLU 44  44  44  GLU GLU I . n 
A 1 45  LYS 45  45  45  LYS LYS I . n 
A 1 46  MET 46  46  46  MET MET I . n 
A 1 47  GLN 47  47  47  GLN GLN I . n 
A 1 48  LYS 48  48  48  LYS LYS I . n 
A 1 49  SER 49  49  49  SER SER I . n 
A 1 50  TYR 50  50  50  TYR TYR I . n 
A 1 51  THR 51  51  51  THR THR I . n 
A 1 52  ALA 52  52  52  ALA ALA I . n 
A 1 53  PHE 53  53  53  PHE PHE I . n 
A 1 54  ALA 54  54  54  ALA ALA I . n 
A 1 55  ILE 55  55  55  ILE ILE I . n 
A 1 56  GLN 56  56  56  GLN GLN I . n 
A 1 57  GLU 57  57  57  GLU GLU I . n 
A 1 58  MET 58  58  58  MET MET I . n 
A 1 59  LEU 59  59  59  LEU LEU I . n 
A 1 60  GLN 60  60  60  GLN GLN I . n 
A 1 61  ASN 61  61  61  ASN ASN I . n 
A 1 62  VAL 62  62  62  VAL VAL I . n 
A 1 63  PHE 63  63  63  PHE PHE I . n 
A 1 64  LEU 64  64  64  LEU LEU I . n 
A 1 65  VAL 65  65  65  VAL VAL I . n 
A 1 66  PHE 66  66  66  PHE PHE I . n 
A 1 67  ARG 67  67  67  ARG ARG I . n 
A 1 68  ASN 68  68  68  ASN ASN I . n 
A 1 69  ASN 69  69  69  ASN ASN I . n 
A 1 70  PHE 70  70  70  PHE PHE I . n 
A 1 71  SER 71  71  71  SER SER I . n 
A 1 72  SER 72  72  72  SER SER I . n 
A 1 73  THR 73  73  73  THR THR I . n 
A 1 74  GLY 74  74  74  GLY GLY I . n 
A 1 75  TRP 75  75  75  TRP TRP I . n 
A 1 76  ASN 76  76  76  ASN ASN I . n 
A 1 77  GLU 77  77  77  GLU GLU I . n 
A 1 78  THR 78  78  78  THR THR I . n 
A 1 79  ILE 79  79  79  ILE ILE I . n 
A 1 80  VAL 80  80  80  VAL VAL I . n 
A 1 81  VAL 81  81  81  VAL VAL I . n 
A 1 82  ARG 82  82  82  ARG ARG I . n 
A 1 83  LEU 83  83  83  LEU LEU I . n 
A 1 84  LEU 84  84  84  LEU LEU I . n 
A 1 85  ASP 85  85  85  ASP ASP I . n 
A 1 86  GLU 86  86  86  GLU GLU I . n 
A 1 87  LEU 87  87  87  LEU LEU I . n 
A 1 88  HIS 88  88  88  HIS HIS I . n 
A 1 89  GLN 89  89  89  GLN GLN I . n 
A 1 90  GLN 90  90  90  GLN GLN I . n 
A 1 91  THR 91  91  91  THR THR I . n 
A 1 92  VAL 92  92  92  VAL VAL I . n 
A 1 93  PHE 93  93  93  PHE PHE I . n 
A 1 94  LEU 94  94  94  LEU LEU I . n 
A 1 95  LYS 95  95  95  LYS LYS I . n 
A 1 96  THR 96  96  96  THR THR I . n 
A 1 97  VAL 97  97  97  VAL VAL I . n 
A 1 98  LEU 98  98  98  LEU LEU I . n 
A 1 99  GLU 99  99  99  GLU GLU I . n 
A 1 100 GLU 100 100 100 GLU GLU I . n 
A 1 101 LYS 101 101 101 LYS LYS I . n 
A 1 102 GLN 102 102 102 GLN GLN I . n 
A 1 103 GLU 103 103 103 GLU GLU I . n 
A 1 104 GLU 104 104 104 GLU GLU I . n 
A 1 105 ARG 105 105 105 ARG ARG I . n 
A 1 106 LEU 106 106 106 LEU LEU I . n 
A 1 107 THR 107 107 107 THR THR I . n 
A 1 108 TRP 108 108 108 TRP TRP I . n 
A 1 109 GLU 109 109 109 GLU GLU I . n 
A 1 110 MET 110 110 110 MET MET I . n 
A 1 111 SER 111 111 111 SER SER I . n 
A 1 112 SER 112 112 112 SER SER I . n 
A 1 113 THR 113 113 113 THR THR I . n 
A 1 114 ALA 114 114 114 ALA ALA I . n 
A 1 115 LEU 115 115 115 LEU LEU I . n 
A 1 116 HIS 116 116 116 HIS HIS I . n 
A 1 117 LEU 117 117 117 LEU LEU I . n 
A 1 118 LYS 118 118 118 LYS LYS I . n 
A 1 119 SER 119 119 119 SER SER I . n 
A 1 120 TYR 120 120 120 TYR TYR I . n 
A 1 121 TYR 121 121 121 TYR TYR I . n 
A 1 122 TRP 122 122 122 TRP TRP I . n 
A 1 123 ARG 123 123 123 ARG ARG I . n 
A 1 124 VAL 124 124 124 VAL VAL I . n 
A 1 125 GLN 125 125 125 GLN GLN I . n 
A 1 126 ARG 126 126 126 ARG ARG I . n 
A 1 127 TYR 127 127 127 TYR TYR I . n 
A 1 128 LEU 128 128 128 LEU LEU I . n 
A 1 129 LYS 129 129 129 LYS LYS I . n 
A 1 130 LEU 130 130 130 LEU LEU I . n 
A 1 131 MET 131 131 131 MET MET I . n 
A 1 132 LYS 132 132 132 LYS LYS I . n 
A 1 133 TYR 133 133 133 TYR TYR I . n 
A 1 134 ASN 134 134 134 ASN ASN I . n 
A 1 135 SER 135 135 135 SER SER I . n 
A 1 136 TYR 136 136 136 TYR TYR I . n 
A 1 137 ALA 137 137 137 ALA ALA I . n 
A 1 138 TRP 138 138 138 TRP TRP I . n 
A 1 139 MET 139 139 139 MET MET I . n 
A 1 140 VAL 140 140 140 VAL VAL I . n 
A 1 141 VAL 141 141 141 VAL VAL I . n 
A 1 142 ARG 142 142 142 ARG ARG I . n 
A 1 143 ALA 143 143 143 ALA ALA I . n 
A 1 144 GLU 144 144 144 GLU GLU I . n 
A 1 145 ILE 145 145 145 ILE ILE I . n 
A 1 146 PHE 146 146 146 PHE PHE I . n 
A 1 147 ARG 147 147 147 ARG ARG I . n 
A 1 148 ASN 148 148 148 ASN ASN I . n 
A 1 149 PHE 149 149 149 PHE PHE I . n 
A 1 150 LEU 150 150 150 LEU LEU I . n 
A 1 151 ILE 151 151 151 ILE ILE I . n 
A 1 152 ILE 152 152 152 ILE ILE I . n 
A 1 153 ARG 153 153 153 ARG ARG I . n 
A 1 154 ARG 154 154 154 ARG ARG I . n 
A 1 155 LEU 155 155 155 LEU LEU I . n 
A 1 156 THR 156 156 156 THR THR I . n 
A 1 157 ARG 157 157 157 ARG ARG I . n 
A 1 158 ASN 158 158 158 ASN ASN I . n 
A 1 159 PHE 159 159 159 PHE PHE I . n 
A 1 160 GLN 160 160 160 GLN GLN I . n 
A 1 161 ASN 161 161 161 ASN ASN I . n 
# 
loop_
_pdbx_nonpoly_scheme.asym_id 
_pdbx_nonpoly_scheme.entity_id 
_pdbx_nonpoly_scheme.mon_id 
_pdbx_nonpoly_scheme.ndb_seq_num 
_pdbx_nonpoly_scheme.pdb_seq_num 
_pdbx_nonpoly_scheme.auth_seq_num 
_pdbx_nonpoly_scheme.pdb_mon_id 
_pdbx_nonpoly_scheme.auth_mon_id 
_pdbx_nonpoly_scheme.pdb_strand_id 
_pdbx_nonpoly_scheme.pdb_ins_code 
B 2 HOH 1  201 201 HOH HOH I . 
B 2 HOH 2  202 202 HOH HOH I . 
B 2 HOH 3  203 203 HOH HOH I . 
B 2 HOH 4  204 204 HOH HOH I . 
B 2 HOH 5  205 205 HOH HOH I . 
B 2 HOH 6  206 206 HOH HOH I . 
B 2 HOH 7  207 207 HOH HOH I . 
B 2 HOH 8  208 208 HOH HOH I . 
B 2 HOH 9  209 209 HOH HOH I . 
B 2 HOH 10 210 210 HOH HOH I . 
B 2 HOH 11 211 211 HOH HOH I . 
B 2 HOH 12 212 212 HOH HOH I . 
B 2 HOH 13 213 213 HOH HOH I . 
B 2 HOH 14 214 214 HOH HOH I . 
B 2 HOH 15 215 215 HOH HOH I . 
B 2 HOH 16 216 216 HOH HOH I . 
B 2 HOH 17 217 217 HOH HOH I . 
B 2 HOH 18 219 219 HOH HOH I . 
B 2 HOH 19 220 220 HOH HOH I . 
B 2 HOH 20 221 221 HOH HOH I . 
B 2 HOH 21 223 223 HOH HOH I . 
B 2 HOH 22 224 224 HOH HOH I . 
B 2 HOH 23 225 225 HOH HOH I . 
B 2 HOH 24 226 226 HOH HOH I . 
B 2 HOH 25 227 227 HOH HOH I . 
B 2 HOH 26 228 228 HOH HOH I . 
B 2 HOH 27 230 230 HOH HOH I . 
B 2 HOH 28 232 232 HOH HOH I . 
B 2 HOH 29 233 233 HOH HOH I . 
B 2 HOH 30 234 234 HOH HOH I . 
B 2 HOH 31 235 235 HOH HOH I . 
B 2 HOH 32 236 236 HOH HOH I . 
B 2 HOH 33 238 238 HOH HOH I . 
B 2 HOH 34 239 239 HOH HOH I . 
B 2 HOH 35 240 240 HOH HOH I . 
B 2 HOH 36 241 241 HOH HOH I . 
B 2 HOH 37 244 244 HOH HOH I . 
B 2 HOH 38 245 245 HOH HOH I . 
B 2 HOH 39 247 247 HOH HOH I . 
B 2 HOH 40 248 248 HOH HOH I . 
B 2 HOH 41 249 249 HOH HOH I . 
B 2 HOH 42 250 250 HOH HOH I . 
B 2 HOH 43 251 251 HOH HOH I . 
B 2 HOH 44 252 252 HOH HOH I . 
B 2 HOH 45 253 253 HOH HOH I . 
B 2 HOH 46 254 254 HOH HOH I . 
B 2 HOH 47 255 255 HOH HOH I . 
B 2 HOH 48 256 256 HOH HOH I . 
# 
loop_
_software.name 
_software.classification 
_software.version 
_software.citation_id 
_software.pdbx_ordinal 
REFMAC  refinement       5.2.0005                   ? 1 
WEIS    'data reduction' .                          ? 2 
SCALE   'data scaling'   .                          ? 3 
PROTEIN phasing          'SYSTEM (PROF. Y. MITSUI)' ? 4 
# 
_cell.entry_id           1WU3 
_cell.length_a           71.400 
_cell.length_b           71.400 
_cell.length_c           79.600 
_cell.angle_alpha        90.00 
_cell.angle_beta         90.00 
_cell.angle_gamma        120.00 
_cell.Z_PDB              6 
_cell.pdbx_unique_axis   ? 
# 
_symmetry.entry_id                         1WU3 
_symmetry.space_group_name_H-M             'P 65' 
_symmetry.pdbx_full_space_group_name_H-M   ? 
_symmetry.cell_setting                     ? 
_symmetry.Int_Tables_number                170 
_symmetry.space_group_name_Hall            ? 
# 
_exptl.entry_id          1WU3 
_exptl.method            'X-RAY DIFFRACTION' 
_exptl.crystals_number   3 
# 
_exptl_crystal.id                    1 
_exptl_crystal.density_meas          ? 
_exptl_crystal.density_Matthews      2.97 
_exptl_crystal.density_percent_sol   59 
_exptl_crystal.description           ? 
_exptl_crystal.F_000                 ? 
_exptl_crystal.preparation           ? 
# 
_exptl_crystal_grow.crystal_id      1 
_exptl_crystal_grow.method          'VAPOR DIFFUSION, HANGING DROP' 
_exptl_crystal_grow.temp            288 
_exptl_crystal_grow.temp_details    ? 
_exptl_crystal_grow.pH              5.3 
_exptl_crystal_grow.pdbx_details    
'Ammonium Sulfate, dioxane, acetate buffer, pH 5.3, VAPOR DIFFUSION, HANGING DROP, temperature 288K' 
_exptl_crystal_grow.pdbx_pH_range   . 
# 
_diffrn.id                     1 
_diffrn.ambient_temp           ? 
_diffrn.ambient_temp_details   ? 
_diffrn.crystal_id             1 
# 
_diffrn_detector.diffrn_id              1 
_diffrn_detector.detector               DIFFRACTOMETER 
_diffrn_detector.type                   WEISSENBERG 
_diffrn_detector.pdbx_collection_date   1993-12-07 
_diffrn_detector.details                ? 
# 
_diffrn_radiation.diffrn_id                        1 
_diffrn_radiation.wavelength_id                    1 
_diffrn_radiation.pdbx_monochromatic_or_laue_m_l   M 
_diffrn_radiation.monochromator                    ? 
_diffrn_radiation.pdbx_diffrn_protocol             'SINGLE WAVELENGTH' 
_diffrn_radiation.pdbx_scattering_type             x-ray 
# 
_diffrn_radiation_wavelength.id           1 
_diffrn_radiation_wavelength.wavelength   1.04 
_diffrn_radiation_wavelength.wt           1.0 
# 
_diffrn_source.diffrn_id                   1 
_diffrn_source.source                      SYNCHROTRON 
_diffrn_source.type                        'PHOTON FACTORY BEAMLINE BL-6A' 
_diffrn_source.pdbx_synchrotron_site       'Photon Factory' 
_diffrn_source.pdbx_synchrotron_beamline   BL-6A 
_diffrn_source.pdbx_wavelength             ? 
_diffrn_source.pdbx_wavelength_list        1.04 
# 
_reflns.entry_id                     1WU3 
_reflns.observed_criterion_sigma_F   3 
_reflns.observed_criterion_sigma_I   3 
_reflns.d_resolution_high            1.8 
_reflns.d_resolution_low             10 
_reflns.number_all                   22157 
_reflns.number_obs                   14666 
_reflns.percent_possible_obs         66.2 
_reflns.pdbx_Rmerge_I_obs            0.048 
_reflns.pdbx_Rsym_value              ? 
_reflns.pdbx_netI_over_sigmaI        ? 
_reflns.B_iso_Wilson_estimate        ? 
_reflns.pdbx_redundancy              4.18 
_reflns.R_free_details               ? 
_reflns.limit_h_max                  ? 
_reflns.limit_h_min                  ? 
_reflns.limit_k_max                  ? 
_reflns.limit_k_min                  ? 
_reflns.limit_l_max                  ? 
_reflns.limit_l_min                  ? 
_reflns.observed_criterion_F_max     ? 
_reflns.observed_criterion_F_min     ? 
_reflns.pdbx_chi_squared             ? 
_reflns.pdbx_scaling_rejects         ? 
_reflns.pdbx_diffrn_id               1 
_reflns.pdbx_ordinal                 1 
# 
_reflns_shell.d_res_high             1.80 
_reflns_shell.d_res_low              1.88 
_reflns_shell.percent_possible_all   12.9 
_reflns_shell.Rmerge_I_obs           ? 
_reflns_shell.pdbx_Rsym_value        ? 
_reflns_shell.meanI_over_sigI_obs    ? 
_reflns_shell.pdbx_redundancy        ? 
_reflns_shell.percent_possible_obs   ? 
_reflns_shell.number_unique_all      ? 
_reflns_shell.number_measured_all    ? 
_reflns_shell.number_measured_obs    ? 
_reflns_shell.number_unique_obs      ? 
_reflns_shell.pdbx_chi_squared       ? 
_reflns_shell.pdbx_diffrn_id         ? 
_reflns_shell.pdbx_ordinal           1 
# 
_refine.entry_id                                 1WU3 
_refine.ls_number_reflns_obs                     10525 
_refine.ls_number_reflns_all                     10525 
_refine.pdbx_ls_sigma_I                          ? 
_refine.pdbx_ls_sigma_F                          0 
_refine.pdbx_data_cutoff_high_absF               ? 
_refine.pdbx_data_cutoff_low_absF                ? 
_refine.pdbx_data_cutoff_high_rms_absF           ? 
_refine.ls_d_res_low                             7.95 
_refine.ls_d_res_high                            2.15 
_refine.ls_percent_reflns_obs                    100.00 
_refine.ls_R_factor_obs                          0.1973 
_refine.ls_R_factor_all                          0.1973 
_refine.ls_R_factor_R_work                       0.19162 
_refine.ls_R_factor_R_free                       0.24731 
_refine.ls_R_factor_R_free_error                 ? 
_refine.ls_R_factor_R_free_error_details         ? 
_refine.ls_percent_reflns_R_free                 10.1 
_refine.ls_number_reflns_R_free                  1182 
_refine.ls_number_parameters                     ? 
_refine.ls_number_restraints                     ? 
_refine.occupancy_min                            ? 
_refine.occupancy_max                            ? 
_refine.correlation_coeff_Fo_to_Fc               0.953 
_refine.correlation_coeff_Fo_to_Fc_free          0.915 
_refine.B_iso_mean                               38.011 
_refine.aniso_B[1][1]                            0.25 
_refine.aniso_B[2][2]                            0.25 
_refine.aniso_B[3][3]                            -0.37 
_refine.aniso_B[1][2]                            0.12 
_refine.aniso_B[1][3]                            0.00 
_refine.aniso_B[2][3]                            0.00 
_refine.solvent_model_details                    'BABINET MODEL WITH MASK' 
_refine.solvent_model_param_ksol                 ? 
_refine.solvent_model_param_bsol                 ? 
_refine.pdbx_solvent_vdw_probe_radii             1.20 
_refine.pdbx_solvent_ion_probe_radii             0.80 
_refine.pdbx_solvent_shrinkage_radii             0.80 
_refine.pdbx_ls_cross_valid_method               THROUGHOUT 
_refine.details                                  'HYDROGENS HAVE BEEN ADDED IN THE RIDING POSITIONS' 
_refine.pdbx_starting_model                      ? 
_refine.pdbx_method_to_determine_struct          MIR 
_refine.pdbx_isotropic_thermal_model             ? 
_refine.pdbx_stereochemistry_target_values       'MAXIMUM LIKELIHOOD' 
_refine.pdbx_stereochem_target_val_spec_case     ? 
_refine.pdbx_R_Free_selection_details            RANDOM 
_refine.pdbx_overall_ESU_R                       0.233 
_refine.pdbx_overall_ESU_R_Free                  0.203 
_refine.overall_SU_ML                            0.169 
_refine.overall_SU_B                             6.918 
_refine.ls_redundancy_reflns_obs                 ? 
_refine.B_iso_min                                ? 
_refine.B_iso_max                                ? 
_refine.overall_SU_R_Cruickshank_DPI             ? 
_refine.overall_SU_R_free                        ? 
_refine.ls_wR_factor_R_free                      ? 
_refine.ls_wR_factor_R_work                      ? 
_refine.overall_FOM_free_R_set                   ? 
_refine.overall_FOM_work_R_set                   ? 
_refine.pdbx_refine_id                           'X-RAY DIFFRACTION' 
_refine.pdbx_diffrn_id                           1 
_refine.pdbx_TLS_residual_ADP_flag               ? 
_refine.pdbx_overall_phase_error                 ? 
_refine.pdbx_overall_SU_R_free_Cruickshank_DPI   ? 
_refine.pdbx_overall_SU_R_Blow_DPI               ? 
_refine.pdbx_overall_SU_R_free_Blow_DPI          ? 
# 
_refine_hist.pdbx_refine_id                   'X-RAY DIFFRACTION' 
_refine_hist.cycle_id                         LAST 
_refine_hist.pdbx_number_atoms_protein        1394 
_refine_hist.pdbx_number_atoms_nucleic_acid   0 
_refine_hist.pdbx_number_atoms_ligand         0 
_refine_hist.number_atoms_solvent             48 
_refine_hist.number_atoms_total               1442 
_refine_hist.d_res_high                       2.15 
_refine_hist.d_res_low                        7.95 
# 
loop_
_refine_ls_restr.type 
_refine_ls_restr.dev_ideal 
_refine_ls_restr.dev_ideal_target 
_refine_ls_restr.weight 
_refine_ls_restr.number 
_refine_ls_restr.pdbx_refine_id 
_refine_ls_restr.pdbx_restraint_function 
r_bond_refined_d         0.012  0.022  ? 1412 'X-RAY DIFFRACTION' ? 
r_angle_refined_deg      1.375  1.940  ? 1899 'X-RAY DIFFRACTION' ? 
r_dihedral_angle_1_deg   3.181  5.000  ? 159  'X-RAY DIFFRACTION' ? 
r_dihedral_angle_2_deg   39.763 23.553 ? 76   'X-RAY DIFFRACTION' ? 
r_dihedral_angle_3_deg   19.054 15.000 ? 283  'X-RAY DIFFRACTION' ? 
r_dihedral_angle_4_deg   26.300 15.000 ? 13   'X-RAY DIFFRACTION' ? 
r_chiral_restr           0.093  0.200  ? 208  'X-RAY DIFFRACTION' ? 
r_gen_planes_refined     0.006  0.020  ? 1044 'X-RAY DIFFRACTION' ? 
r_nbd_refined            0.227  0.200  ? 671  'X-RAY DIFFRACTION' ? 
r_nbtor_refined          0.316  0.200  ? 995  'X-RAY DIFFRACTION' ? 
r_xyhbond_nbd_refined    0.108  0.200  ? 45   'X-RAY DIFFRACTION' ? 
r_symmetry_vdw_refined   0.217  0.200  ? 35   'X-RAY DIFFRACTION' ? 
r_symmetry_hbond_refined 0.081  0.200  ? 1    'X-RAY DIFFRACTION' ? 
r_mcbond_it              1.848  1.500  ? 819  'X-RAY DIFFRACTION' ? 
r_mcangle_it             2.425  2.000  ? 1300 'X-RAY DIFFRACTION' ? 
r_scbond_it              3.145  3.000  ? 680  'X-RAY DIFFRACTION' ? 
r_scangle_it             4.840  4.500  ? 599  'X-RAY DIFFRACTION' ? 
# 
_refine_ls_shell.pdbx_total_number_of_bins_used   20 
_refine_ls_shell.d_res_high                       2.150 
_refine_ls_shell.d_res_low                        2.202 
_refine_ls_shell.number_reflns_R_work             604 
_refine_ls_shell.R_factor_R_work                  0.345 
_refine_ls_shell.percent_reflns_obs               100.00 
_refine_ls_shell.R_factor_R_free                  0.361 
_refine_ls_shell.R_factor_R_free_error            ? 
_refine_ls_shell.percent_reflns_R_free            ? 
_refine_ls_shell.number_reflns_R_free             81 
_refine_ls_shell.number_reflns_obs                ? 
_refine_ls_shell.redundancy_reflns_obs            ? 
_refine_ls_shell.number_reflns_all                ? 
_refine_ls_shell.pdbx_refine_id                   'X-RAY DIFFRACTION' 
_refine_ls_shell.R_factor_all                     ? 
# 
_struct.entry_id                  1WU3 
_struct.title                     'Crystal structure of recombinant murine interferon beta' 
_struct.pdbx_model_details        ? 
_struct.pdbx_CASP_flag            ? 
_struct.pdbx_model_type_details   ? 
# 
_struct_keywords.entry_id        1WU3 
_struct_keywords.pdbx_keywords   CYTOKINE 
_struct_keywords.text            'alpha-helix-bundle, Cytokine' 
# 
loop_
_struct_asym.id 
_struct_asym.pdbx_blank_PDB_chainid_flag 
_struct_asym.pdbx_modified 
_struct_asym.entity_id 
_struct_asym.details 
A N N 1 ? 
B N N 2 ? 
# 
_struct_ref.id                         1 
_struct_ref.db_name                    UNP 
_struct_ref.db_code                    IFNB_MOUSE 
_struct_ref.pdbx_db_accession          P01575 
_struct_ref.entity_id                  1 
_struct_ref.pdbx_seq_one_letter_code   
;INYKQLQLQERTNIRKCQELLEQLNGKINLTYRADFKIPMEMTEKMQKSYTAFAIQEMLQNVFLVFRNNFSSTGWNETIV
VRLLDELHQQTVFLKTVLEEKQEERLTWEMSSTALHLKSYYWRVQRYLKLMKYNSYAWMVVRAEIFRNFLIIRRLTRNFQ
N
;
_struct_ref.pdbx_align_begin           22 
_struct_ref.pdbx_db_isoform            ? 
# 
_struct_ref_seq.align_id                      1 
_struct_ref_seq.ref_id                        1 
_struct_ref_seq.pdbx_PDB_id_code              1WU3 
_struct_ref_seq.pdbx_strand_id                I 
_struct_ref_seq.seq_align_beg                 1 
_struct_ref_seq.pdbx_seq_align_beg_ins_code   ? 
_struct_ref_seq.seq_align_end                 161 
_struct_ref_seq.pdbx_seq_align_end_ins_code   ? 
_struct_ref_seq.pdbx_db_accession             P01575 
_struct_ref_seq.db_align_beg                  22 
_struct_ref_seq.pdbx_db_align_beg_ins_code    ? 
_struct_ref_seq.db_align_end                  182 
_struct_ref_seq.pdbx_db_align_end_ins_code    ? 
_struct_ref_seq.pdbx_auth_seq_align_beg       1 
_struct_ref_seq.pdbx_auth_seq_align_end       161 
# 
_pdbx_struct_assembly.id                   1 
_pdbx_struct_assembly.details              author_defined_assembly 
_pdbx_struct_assembly.method_details       ? 
_pdbx_struct_assembly.oligomeric_details   monomeric 
_pdbx_struct_assembly.oligomeric_count     1 
# 
_pdbx_struct_assembly_gen.assembly_id       1 
_pdbx_struct_assembly_gen.oper_expression   1 
_pdbx_struct_assembly_gen.asym_id_list      A,B 
# 
_pdbx_struct_oper_list.id                   1 
_pdbx_struct_oper_list.type                 'identity operation' 
_pdbx_struct_oper_list.name                 1_555 
_pdbx_struct_oper_list.symmetry_operation   x,y,z 
_pdbx_struct_oper_list.matrix[1][1]         1.0000000000 
_pdbx_struct_oper_list.matrix[1][2]         0.0000000000 
_pdbx_struct_oper_list.matrix[1][3]         0.0000000000 
_pdbx_struct_oper_list.vector[1]            0.0000000000 
_pdbx_struct_oper_list.matrix[2][1]         0.0000000000 
_pdbx_struct_oper_list.matrix[2][2]         1.0000000000 
_pdbx_struct_oper_list.matrix[2][3]         0.0000000000 
_pdbx_struct_oper_list.vector[2]            0.0000000000 
_pdbx_struct_oper_list.matrix[3][1]         0.0000000000 
_pdbx_struct_oper_list.matrix[3][2]         0.0000000000 
_pdbx_struct_oper_list.matrix[3][3]         1.0000000000 
_pdbx_struct_oper_list.vector[3]            0.0000000000 
# 
_struct_biol.id                    1 
_struct_biol.pdbx_parent_biol_id   ? 
_struct_biol.details               ? 
# 
loop_
_struct_conf.conf_type_id 
_struct_conf.id 
_struct_conf.pdbx_PDB_helix_id 
_struct_conf.beg_label_comp_id 
_struct_conf.beg_label_asym_id 
_struct_conf.beg_label_seq_id 
_struct_conf.pdbx_beg_PDB_ins_code 
_struct_conf.end_label_comp_id 
_struct_conf.end_label_asym_id 
_struct_conf.end_label_seq_id 
_struct_conf.pdbx_end_PDB_ins_code 
_struct_conf.beg_auth_comp_id 
_struct_conf.beg_auth_asym_id 
_struct_conf.beg_auth_seq_id 
_struct_conf.end_auth_comp_id 
_struct_conf.end_auth_asym_id 
_struct_conf.end_auth_seq_id 
_struct_conf.pdbx_PDB_helix_class 
_struct_conf.details 
_struct_conf.pdbx_PDB_helix_length 
HELX_P HELX_P1 1 ASN A 2   ? GLN A 23  ? ASN I 2   GLN I 23  1 ? 22 
HELX_P HELX_P2 2 PRO A 39  ? GLU A 44  ? PRO I 39  GLU I 44  5 ? 6  
HELX_P HELX_P3 3 GLN A 47  ? PHE A 66  ? GLN I 47  PHE I 66  1 ? 20 
HELX_P HELX_P4 4 PHE A 70  ? GLY A 74  ? PHE I 70  GLY I 74  5 ? 5  
HELX_P HELX_P5 5 ASN A 76  ? LEU A 98  ? ASN I 76  LEU I 98  1 ? 23 
HELX_P HELX_P6 6 LYS A 101 ? GLU A 109 ? LYS I 101 GLU I 109 1 ? 9  
HELX_P HELX_P7 7 SER A 111 ? MET A 131 ? SER I 111 MET I 131 1 ? 21 
HELX_P HELX_P8 8 ASN A 134 ? THR A 156 ? ASN I 134 THR I 156 1 ? 23 
HELX_P HELX_P9 9 ARG A 157 ? GLN A 160 ? ARG I 157 GLN I 160 5 ? 4  
# 
_struct_conf_type.id          HELX_P 
_struct_conf_type.criteria    ? 
_struct_conf_type.reference   ? 
# 
loop_
_pdbx_validate_torsion.id 
_pdbx_validate_torsion.PDB_model_num 
_pdbx_validate_torsion.auth_comp_id 
_pdbx_validate_torsion.auth_asym_id 
_pdbx_validate_torsion.auth_seq_id 
_pdbx_validate_torsion.PDB_ins_code 
_pdbx_validate_torsion.label_alt_id 
_pdbx_validate_torsion.phi 
_pdbx_validate_torsion.psi 
1 1 ASN I 25 ? ? -177.24 61.72 
2 1 LYS I 37 ? ? 60.49   74.92 
3 1 MET I 42 ? ? -56.41  -5.61 
# 
_pdbx_unobs_or_zero_occ_residues.id               1 
_pdbx_unobs_or_zero_occ_residues.PDB_model_num    1 
_pdbx_unobs_or_zero_occ_residues.polymer_flag     Y 
_pdbx_unobs_or_zero_occ_residues.occupancy_flag   0 
_pdbx_unobs_or_zero_occ_residues.auth_asym_id     I 
_pdbx_unobs_or_zero_occ_residues.auth_comp_id     ASN 
_pdbx_unobs_or_zero_occ_residues.auth_seq_id      161 
_pdbx_unobs_or_zero_occ_residues.PDB_ins_code     ? 
_pdbx_unobs_or_zero_occ_residues.label_asym_id    A 
_pdbx_unobs_or_zero_occ_residues.label_comp_id    ASN 
_pdbx_unobs_or_zero_occ_residues.label_seq_id     161 
# 
loop_
_chem_comp_atom.comp_id 
_chem_comp_atom.atom_id 
_chem_comp_atom.type_symbol 
_chem_comp_atom.pdbx_aromatic_flag 
_chem_comp_atom.pdbx_stereo_config 
_chem_comp_atom.pdbx_ordinal 
ALA N    N N N 1   
ALA CA   C N S 2   
ALA C    C N N 3   
ALA O    O N N 4   
ALA CB   C N N 5   
ALA OXT  O N N 6   
ALA H    H N N 7   
ALA H2   H N N 8   
ALA HA   H N N 9   
ALA HB1  H N N 10  
ALA HB2  H N N 11  
ALA HB3  H N N 12  
ALA HXT  H N N 13  
ARG N    N N N 14  
ARG CA   C N S 15  
ARG C    C N N 16  
ARG O    O N N 17  
ARG CB   C N N 18  
ARG CG   C N N 19  
ARG CD   C N N 20  
ARG NE   N N N 21  
ARG CZ   C N N 22  
ARG NH1  N N N 23  
ARG NH2  N N N 24  
ARG OXT  O N N 25  
ARG H    H N N 26  
ARG H2   H N N 27  
ARG HA   H N N 28  
ARG HB2  H N N 29  
ARG HB3  H N N 30  
ARG HG2  H N N 31  
ARG HG3  H N N 32  
ARG HD2  H N N 33  
ARG HD3  H N N 34  
ARG HE   H N N 35  
ARG HH11 H N N 36  
ARG HH12 H N N 37  
ARG HH21 H N N 38  
ARG HH22 H N N 39  
ARG HXT  H N N 40  
ASN N    N N N 41  
ASN CA   C N S 42  
ASN C    C N N 43  
ASN O    O N N 44  
ASN CB   C N N 45  
ASN CG   C N N 46  
ASN OD1  O N N 47  
ASN ND2  N N N 48  
ASN OXT  O N N 49  
ASN H    H N N 50  
ASN H2   H N N 51  
ASN HA   H N N 52  
ASN HB2  H N N 53  
ASN HB3  H N N 54  
ASN HD21 H N N 55  
ASN HD22 H N N 56  
ASN HXT  H N N 57  
ASP N    N N N 58  
ASP CA   C N S 59  
ASP C    C N N 60  
ASP O    O N N 61  
ASP CB   C N N 62  
ASP CG   C N N 63  
ASP OD1  O N N 64  
ASP OD2  O N N 65  
ASP OXT  O N N 66  
ASP H    H N N 67  
ASP H2   H N N 68  
ASP HA   H N N 69  
ASP HB2  H N N 70  
ASP HB3  H N N 71  
ASP HD2  H N N 72  
ASP HXT  H N N 73  
CYS N    N N N 74  
CYS CA   C N R 75  
CYS C    C N N 76  
CYS O    O N N 77  
CYS CB   C N N 78  
CYS SG   S N N 79  
CYS OXT  O N N 80  
CYS H    H N N 81  
CYS H2   H N N 82  
CYS HA   H N N 83  
CYS HB2  H N N 84  
CYS HB3  H N N 85  
CYS HG   H N N 86  
CYS HXT  H N N 87  
GLN N    N N N 88  
GLN CA   C N S 89  
GLN C    C N N 90  
GLN O    O N N 91  
GLN CB   C N N 92  
GLN CG   C N N 93  
GLN CD   C N N 94  
GLN OE1  O N N 95  
GLN NE2  N N N 96  
GLN OXT  O N N 97  
GLN H    H N N 98  
GLN H2   H N N 99  
GLN HA   H N N 100 
GLN HB2  H N N 101 
GLN HB3  H N N 102 
GLN HG2  H N N 103 
GLN HG3  H N N 104 
GLN HE21 H N N 105 
GLN HE22 H N N 106 
GLN HXT  H N N 107 
GLU N    N N N 108 
GLU CA   C N S 109 
GLU C    C N N 110 
GLU O    O N N 111 
GLU CB   C N N 112 
GLU CG   C N N 113 
GLU CD   C N N 114 
GLU OE1  O N N 115 
GLU OE2  O N N 116 
GLU OXT  O N N 117 
GLU H    H N N 118 
GLU H2   H N N 119 
GLU HA   H N N 120 
GLU HB2  H N N 121 
GLU HB3  H N N 122 
GLU HG2  H N N 123 
GLU HG3  H N N 124 
GLU HE2  H N N 125 
GLU HXT  H N N 126 
GLY N    N N N 127 
GLY CA   C N N 128 
GLY C    C N N 129 
GLY O    O N N 130 
GLY OXT  O N N 131 
GLY H    H N N 132 
GLY H2   H N N 133 
GLY HA2  H N N 134 
GLY HA3  H N N 135 
GLY HXT  H N N 136 
HIS N    N N N 137 
HIS CA   C N S 138 
HIS C    C N N 139 
HIS O    O N N 140 
HIS CB   C N N 141 
HIS CG   C Y N 142 
HIS ND1  N Y N 143 
HIS CD2  C Y N 144 
HIS CE1  C Y N 145 
HIS NE2  N Y N 146 
HIS OXT  O N N 147 
HIS H    H N N 148 
HIS H2   H N N 149 
HIS HA   H N N 150 
HIS HB2  H N N 151 
HIS HB3  H N N 152 
HIS HD1  H N N 153 
HIS HD2  H N N 154 
HIS HE1  H N N 155 
HIS HE2  H N N 156 
HIS HXT  H N N 157 
HOH O    O N N 158 
HOH H1   H N N 159 
HOH H2   H N N 160 
ILE N    N N N 161 
ILE CA   C N S 162 
ILE C    C N N 163 
ILE O    O N N 164 
ILE CB   C N S 165 
ILE CG1  C N N 166 
ILE CG2  C N N 167 
ILE CD1  C N N 168 
ILE OXT  O N N 169 
ILE H    H N N 170 
ILE H2   H N N 171 
ILE HA   H N N 172 
ILE HB   H N N 173 
ILE HG12 H N N 174 
ILE HG13 H N N 175 
ILE HG21 H N N 176 
ILE HG22 H N N 177 
ILE HG23 H N N 178 
ILE HD11 H N N 179 
ILE HD12 H N N 180 
ILE HD13 H N N 181 
ILE HXT  H N N 182 
LEU N    N N N 183 
LEU CA   C N S 184 
LEU C    C N N 185 
LEU O    O N N 186 
LEU CB   C N N 187 
LEU CG   C N N 188 
LEU CD1  C N N 189 
LEU CD2  C N N 190 
LEU OXT  O N N 191 
LEU H    H N N 192 
LEU H2   H N N 193 
LEU HA   H N N 194 
LEU HB2  H N N 195 
LEU HB3  H N N 196 
LEU HG   H N N 197 
LEU HD11 H N N 198 
LEU HD12 H N N 199 
LEU HD13 H N N 200 
LEU HD21 H N N 201 
LEU HD22 H N N 202 
LEU HD23 H N N 203 
LEU HXT  H N N 204 
LYS N    N N N 205 
LYS CA   C N S 206 
LYS C    C N N 207 
LYS O    O N N 208 
LYS CB   C N N 209 
LYS CG   C N N 210 
LYS CD   C N N 211 
LYS CE   C N N 212 
LYS NZ   N N N 213 
LYS OXT  O N N 214 
LYS H    H N N 215 
LYS H2   H N N 216 
LYS HA   H N N 217 
LYS HB2  H N N 218 
LYS HB3  H N N 219 
LYS HG2  H N N 220 
LYS HG3  H N N 221 
LYS HD2  H N N 222 
LYS HD3  H N N 223 
LYS HE2  H N N 224 
LYS HE3  H N N 225 
LYS HZ1  H N N 226 
LYS HZ2  H N N 227 
LYS HZ3  H N N 228 
LYS HXT  H N N 229 
MET N    N N N 230 
MET CA   C N S 231 
MET C    C N N 232 
MET O    O N N 233 
MET CB   C N N 234 
MET CG   C N N 235 
MET SD   S N N 236 
MET CE   C N N 237 
MET OXT  O N N 238 
MET H    H N N 239 
MET H2   H N N 240 
MET HA   H N N 241 
MET HB2  H N N 242 
MET HB3  H N N 243 
MET HG2  H N N 244 
MET HG3  H N N 245 
MET HE1  H N N 246 
MET HE2  H N N 247 
MET HE3  H N N 248 
MET HXT  H N N 249 
PHE N    N N N 250 
PHE CA   C N S 251 
PHE C    C N N 252 
PHE O    O N N 253 
PHE CB   C N N 254 
PHE CG   C Y N 255 
PHE CD1  C Y N 256 
PHE CD2  C Y N 257 
PHE CE1  C Y N 258 
PHE CE2  C Y N 259 
PHE CZ   C Y N 260 
PHE OXT  O N N 261 
PHE H    H N N 262 
PHE H2   H N N 263 
PHE HA   H N N 264 
PHE HB2  H N N 265 
PHE HB3  H N N 266 
PHE HD1  H N N 267 
PHE HD2  H N N 268 
PHE HE1  H N N 269 
PHE HE2  H N N 270 
PHE HZ   H N N 271 
PHE HXT  H N N 272 
PRO N    N N N 273 
PRO CA   C N S 274 
PRO C    C N N 275 
PRO O    O N N 276 
PRO CB   C N N 277 
PRO CG   C N N 278 
PRO CD   C N N 279 
PRO OXT  O N N 280 
PRO H    H N N 281 
PRO HA   H N N 282 
PRO HB2  H N N 283 
PRO HB3  H N N 284 
PRO HG2  H N N 285 
PRO HG3  H N N 286 
PRO HD2  H N N 287 
PRO HD3  H N N 288 
PRO HXT  H N N 289 
SER N    N N N 290 
SER CA   C N S 291 
SER C    C N N 292 
SER O    O N N 293 
SER CB   C N N 294 
SER OG   O N N 295 
SER OXT  O N N 296 
SER H    H N N 297 
SER H2   H N N 298 
SER HA   H N N 299 
SER HB2  H N N 300 
SER HB3  H N N 301 
SER HG   H N N 302 
SER HXT  H N N 303 
THR N    N N N 304 
THR CA   C N S 305 
THR C    C N N 306 
THR O    O N N 307 
THR CB   C N R 308 
THR OG1  O N N 309 
THR CG2  C N N 310 
THR OXT  O N N 311 
THR H    H N N 312 
THR H2   H N N 313 
THR HA   H N N 314 
THR HB   H N N 315 
THR HG1  H N N 316 
THR HG21 H N N 317 
THR HG22 H N N 318 
THR HG23 H N N 319 
THR HXT  H N N 320 
TRP N    N N N 321 
TRP CA   C N S 322 
TRP C    C N N 323 
TRP O    O N N 324 
TRP CB   C N N 325 
TRP CG   C Y N 326 
TRP CD1  C Y N 327 
TRP CD2  C Y N 328 
TRP NE1  N Y N 329 
TRP CE2  C Y N 330 
TRP CE3  C Y N 331 
TRP CZ2  C Y N 332 
TRP CZ3  C Y N 333 
TRP CH2  C Y N 334 
TRP OXT  O N N 335 
TRP H    H N N 336 
TRP H2   H N N 337 
TRP HA   H N N 338 
TRP HB2  H N N 339 
TRP HB3  H N N 340 
TRP HD1  H N N 341 
TRP HE1  H N N 342 
TRP HE3  H N N 343 
TRP HZ2  H N N 344 
TRP HZ3  H N N 345 
TRP HH2  H N N 346 
TRP HXT  H N N 347 
TYR N    N N N 348 
TYR CA   C N S 349 
TYR C    C N N 350 
TYR O    O N N 351 
TYR CB   C N N 352 
TYR CG   C Y N 353 
TYR CD1  C Y N 354 
TYR CD2  C Y N 355 
TYR CE1  C Y N 356 
TYR CE2  C Y N 357 
TYR CZ   C Y N 358 
TYR OH   O N N 359 
TYR OXT  O N N 360 
TYR H    H N N 361 
TYR H2   H N N 362 
TYR HA   H N N 363 
TYR HB2  H N N 364 
TYR HB3  H N N 365 
TYR HD1  H N N 366 
TYR HD2  H N N 367 
TYR HE1  H N N 368 
TYR HE2  H N N 369 
TYR HH   H N N 370 
TYR HXT  H N N 371 
VAL N    N N N 372 
VAL CA   C N S 373 
VAL C    C N N 374 
VAL O    O N N 375 
VAL CB   C N N 376 
VAL CG1  C N N 377 
VAL CG2  C N N 378 
VAL OXT  O N N 379 
VAL H    H N N 380 
VAL H2   H N N 381 
VAL HA   H N N 382 
VAL HB   H N N 383 
VAL HG11 H N N 384 
VAL HG12 H N N 385 
VAL HG13 H N N 386 
VAL HG21 H N N 387 
VAL HG22 H N N 388 
VAL HG23 H N N 389 
VAL HXT  H N N 390 
# 
loop_
_chem_comp_bond.comp_id 
_chem_comp_bond.atom_id_1 
_chem_comp_bond.atom_id_2 
_chem_comp_bond.value_order 
_chem_comp_bond.pdbx_aromatic_flag 
_chem_comp_bond.pdbx_stereo_config 
_chem_comp_bond.pdbx_ordinal 
ALA N   CA   sing N N 1   
ALA N   H    sing N N 2   
ALA N   H2   sing N N 3   
ALA CA  C    sing N N 4   
ALA CA  CB   sing N N 5   
ALA CA  HA   sing N N 6   
ALA C   O    doub N N 7   
ALA C   OXT  sing N N 8   
ALA CB  HB1  sing N N 9   
ALA CB  HB2  sing N N 10  
ALA CB  HB3  sing N N 11  
ALA OXT HXT  sing N N 12  
ARG N   CA   sing N N 13  
ARG N   H    sing N N 14  
ARG N   H2   sing N N 15  
ARG CA  C    sing N N 16  
ARG CA  CB   sing N N 17  
ARG CA  HA   sing N N 18  
ARG C   O    doub N N 19  
ARG C   OXT  sing N N 20  
ARG CB  CG   sing N N 21  
ARG CB  HB2  sing N N 22  
ARG CB  HB3  sing N N 23  
ARG CG  CD   sing N N 24  
ARG CG  HG2  sing N N 25  
ARG CG  HG3  sing N N 26  
ARG CD  NE   sing N N 27  
ARG CD  HD2  sing N N 28  
ARG CD  HD3  sing N N 29  
ARG NE  CZ   sing N N 30  
ARG NE  HE   sing N N 31  
ARG CZ  NH1  sing N N 32  
ARG CZ  NH2  doub N N 33  
ARG NH1 HH11 sing N N 34  
ARG NH1 HH12 sing N N 35  
ARG NH2 HH21 sing N N 36  
ARG NH2 HH22 sing N N 37  
ARG OXT HXT  sing N N 38  
ASN N   CA   sing N N 39  
ASN N   H    sing N N 40  
ASN N   H2   sing N N 41  
ASN CA  C    sing N N 42  
ASN CA  CB   sing N N 43  
ASN CA  HA   sing N N 44  
ASN C   O    doub N N 45  
ASN C   OXT  sing N N 46  
ASN CB  CG   sing N N 47  
ASN CB  HB2  sing N N 48  
ASN CB  HB3  sing N N 49  
ASN CG  OD1  doub N N 50  
ASN CG  ND2  sing N N 51  
ASN ND2 HD21 sing N N 52  
ASN ND2 HD22 sing N N 53  
ASN OXT HXT  sing N N 54  
ASP N   CA   sing N N 55  
ASP N   H    sing N N 56  
ASP N   H2   sing N N 57  
ASP CA  C    sing N N 58  
ASP CA  CB   sing N N 59  
ASP CA  HA   sing N N 60  
ASP C   O    doub N N 61  
ASP C   OXT  sing N N 62  
ASP CB  CG   sing N N 63  
ASP CB  HB2  sing N N 64  
ASP CB  HB3  sing N N 65  
ASP CG  OD1  doub N N 66  
ASP CG  OD2  sing N N 67  
ASP OD2 HD2  sing N N 68  
ASP OXT HXT  sing N N 69  
CYS N   CA   sing N N 70  
CYS N   H    sing N N 71  
CYS N   H2   sing N N 72  
CYS CA  C    sing N N 73  
CYS CA  CB   sing N N 74  
CYS CA  HA   sing N N 75  
CYS C   O    doub N N 76  
CYS C   OXT  sing N N 77  
CYS CB  SG   sing N N 78  
CYS CB  HB2  sing N N 79  
CYS CB  HB3  sing N N 80  
CYS SG  HG   sing N N 81  
CYS OXT HXT  sing N N 82  
GLN N   CA   sing N N 83  
GLN N   H    sing N N 84  
GLN N   H2   sing N N 85  
GLN CA  C    sing N N 86  
GLN CA  CB   sing N N 87  
GLN CA  HA   sing N N 88  
GLN C   O    doub N N 89  
GLN C   OXT  sing N N 90  
GLN CB  CG   sing N N 91  
GLN CB  HB2  sing N N 92  
GLN CB  HB3  sing N N 93  
GLN CG  CD   sing N N 94  
GLN CG  HG2  sing N N 95  
GLN CG  HG3  sing N N 96  
GLN CD  OE1  doub N N 97  
GLN CD  NE2  sing N N 98  
GLN NE2 HE21 sing N N 99  
GLN NE2 HE22 sing N N 100 
GLN OXT HXT  sing N N 101 
GLU N   CA   sing N N 102 
GLU N   H    sing N N 103 
GLU N   H2   sing N N 104 
GLU CA  C    sing N N 105 
GLU CA  CB   sing N N 106 
GLU CA  HA   sing N N 107 
GLU C   O    doub N N 108 
GLU C   OXT  sing N N 109 
GLU CB  CG   sing N N 110 
GLU CB  HB2  sing N N 111 
GLU CB  HB3  sing N N 112 
GLU CG  CD   sing N N 113 
GLU CG  HG2  sing N N 114 
GLU CG  HG3  sing N N 115 
GLU CD  OE1  doub N N 116 
GLU CD  OE2  sing N N 117 
GLU OE2 HE2  sing N N 118 
GLU OXT HXT  sing N N 119 
GLY N   CA   sing N N 120 
GLY N   H    sing N N 121 
GLY N   H2   sing N N 122 
GLY CA  C    sing N N 123 
GLY CA  HA2  sing N N 124 
GLY CA  HA3  sing N N 125 
GLY C   O    doub N N 126 
GLY C   OXT  sing N N 127 
GLY OXT HXT  sing N N 128 
HIS N   CA   sing N N 129 
HIS N   H    sing N N 130 
HIS N   H2   sing N N 131 
HIS CA  C    sing N N 132 
HIS CA  CB   sing N N 133 
HIS CA  HA   sing N N 134 
HIS C   O    doub N N 135 
HIS C   OXT  sing N N 136 
HIS CB  CG   sing N N 137 
HIS CB  HB2  sing N N 138 
HIS CB  HB3  sing N N 139 
HIS CG  ND1  sing Y N 140 
HIS CG  CD2  doub Y N 141 
HIS ND1 CE1  doub Y N 142 
HIS ND1 HD1  sing N N 143 
HIS CD2 NE2  sing Y N 144 
HIS CD2 HD2  sing N N 145 
HIS CE1 NE2  sing Y N 146 
HIS CE1 HE1  sing N N 147 
HIS NE2 HE2  sing N N 148 
HIS OXT HXT  sing N N 149 
HOH O   H1   sing N N 150 
HOH O   H2   sing N N 151 
ILE N   CA   sing N N 152 
ILE N   H    sing N N 153 
ILE N   H2   sing N N 154 
ILE CA  C    sing N N 155 
ILE CA  CB   sing N N 156 
ILE CA  HA   sing N N 157 
ILE C   O    doub N N 158 
ILE C   OXT  sing N N 159 
ILE CB  CG1  sing N N 160 
ILE CB  CG2  sing N N 161 
ILE CB  HB   sing N N 162 
ILE CG1 CD1  sing N N 163 
ILE CG1 HG12 sing N N 164 
ILE CG1 HG13 sing N N 165 
ILE CG2 HG21 sing N N 166 
ILE CG2 HG22 sing N N 167 
ILE CG2 HG23 sing N N 168 
ILE CD1 HD11 sing N N 169 
ILE CD1 HD12 sing N N 170 
ILE CD1 HD13 sing N N 171 
ILE OXT HXT  sing N N 172 
LEU N   CA   sing N N 173 
LEU N   H    sing N N 174 
LEU N   H2   sing N N 175 
LEU CA  C    sing N N 176 
LEU CA  CB   sing N N 177 
LEU CA  HA   sing N N 178 
LEU C   O    doub N N 179 
LEU C   OXT  sing N N 180 
LEU CB  CG   sing N N 181 
LEU CB  HB2  sing N N 182 
LEU CB  HB3  sing N N 183 
LEU CG  CD1  sing N N 184 
LEU CG  CD2  sing N N 185 
LEU CG  HG   sing N N 186 
LEU CD1 HD11 sing N N 187 
LEU CD1 HD12 sing N N 188 
LEU CD1 HD13 sing N N 189 
LEU CD2 HD21 sing N N 190 
LEU CD2 HD22 sing N N 191 
LEU CD2 HD23 sing N N 192 
LEU OXT HXT  sing N N 193 
LYS N   CA   sing N N 194 
LYS N   H    sing N N 195 
LYS N   H2   sing N N 196 
LYS CA  C    sing N N 197 
LYS CA  CB   sing N N 198 
LYS CA  HA   sing N N 199 
LYS C   O    doub N N 200 
LYS C   OXT  sing N N 201 
LYS CB  CG   sing N N 202 
LYS CB  HB2  sing N N 203 
LYS CB  HB3  sing N N 204 
LYS CG  CD   sing N N 205 
LYS CG  HG2  sing N N 206 
LYS CG  HG3  sing N N 207 
LYS CD  CE   sing N N 208 
LYS CD  HD2  sing N N 209 
LYS CD  HD3  sing N N 210 
LYS CE  NZ   sing N N 211 
LYS CE  HE2  sing N N 212 
LYS CE  HE3  sing N N 213 
LYS NZ  HZ1  sing N N 214 
LYS NZ  HZ2  sing N N 215 
LYS NZ  HZ3  sing N N 216 
LYS OXT HXT  sing N N 217 
MET N   CA   sing N N 218 
MET N   H    sing N N 219 
MET N   H2   sing N N 220 
MET CA  C    sing N N 221 
MET CA  CB   sing N N 222 
MET CA  HA   sing N N 223 
MET C   O    doub N N 224 
MET C   OXT  sing N N 225 
MET CB  CG   sing N N 226 
MET CB  HB2  sing N N 227 
MET CB  HB3  sing N N 228 
MET CG  SD   sing N N 229 
MET CG  HG2  sing N N 230 
MET CG  HG3  sing N N 231 
MET SD  CE   sing N N 232 
MET CE  HE1  sing N N 233 
MET CE  HE2  sing N N 234 
MET CE  HE3  sing N N 235 
MET OXT HXT  sing N N 236 
PHE N   CA   sing N N 237 
PHE N   H    sing N N 238 
PHE N   H2   sing N N 239 
PHE CA  C    sing N N 240 
PHE CA  CB   sing N N 241 
PHE CA  HA   sing N N 242 
PHE C   O    doub N N 243 
PHE C   OXT  sing N N 244 
PHE CB  CG   sing N N 245 
PHE CB  HB2  sing N N 246 
PHE CB  HB3  sing N N 247 
PHE CG  CD1  doub Y N 248 
PHE CG  CD2  sing Y N 249 
PHE CD1 CE1  sing Y N 250 
PHE CD1 HD1  sing N N 251 
PHE CD2 CE2  doub Y N 252 
PHE CD2 HD2  sing N N 253 
PHE CE1 CZ   doub Y N 254 
PHE CE1 HE1  sing N N 255 
PHE CE2 CZ   sing Y N 256 
PHE CE2 HE2  sing N N 257 
PHE CZ  HZ   sing N N 258 
PHE OXT HXT  sing N N 259 
PRO N   CA   sing N N 260 
PRO N   CD   sing N N 261 
PRO N   H    sing N N 262 
PRO CA  C    sing N N 263 
PRO CA  CB   sing N N 264 
PRO CA  HA   sing N N 265 
PRO C   O    doub N N 266 
PRO C   OXT  sing N N 267 
PRO CB  CG   sing N N 268 
PRO CB  HB2  sing N N 269 
PRO CB  HB3  sing N N 270 
PRO CG  CD   sing N N 271 
PRO CG  HG2  sing N N 272 
PRO CG  HG3  sing N N 273 
PRO CD  HD2  sing N N 274 
PRO CD  HD3  sing N N 275 
PRO OXT HXT  sing N N 276 
SER N   CA   sing N N 277 
SER N   H    sing N N 278 
SER N   H2   sing N N 279 
SER CA  C    sing N N 280 
SER CA  CB   sing N N 281 
SER CA  HA   sing N N 282 
SER C   O    doub N N 283 
SER C   OXT  sing N N 284 
SER CB  OG   sing N N 285 
SER CB  HB2  sing N N 286 
SER CB  HB3  sing N N 287 
SER OG  HG   sing N N 288 
SER OXT HXT  sing N N 289 
THR N   CA   sing N N 290 
THR N   H    sing N N 291 
THR N   H2   sing N N 292 
THR CA  C    sing N N 293 
THR CA  CB   sing N N 294 
THR CA  HA   sing N N 295 
THR C   O    doub N N 296 
THR C   OXT  sing N N 297 
THR CB  OG1  sing N N 298 
THR CB  CG2  sing N N 299 
THR CB  HB   sing N N 300 
THR OG1 HG1  sing N N 301 
THR CG2 HG21 sing N N 302 
THR CG2 HG22 sing N N 303 
THR CG2 HG23 sing N N 304 
THR OXT HXT  sing N N 305 
TRP N   CA   sing N N 306 
TRP N   H    sing N N 307 
TRP N   H2   sing N N 308 
TRP CA  C    sing N N 309 
TRP CA  CB   sing N N 310 
TRP CA  HA   sing N N 311 
TRP C   O    doub N N 312 
TRP C   OXT  sing N N 313 
TRP CB  CG   sing N N 314 
TRP CB  HB2  sing N N 315 
TRP CB  HB3  sing N N 316 
TRP CG  CD1  doub Y N 317 
TRP CG  CD2  sing Y N 318 
TRP CD1 NE1  sing Y N 319 
TRP CD1 HD1  sing N N 320 
TRP CD2 CE2  doub Y N 321 
TRP CD2 CE3  sing Y N 322 
TRP NE1 CE2  sing Y N 323 
TRP NE1 HE1  sing N N 324 
TRP CE2 CZ2  sing Y N 325 
TRP CE3 CZ3  doub Y N 326 
TRP CE3 HE3  sing N N 327 
TRP CZ2 CH2  doub Y N 328 
TRP CZ2 HZ2  sing N N 329 
TRP CZ3 CH2  sing Y N 330 
TRP CZ3 HZ3  sing N N 331 
TRP CH2 HH2  sing N N 332 
TRP OXT HXT  sing N N 333 
TYR N   CA   sing N N 334 
TYR N   H    sing N N 335 
TYR N   H2   sing N N 336 
TYR CA  C    sing N N 337 
TYR CA  CB   sing N N 338 
TYR CA  HA   sing N N 339 
TYR C   O    doub N N 340 
TYR C   OXT  sing N N 341 
TYR CB  CG   sing N N 342 
TYR CB  HB2  sing N N 343 
TYR CB  HB3  sing N N 344 
TYR CG  CD1  doub Y N 345 
TYR CG  CD2  sing Y N 346 
TYR CD1 CE1  sing Y N 347 
TYR CD1 HD1  sing N N 348 
TYR CD2 CE2  doub Y N 349 
TYR CD2 HD2  sing N N 350 
TYR CE1 CZ   doub Y N 351 
TYR CE1 HE1  sing N N 352 
TYR CE2 CZ   sing Y N 353 
TYR CE2 HE2  sing N N 354 
TYR CZ  OH   sing N N 355 
TYR OH  HH   sing N N 356 
TYR OXT HXT  sing N N 357 
VAL N   CA   sing N N 358 
VAL N   H    sing N N 359 
VAL N   H2   sing N N 360 
VAL CA  C    sing N N 361 
VAL CA  CB   sing N N 362 
VAL CA  HA   sing N N 363 
VAL C   O    doub N N 364 
VAL C   OXT  sing N N 365 
VAL CB  CG1  sing N N 366 
VAL CB  CG2  sing N N 367 
VAL CB  HB   sing N N 368 
VAL CG1 HG11 sing N N 369 
VAL CG1 HG12 sing N N 370 
VAL CG1 HG13 sing N N 371 
VAL CG2 HG21 sing N N 372 
VAL CG2 HG22 sing N N 373 
VAL CG2 HG23 sing N N 374 
VAL OXT HXT  sing N N 375 
# 
_atom_sites.entry_id                    1WU3 
_atom_sites.fract_transf_matrix[1][1]   0.01190521 
_atom_sites.fract_transf_matrix[1][2]   -0.01085769 
_atom_sites.fract_transf_matrix[1][3]   0.00138845 
_atom_sites.fract_transf_matrix[2][1]   0.01274973 
_atom_sites.fract_transf_matrix[2][2]   0.00066673 
_atom_sites.fract_transf_matrix[2][3]   -0.00992641 
_atom_sites.fract_transf_matrix[3][1]   0.00592651 
_atom_sites.fract_transf_matrix[3][2]   0.00753643 
_atom_sites.fract_transf_matrix[3][3]   0.00811836 
_atom_sites.fract_transf_vector[1]      0.526489 
_atom_sites.fract_transf_vector[2]      0.675926 
_atom_sites.fract_transf_vector[3]      0.549862 
# 
loop_
_atom_type.symbol 
C 
N 
O 
S 
# 
loop_
_atom_site.group_PDB 
_atom_site.id 
_atom_site.type_symbol 
_atom_site.label_atom_id 
_atom_site.label_alt_id 
_atom_site.label_comp_id 
_atom_site.label_asym_id 
_atom_site.label_entity_id 
_atom_site.label_seq_id 
_atom_site.pdbx_PDB_ins_code 
_atom_site.Cartn_x 
_atom_site.Cartn_y 
_atom_site.Cartn_z 
_atom_site.occupancy 
_atom_site.B_iso_or_equiv 
_atom_site.pdbx_formal_charge 
_atom_site.auth_seq_id 
_atom_site.auth_comp_id 
_atom_site.auth_asym_id 
_atom_site.auth_atom_id 
_atom_site.pdbx_PDB_model_num 
ATOM   1    N N   . ILE A 1 1   ? -16.876 -7.386  -15.079 1.00 77.71 ? 1   ILE I N   1 
ATOM   2    C CA  . ILE A 1 1   ? -16.265 -7.003  -13.758 1.00 77.68 ? 1   ILE I CA  1 
ATOM   3    C C   . ILE A 1 1   ? -17.130 -6.000  -12.971 1.00 76.26 ? 1   ILE I C   1 
ATOM   4    O O   . ILE A 1 1   ? -17.542 -4.967  -13.509 1.00 77.03 ? 1   ILE I O   1 
ATOM   5    C CB  . ILE A 1 1   ? -14.811 -6.446  -13.930 1.00 78.38 ? 1   ILE I CB  1 
ATOM   6    C CG1 . ILE A 1 1   ? -14.250 -5.958  -12.590 1.00 78.55 ? 1   ILE I CG1 1 
ATOM   7    C CG2 . ILE A 1 1   ? -14.749 -5.336  -15.019 1.00 79.56 ? 1   ILE I CG2 1 
ATOM   8    C CD1 . ILE A 1 1   ? -12.815 -5.507  -12.679 1.00 80.12 ? 1   ILE I CD1 1 
ATOM   9    N N   . ASN A 1 2   ? -17.444 -6.324  -11.721 1.00 74.02 ? 2   ASN I N   1 
ATOM   10   C CA  . ASN A 1 2   ? -18.268 -5.443  -10.896 1.00 71.99 ? 2   ASN I CA  1 
ATOM   11   C C   . ASN A 1 2   ? -17.524 -4.732  -9.768  1.00 70.45 ? 2   ASN I C   1 
ATOM   12   O O   . ASN A 1 2   ? -16.871 -5.353  -8.927  1.00 70.26 ? 2   ASN I O   1 
ATOM   13   C CB  . ASN A 1 2   ? -19.501 -6.169  -10.359 1.00 72.28 ? 2   ASN I CB  1 
ATOM   14   C CG  . ASN A 1 2   ? -19.169 -7.189  -9.285  1.00 71.54 ? 2   ASN I CG  1 
ATOM   15   O OD1 . ASN A 1 2   ? -19.866 -7.269  -8.274  1.00 71.72 ? 2   ASN I OD1 1 
ATOM   16   N ND2 . ASN A 1 2   ? -18.114 -7.977  -9.497  1.00 70.96 ? 2   ASN I ND2 1 
ATOM   17   N N   . TYR A 1 3   ? -17.674 -3.415  -9.734  1.00 68.28 ? 3   TYR I N   1 
ATOM   18   C CA  . TYR A 1 3   ? -16.922 -2.593  -8.810  1.00 65.74 ? 3   TYR I CA  1 
ATOM   19   C C   . TYR A 1 3   ? -17.549 -2.399  -7.457  1.00 66.31 ? 3   TYR I C   1 
ATOM   20   O O   . TYR A 1 3   ? -17.019 -1.654  -6.640  1.00 66.78 ? 3   TYR I O   1 
ATOM   21   C CB  . TYR A 1 3   ? -16.597 -1.268  -9.473  1.00 62.95 ? 3   TYR I CB  1 
ATOM   22   C CG  . TYR A 1 3   ? -15.661 -1.482  -10.621 1.00 59.02 ? 3   TYR I CG  1 
ATOM   23   C CD1 . TYR A 1 3   ? -16.055 -1.234  -11.921 1.00 55.05 ? 3   TYR I CD1 1 
ATOM   24   C CD2 . TYR A 1 3   ? -14.380 -1.982  -10.399 1.00 57.27 ? 3   TYR I CD2 1 
ATOM   25   C CE1 . TYR A 1 3   ? -15.196 -1.451  -12.965 1.00 54.15 ? 3   TYR I CE1 1 
ATOM   26   C CE2 . TYR A 1 3   ? -13.516 -2.202  -11.428 1.00 55.60 ? 3   TYR I CE2 1 
ATOM   27   C CZ  . TYR A 1 3   ? -13.922 -1.938  -12.716 1.00 55.38 ? 3   TYR I CZ  1 
ATOM   28   O OH  . TYR A 1 3   ? -13.042 -2.169  -13.751 1.00 54.84 ? 3   TYR I OH  1 
ATOM   29   N N   . LYS A 1 4   ? -18.661 -3.085  -7.208  1.00 67.23 ? 4   LYS I N   1 
ATOM   30   C CA  . LYS A 1 4   ? -19.345 -2.968  -5.928  1.00 68.00 ? 4   LYS I CA  1 
ATOM   31   C C   . LYS A 1 4   ? -18.851 -4.011  -4.945  1.00 67.84 ? 4   LYS I C   1 
ATOM   32   O O   . LYS A 1 4   ? -18.599 -3.699  -3.783  1.00 68.35 ? 4   LYS I O   1 
ATOM   33   C CB  . LYS A 1 4   ? -20.860 -3.045  -6.098  1.00 68.87 ? 4   LYS I CB  1 
ATOM   34   C CG  . LYS A 1 4   ? -21.572 -1.844  -5.497  1.00 70.70 ? 4   LYS I CG  1 
ATOM   35   C CD  . LYS A 1 4   ? -21.159 -0.552  -6.231  1.00 73.17 ? 4   LYS I CD  1 
ATOM   36   C CE  . LYS A 1 4   ? -21.341 0.683   -5.335  1.00 74.19 ? 4   LYS I CE  1 
ATOM   37   N NZ  . LYS A 1 4   ? -21.185 1.927   -6.138  1.00 74.42 ? 4   LYS I NZ  1 
ATOM   38   N N   . GLN A 1 5   ? -18.706 -5.244  -5.415  1.00 67.69 ? 5   GLN I N   1 
ATOM   39   C CA  . GLN A 1 5   ? -18.078 -6.293  -4.623  1.00 67.99 ? 5   GLN I CA  1 
ATOM   40   C C   . GLN A 1 5   ? -16.653 -5.860  -4.252  1.00 66.97 ? 5   GLN I C   1 
ATOM   41   O O   . GLN A 1 5   ? -16.259 -5.925  -3.086  1.00 67.10 ? 5   GLN I O   1 
ATOM   42   C CB  . GLN A 1 5   ? -18.049 -7.613  -5.406  1.00 69.15 ? 5   GLN I CB  1 
ATOM   43   C CG  . GLN A 1 5   ? -17.032 -8.648  -4.909  1.00 71.95 ? 5   GLN I CG  1 
ATOM   44   C CD  . GLN A 1 5   ? -17.179 -8.940  -3.423  1.00 75.30 ? 5   GLN I CD  1 
ATOM   45   O OE1 . GLN A 1 5   ? -18.233 -9.395  -2.967  1.00 77.06 ? 5   GLN I OE1 1 
ATOM   46   N NE2 . GLN A 1 5   ? -16.126 -8.656  -2.658  1.00 75.92 ? 5   GLN I NE2 1 
ATOM   47   N N   . LEU A 1 6   ? -15.905 -5.418  -5.259  1.00 65.64 ? 6   LEU I N   1 
ATOM   48   C CA  . LEU A 1 6   ? -14.530 -4.967  -5.101  1.00 63.84 ? 6   LEU I CA  1 
ATOM   49   C C   . LEU A 1 6   ? -14.434 -3.833  -4.079  1.00 62.70 ? 6   LEU I C   1 
ATOM   50   O O   . LEU A 1 6   ? -13.605 -3.880  -3.175  1.00 62.03 ? 6   LEU I O   1 
ATOM   51   C CB  . LEU A 1 6   ? -13.984 -4.525  -6.464  1.00 63.68 ? 6   LEU I CB  1 
ATOM   52   C CG  . LEU A 1 6   ? -12.513 -4.737  -6.824  1.00 63.37 ? 6   LEU I CG  1 
ATOM   53   C CD1 . LEU A 1 6   ? -12.271 -4.473  -8.302  1.00 62.93 ? 6   LEU I CD1 1 
ATOM   54   C CD2 . LEU A 1 6   ? -11.630 -3.841  -5.985  1.00 65.31 ? 6   LEU I CD2 1 
ATOM   55   N N   . GLN A 1 7   ? -15.309 -2.842  -4.206  1.00 61.88 ? 7   GLN I N   1 
ATOM   56   C CA  . GLN A 1 7   ? -15.299 -1.677  -3.323  1.00 61.65 ? 7   GLN I CA  1 
ATOM   57   C C   . GLN A 1 7   ? -15.413 -2.033  -1.856  1.00 61.31 ? 7   GLN I C   1 
ATOM   58   O O   . GLN A 1 7   ? -14.657 -1.516  -1.043  1.00 61.51 ? 7   GLN I O   1 
ATOM   59   C CB  . GLN A 1 7   ? -16.419 -0.704  -3.687  1.00 62.26 ? 7   GLN I CB  1 
ATOM   60   C CG  . GLN A 1 7   ? -16.486 0.536   -2.806  1.00 62.39 ? 7   GLN I CG  1 
ATOM   61   C CD  . GLN A 1 7   ? -17.417 1.580   -3.375  1.00 64.11 ? 7   GLN I CD  1 
ATOM   62   O OE1 . GLN A 1 7   ? -16.976 2.640   -3.805  1.00 63.56 ? 7   GLN I OE1 1 
ATOM   63   N NE2 . GLN A 1 7   ? -18.714 1.276   -3.403  1.00 65.60 ? 7   GLN I NE2 1 
ATOM   64   N N   . LEU A 1 8   ? -16.364 -2.899  -1.516  1.00 60.88 ? 8   LEU I N   1 
ATOM   65   C CA  . LEU A 1 8   ? -16.573 -3.285  -0.124  1.00 60.25 ? 8   LEU I CA  1 
ATOM   66   C C   . LEU A 1 8   ? -15.475 -4.230  0.355   1.00 59.21 ? 8   LEU I C   1 
ATOM   67   O O   . LEU A 1 8   ? -15.026 -4.146  1.499   1.00 59.13 ? 8   LEU I O   1 
ATOM   68   C CB  . LEU A 1 8   ? -17.954 -3.920  0.066   1.00 61.77 ? 8   LEU I CB  1 
ATOM   69   C CG  . LEU A 1 8   ? -18.297 -4.449  1.473   1.00 63.50 ? 8   LEU I CG  1 
ATOM   70   C CD1 . LEU A 1 8   ? -18.332 -3.328  2.534   1.00 63.56 ? 8   LEU I CD1 1 
ATOM   71   C CD2 . LEU A 1 8   ? -19.616 -5.221  1.447   1.00 64.00 ? 8   LEU I CD2 1 
ATOM   72   N N   . GLN A 1 9   ? -15.055 -5.133  -0.525  1.00 57.66 ? 9   GLN I N   1 
ATOM   73   C CA  . GLN A 1 9   ? -13.954 -6.048  -0.240  1.00 56.40 ? 9   GLN I CA  1 
ATOM   74   C C   . GLN A 1 9   ? -12.725 -5.260  0.225   1.00 54.62 ? 9   GLN I C   1 
ATOM   75   O O   . GLN A 1 9   ? -12.204 -5.486  1.321   1.00 54.89 ? 9   GLN I O   1 
ATOM   76   C CB  . GLN A 1 9   ? -13.613 -6.852  -1.493  1.00 57.18 ? 9   GLN I CB  1 
ATOM   77   C CG  . GLN A 1 9   ? -12.555 -7.913  -1.289  1.00 61.00 ? 9   GLN I CG  1 
ATOM   78   C CD  . GLN A 1 9   ? -13.119 -9.219  -0.754  1.00 63.94 ? 9   GLN I CD  1 
ATOM   79   O OE1 . GLN A 1 9   ? -14.323 -9.334  -0.496  1.00 65.44 ? 9   GLN I OE1 1 
ATOM   80   N NE2 . GLN A 1 9   ? -12.249 -10.218 -0.595  1.00 64.53 ? 9   GLN I NE2 1 
ATOM   81   N N   . GLU A 1 10  ? -12.286 -4.322  -0.611  1.00 52.01 ? 10  GLU I N   1 
ATOM   82   C CA  . GLU A 1 10  ? -11.130 -3.505  -0.316  1.00 48.88 ? 10  GLU I CA  1 
ATOM   83   C C   . GLU A 1 10  ? -11.258 -2.677  0.945   1.00 48.36 ? 10  GLU I C   1 
ATOM   84   O O   . GLU A 1 10  ? -10.300 -2.575  1.708   1.00 48.84 ? 10  GLU I O   1 
ATOM   85   C CB  . GLU A 1 10  ? -10.781 -2.615  -1.501  1.00 48.24 ? 10  GLU I CB  1 
ATOM   86   C CG  . GLU A 1 10  ? -9.960  -3.335  -2.536  1.00 47.04 ? 10  GLU I CG  1 
ATOM   87   C CD  . GLU A 1 10  ? -8.847  -4.143  -1.899  1.00 46.30 ? 10  GLU I CD  1 
ATOM   88   O OE1 . GLU A 1 10  ? -8.044  -3.550  -1.150  1.00 40.46 ? 10  GLU I OE1 1 
ATOM   89   O OE2 . GLU A 1 10  ? -8.796  -5.376  -2.133  1.00 47.71 ? 10  GLU I OE2 1 
ATOM   90   N N   . ARG A 1 11  ? -12.438 -2.108  1.176   1.00 47.00 ? 11  ARG I N   1 
ATOM   91   C CA  . ARG A 1 11  ? -12.687 -1.303  2.373   1.00 46.22 ? 11  ARG I CA  1 
ATOM   92   C C   . ARG A 1 11  ? -12.535 -2.098  3.661   1.00 44.59 ? 11  ARG I C   1 
ATOM   93   O O   . ARG A 1 11  ? -11.994 -1.609  4.658   1.00 44.10 ? 11  ARG I O   1 
ATOM   94   C CB  . ARG A 1 11  ? -14.072 -0.660  2.302   1.00 47.64 ? 11  ARG I CB  1 
ATOM   95   C CG  . ARG A 1 11  ? -14.149 0.494   1.301   1.00 52.84 ? 11  ARG I CG  1 
ATOM   96   C CD  . ARG A 1 11  ? -15.339 1.418   1.554   1.00 59.08 ? 11  ARG I CD  1 
ATOM   97   N NE  . ARG A 1 11  ? -15.257 2.607   0.701   1.00 65.53 ? 11  ARG I NE  1 
ATOM   98   C CZ  . ARG A 1 11  ? -16.215 3.042   -0.126  1.00 68.17 ? 11  ARG I CZ  1 
ATOM   99   N NH1 . ARG A 1 11  ? -16.005 4.140   -0.849  1.00 68.78 ? 11  ARG I NH1 1 
ATOM   100  N NH2 . ARG A 1 11  ? -17.381 2.404   -0.224  1.00 68.93 ? 11  ARG I NH2 1 
ATOM   101  N N   . THR A 1 12  ? -13.022 -3.331  3.620   1.00 43.91 ? 12  THR I N   1 
ATOM   102  C CA  . THR A 1 12  ? -12.993 -4.247  4.745   1.00 42.60 ? 12  THR I CA  1 
ATOM   103  C C   . THR A 1 12  ? -11.569 -4.663  5.031   1.00 41.45 ? 12  THR I C   1 
ATOM   104  O O   . THR A 1 12  ? -11.054 -4.490  6.135   1.00 40.44 ? 12  THR I O   1 
ATOM   105  C CB  . THR A 1 12  ? -13.863 -5.486  4.411   1.00 43.42 ? 12  THR I CB  1 
ATOM   106  O OG1 . THR A 1 12  ? -15.245 -5.144  4.576   1.00 44.57 ? 12  THR I OG1 1 
ATOM   107  C CG2 . THR A 1 12  ? -13.516 -6.704  5.283   1.00 42.57 ? 12  THR I CG2 1 
ATOM   108  N N   . ASN A 1 13  ? -10.936 -5.200  4.002   1.00 41.55 ? 13  ASN I N   1 
ATOM   109  C CA  . ASN A 1 13  ? -9.597  -5.751  4.110   1.00 41.84 ? 13  ASN I CA  1 
ATOM   110  C C   . ASN A 1 13  ? -8.560  -4.719  4.487   1.00 40.11 ? 13  ASN I C   1 
ATOM   111  O O   . ASN A 1 13  ? -7.735  -4.976  5.346   1.00 39.39 ? 13  ASN I O   1 
ATOM   112  C CB  . ASN A 1 13  ? -9.236  -6.484  2.818   1.00 43.37 ? 13  ASN I CB  1 
ATOM   113  C CG  . ASN A 1 13  ? -10.232 -7.598  2.491   1.00 45.80 ? 13  ASN I CG  1 
ATOM   114  O OD1 . ASN A 1 13  ? -11.045 -7.979  3.336   1.00 49.36 ? 13  ASN I OD1 1 
ATOM   115  N ND2 . ASN A 1 13  ? -10.182 -8.111  1.264   1.00 48.22 ? 13  ASN I ND2 1 
ATOM   116  N N   . ILE A 1 14  ? -8.636  -3.545  3.884   1.00 39.53 ? 14  ILE I N   1 
ATOM   117  C CA  . ILE A 1 14  ? -7.706  -2.472  4.201   1.00 40.71 ? 14  ILE I CA  1 
ATOM   118  C C   . ILE A 1 14  ? -7.936  -1.964  5.630   1.00 41.48 ? 14  ILE I C   1 
ATOM   119  O O   . ILE A 1 14  ? -7.022  -1.451  6.289   1.00 41.28 ? 14  ILE I O   1 
ATOM   120  C CB  . ILE A 1 14  ? -7.729  -1.340  3.109   1.00 40.83 ? 14  ILE I CB  1 
ATOM   121  C CG1 . ILE A 1 14  ? -6.339  -0.723  2.943   1.00 40.83 ? 14  ILE I CG1 1 
ATOM   122  C CG2 . ILE A 1 14  ? -8.789  -0.270  3.401   1.00 41.08 ? 14  ILE I CG2 1 
ATOM   123  C CD1 . ILE A 1 14  ? -5.232  -1.729  2.535   1.00 40.68 ? 14  ILE I CD1 1 
ATOM   124  N N   . ARG A 1 15  ? -9.159  -2.165  6.119   1.00 42.95 ? 15  ARG I N   1 
ATOM   125  C CA  . ARG A 1 15  ? -9.498  -1.887  7.509   1.00 42.71 ? 15  ARG I CA  1 
ATOM   126  C C   . ARG A 1 15  ? -8.695  -2.805  8.412   1.00 41.08 ? 15  ARG I C   1 
ATOM   127  O O   . ARG A 1 15  ? -8.118  -2.353  9.389   1.00 41.53 ? 15  ARG I O   1 
ATOM   128  C CB  . ARG A 1 15  ? -10.985 -2.110  7.760   1.00 44.51 ? 15  ARG I CB  1 
ATOM   129  C CG  . ARG A 1 15  ? -11.338 -2.043  9.229   1.00 49.21 ? 15  ARG I CG  1 
ATOM   130  C CD  . ARG A 1 15  ? -12.566 -2.878  9.551   1.00 56.30 ? 15  ARG I CD  1 
ATOM   131  N NE  . ARG A 1 15  ? -12.342 -4.318  9.411   1.00 60.21 ? 15  ARG I NE  1 
ATOM   132  C CZ  . ARG A 1 15  ? -13.140 -5.129  8.719   1.00 62.82 ? 15  ARG I CZ  1 
ATOM   133  N NH1 . ARG A 1 15  ? -12.862 -6.425  8.661   1.00 63.65 ? 15  ARG I NH1 1 
ATOM   134  N NH2 . ARG A 1 15  ? -14.222 -4.652  8.095   1.00 62.85 ? 15  ARG I NH2 1 
ATOM   135  N N   . LYS A 1 16  ? -8.674  -4.094  8.091   1.00 39.22 ? 16  LYS I N   1 
ATOM   136  C CA  . LYS A 1 16  ? -7.889  -5.064  8.858   1.00 37.83 ? 16  LYS I CA  1 
ATOM   137  C C   . LYS A 1 16  ? -6.385  -4.765  8.857   1.00 36.38 ? 16  LYS I C   1 
ATOM   138  O O   . LYS A 1 16  ? -5.720  -5.009  9.860   1.00 35.95 ? 16  LYS I O   1 
ATOM   139  C CB  . LYS A 1 16  ? -8.111  -6.468  8.318   1.00 39.68 ? 16  LYS I CB  1 
ATOM   140  C CG  . LYS A 1 16  ? -9.543  -6.932  8.387   1.00 44.64 ? 16  LYS I CG  1 
ATOM   141  C CD  . LYS A 1 16  ? -9.765  -8.099  7.437   1.00 51.76 ? 16  LYS I CD  1 
ATOM   142  C CE  . LYS A 1 16  ? -11.173 -8.678  7.633   1.00 56.67 ? 16  LYS I CE  1 
ATOM   143  N NZ  . LYS A 1 16  ? -11.483 -9.849  6.740   1.00 60.94 ? 16  LYS I NZ  1 
ATOM   144  N N   . CYS A 1 17  ? -5.841  -4.299  7.720   1.00 33.61 ? 17  CYS I N   1 
ATOM   145  C CA  . CYS A 1 17  ? -4.424  -3.926  7.633   1.00 32.32 ? 17  CYS I CA  1 
ATOM   146  C C   . CYS A 1 17  ? -4.092  -2.725  8.511   1.00 31.62 ? 17  CYS I C   1 
ATOM   147  O O   . CYS A 1 17  ? -3.040  -2.684  9.113   1.00 31.92 ? 17  CYS I O   1 
ATOM   148  C CB  . CYS A 1 17  ? -4.003  -3.612  6.199   1.00 32.08 ? 17  CYS I CB  1 
ATOM   149  S SG  . CYS A 1 17  ? -3.989  -5.000  5.097   1.00 29.38 ? 17  CYS I SG  1 
ATOM   150  N N   . GLN A 1 18  ? -4.999  -1.760  8.609   1.00 32.11 ? 18  GLN I N   1 
ATOM   151  C CA  . GLN A 1 18  ? -4.777  -0.615  9.481   1.00 33.27 ? 18  GLN I CA  1 
ATOM   152  C C   . GLN A 1 18  ? -4.627  -1.055  10.901  1.00 32.67 ? 18  GLN I C   1 
ATOM   153  O O   . GLN A 1 18  ? -3.694  -0.637  11.566  1.00 34.74 ? 18  GLN I O   1 
ATOM   154  C CB  . GLN A 1 18  ? -5.932  0.370   9.407   1.00 35.16 ? 18  GLN I CB  1 
ATOM   155  C CG  . GLN A 1 18  ? -5.823  1.322   8.235   1.00 41.33 ? 18  GLN I CG  1 
ATOM   156  C CD  . GLN A 1 18  ? -6.881  2.397   8.269   1.00 46.53 ? 18  GLN I CD  1 
ATOM   157  O OE1 . GLN A 1 18  ? -7.810  2.391   7.460   1.00 51.65 ? 18  GLN I OE1 1 
ATOM   158  N NE2 . GLN A 1 18  ? -6.761  3.318   9.219   1.00 48.65 ? 18  GLN I NE2 1 
ATOM   159  N N   . GLU A 1 19  ? -5.536  -1.912  11.357  1.00 31.70 ? 19  GLU I N   1 
ATOM   160  C CA  . GLU A 1 19  ? -5.567  -2.354  12.747  1.00 32.26 ? 19  GLU I CA  1 
ATOM   161  C C   . GLU A 1 19  ? -4.381  -3.198  13.088  1.00 30.57 ? 19  GLU I C   1 
ATOM   162  O O   . GLU A 1 19  ? -3.793  -3.087  14.164  1.00 30.42 ? 19  GLU I O   1 
ATOM   163  C CB  . GLU A 1 19  ? -6.844  -3.134  13.003  1.00 34.66 ? 19  GLU I CB  1 
ATOM   164  C CG  . GLU A 1 19  ? -8.056  -2.264  12.728  1.00 42.15 ? 19  GLU I CG  1 
ATOM   165  C CD  . GLU A 1 19  ? -9.378  -2.959  12.976  1.00 48.99 ? 19  GLU I CD  1 
ATOM   166  O OE1 . GLU A 1 19  ? -9.362  -4.158  13.356  1.00 50.09 ? 19  GLU I OE1 1 
ATOM   167  O OE2 . GLU A 1 19  ? -10.428 -2.283  12.776  1.00 53.19 ? 19  GLU I OE2 1 
ATOM   168  N N   . LEU A 1 20  ? -4.015  -4.038  12.145  1.00 29.37 ? 20  LEU I N   1 
ATOM   169  C CA  . LEU A 1 20  ? -2.869  -4.910  12.321  1.00 29.17 ? 20  LEU I CA  1 
ATOM   170  C C   . LEU A 1 20  ? -1.649  -4.015  12.441  1.00 30.35 ? 20  LEU I C   1 
ATOM   171  O O   . LEU A 1 20  ? -0.808  -4.196  13.313  1.00 31.40 ? 20  LEU I O   1 
ATOM   172  C CB  . LEU A 1 20  ? -2.783  -5.810  11.099  1.00 26.77 ? 20  LEU I CB  1 
ATOM   173  C CG  . LEU A 1 20  ? -2.756  -7.317  11.204  1.00 27.07 ? 20  LEU I CG  1 
ATOM   174  C CD1 . LEU A 1 20  ? -3.442  -7.906  12.408  1.00 27.90 ? 20  LEU I CD1 1 
ATOM   175  C CD2 . LEU A 1 20  ? -3.330  -7.841  9.911   1.00 26.73 ? 20  LEU I CD2 1 
ATOM   176  N N   . LEU A 1 21  ? -1.571  -3.013  11.571  1.00 31.43 ? 21  LEU I N   1 
ATOM   177  C CA  . LEU A 1 21  ? -0.472  -2.064  11.608  1.00 32.68 ? 21  LEU I CA  1 
ATOM   178  C C   . LEU A 1 21  ? -0.415  -1.341  12.971  1.00 34.61 ? 21  LEU I C   1 
ATOM   179  O O   . LEU A 1 21  ? 0.664   -1.194  13.571  1.00 34.24 ? 21  LEU I O   1 
ATOM   180  C CB  . LEU A 1 21  ? -0.621  -1.070  10.447  1.00 32.02 ? 21  LEU I CB  1 
ATOM   181  C CG  . LEU A 1 21  ? 0.610   -0.276  10.038  1.00 29.40 ? 21  LEU I CG  1 
ATOM   182  C CD1 . LEU A 1 21  ? 1.624   -1.146  9.321   1.00 28.84 ? 21  LEU I CD1 1 
ATOM   183  C CD2 . LEU A 1 21  ? 0.137   0.820   9.155   1.00 28.38 ? 21  LEU I CD2 1 
ATOM   184  N N   . GLU A 1 22  ? -1.582  -0.933  13.478  1.00 36.67 ? 22  GLU I N   1 
ATOM   185  C CA  . GLU A 1 22  ? -1.657  -0.252  14.771  1.00 38.86 ? 22  GLU I CA  1 
ATOM   186  C C   . GLU A 1 22  ? -1.235  -1.107  15.955  1.00 39.87 ? 22  GLU I C   1 
ATOM   187  O O   . GLU A 1 22  ? -0.724  -0.575  16.936  1.00 40.84 ? 22  GLU I O   1 
ATOM   188  C CB  . GLU A 1 22  ? -3.041  0.354   14.997  1.00 39.71 ? 22  GLU I CB  1 
ATOM   189  C CG  . GLU A 1 22  ? -3.301  1.606   14.136  1.00 43.79 ? 22  GLU I CG  1 
ATOM   190  C CD  . GLU A 1 22  ? -4.779  1.939   14.026  1.00 48.89 ? 22  GLU I CD  1 
ATOM   191  O OE1 . GLU A 1 22  ? -5.543  1.538   14.932  1.00 50.84 ? 22  GLU I OE1 1 
ATOM   192  O OE2 . GLU A 1 22  ? -5.181  2.584   13.030  1.00 51.28 ? 22  GLU I OE2 1 
ATOM   193  N N   . GLN A 1 23  ? -1.408  -2.426  15.859  1.00 40.74 ? 23  GLN I N   1 
ATOM   194  C CA  . GLN A 1 23  ? -0.973  -3.328  16.920  1.00 41.92 ? 23  GLN I CA  1 
ATOM   195  C C   . GLN A 1 23  ? 0.532   -3.456  16.976  1.00 42.95 ? 23  GLN I C   1 
ATOM   196  O O   . GLN A 1 23  ? 1.050   -4.039  17.909  1.00 45.03 ? 23  GLN I O   1 
ATOM   197  C CB  . GLN A 1 23  ? -1.530  -4.727  16.728  1.00 42.14 ? 23  GLN I CB  1 
ATOM   198  C CG  . GLN A 1 23  ? -3.010  -4.849  16.755  1.00 45.15 ? 23  GLN I CG  1 
ATOM   199  C CD  . GLN A 1 23  ? -3.433  -6.250  16.375  1.00 48.90 ? 23  GLN I CD  1 
ATOM   200  O OE1 . GLN A 1 23  ? -2.956  -7.228  16.953  1.00 52.09 ? 23  GLN I OE1 1 
ATOM   201  N NE2 . GLN A 1 23  ? -4.312  -6.363  15.388  1.00 49.86 ? 23  GLN I NE2 1 
ATOM   202  N N   . LEU A 1 24  ? 1.246   -2.919  15.994  1.00 43.70 ? 24  LEU I N   1 
ATOM   203  C CA  . LEU A 1 24  ? 2.691   -3.090  15.963  1.00 43.91 ? 24  LEU I CA  1 
ATOM   204  C C   . LEU A 1 24  ? 3.490   -2.432  17.102  1.00 47.04 ? 24  LEU I C   1 
ATOM   205  O O   . LEU A 1 24  ? 4.399   -3.081  17.632  1.00 48.59 ? 24  LEU I O   1 
ATOM   206  C CB  . LEU A 1 24  ? 3.271   -2.710  14.596  1.00 41.21 ? 24  LEU I CB  1 
ATOM   207  C CG  . LEU A 1 24  ? 3.181   -3.720  13.450  1.00 37.57 ? 24  LEU I CG  1 
ATOM   208  C CD1 . LEU A 1 24  ? 3.813   -3.124  12.225  1.00 35.17 ? 24  LEU I CD1 1 
ATOM   209  C CD2 . LEU A 1 24  ? 3.865   -5.010  13.786  1.00 32.88 ? 24  LEU I CD2 1 
ATOM   210  N N   . ASN A 1 25  ? 3.178   -1.189  17.505  1.00 49.48 ? 25  ASN I N   1 
ATOM   211  C CA  . ASN A 1 25  ? 4.027   -0.493  18.515  1.00 50.97 ? 25  ASN I CA  1 
ATOM   212  C C   . ASN A 1 25  ? 3.595   0.897   18.990  1.00 50.45 ? 25  ASN I C   1 
ATOM   213  O O   . ASN A 1 25  ? 4.330   1.871   18.821  1.00 49.91 ? 25  ASN I O   1 
ATOM   214  C CB  . ASN A 1 25  ? 5.472   -0.377  17.990  1.00 53.47 ? 25  ASN I CB  1 
ATOM   215  C CG  . ASN A 1 25  ? 6.536   -0.808  19.029  1.00 58.27 ? 25  ASN I CG  1 
ATOM   216  O OD1 . ASN A 1 25  ? 7.686   -1.120  18.667  1.00 61.38 ? 25  ASN I OD1 1 
ATOM   217  N ND2 . ASN A 1 25  ? 6.158   -0.817  20.315  1.00 62.10 ? 25  ASN I ND2 1 
ATOM   218  N N   . GLY A 1 26  ? 2.425   1.002   19.607  1.00 50.28 ? 26  GLY I N   1 
ATOM   219  C CA  . GLY A 1 26  ? 1.980   2.302   20.118  1.00 49.75 ? 26  GLY I CA  1 
ATOM   220  C C   . GLY A 1 26  ? 1.444   3.239   19.047  1.00 50.01 ? 26  GLY I C   1 
ATOM   221  O O   . GLY A 1 26  ? 1.470   2.907   17.857  1.00 50.97 ? 26  GLY I O   1 
ATOM   222  N N   . LYS A 1 27  ? 0.977   4.417   19.460  1.00 48.90 ? 27  LYS I N   1 
ATOM   223  C CA  . LYS A 1 27  ? 0.293   5.348   18.552  1.00 48.37 ? 27  LYS I CA  1 
ATOM   224  C C   . LYS A 1 27  ? 1.095   5.727   17.309  1.00 45.86 ? 27  LYS I C   1 
ATOM   225  O O   . LYS A 1 27  ? 2.326   5.751   17.337  1.00 46.84 ? 27  LYS I O   1 
ATOM   226  C CB  . LYS A 1 27  ? -0.219  6.601   19.299  1.00 50.14 ? 27  LYS I CB  1 
ATOM   227  C CG  . LYS A 1 27  ? 0.864   7.535   19.876  1.00 53.22 ? 27  LYS I CG  1 
ATOM   228  C CD  . LYS A 1 27  ? 1.163   8.731   18.952  1.00 56.24 ? 27  LYS I CD  1 
ATOM   229  C CE  . LYS A 1 27  ? 1.956   9.833   19.686  1.00 58.20 ? 27  LYS I CE  1 
ATOM   230  N NZ  . LYS A 1 27  ? 2.335   11.012  18.813  1.00 57.35 ? 27  LYS I NZ  1 
ATOM   231  N N   . ILE A 1 28  ? 0.388   6.004   16.218  1.00 42.54 ? 28  ILE I N   1 
ATOM   232  C CA  . ILE A 1 28  ? 1.027   6.444   14.985  1.00 39.81 ? 28  ILE I CA  1 
ATOM   233  C C   . ILE A 1 28  ? 1.213   7.947   15.080  1.00 40.14 ? 28  ILE I C   1 
ATOM   234  O O   . ILE A 1 28  ? 0.242   8.703   15.255  1.00 40.52 ? 28  ILE I O   1 
ATOM   235  C CB  . ILE A 1 28  ? 0.175   6.135   13.708  1.00 39.06 ? 28  ILE I CB  1 
ATOM   236  C CG1 . ILE A 1 28  ? -0.297  4.675   13.665  1.00 35.82 ? 28  ILE I CG1 1 
ATOM   237  C CG2 . ILE A 1 28  ? 0.938   6.495   12.446  1.00 37.63 ? 28  ILE I CG2 1 
ATOM   238  C CD1 . ILE A 1 28  ? 0.686   3.712   13.137  1.00 35.85 ? 28  ILE I CD1 1 
ATOM   239  N N   . ASN A 1 29  ? 2.464   8.381   15.004  1.00 39.42 ? 29  ASN I N   1 
ATOM   240  C CA  . ASN A 1 29  ? 2.768   9.785   15.037  1.00 38.04 ? 29  ASN I CA  1 
ATOM   241  C C   . ASN A 1 29  ? 2.938   10.219  13.618  1.00 36.64 ? 29  ASN I C   1 
ATOM   242  O O   . ASN A 1 29  ? 3.895   9.834   12.975  1.00 37.86 ? 29  ASN I O   1 
ATOM   243  C CB  . ASN A 1 29  ? 4.046   10.065  15.823  1.00 38.21 ? 29  ASN I CB  1 
ATOM   244  C CG  . ASN A 1 29  ? 4.475   11.530  15.711  1.00 39.73 ? 29  ASN I CG  1 
ATOM   245  O OD1 . ASN A 1 29  ? 3.646   12.413  15.517  1.00 41.58 ? 29  ASN I OD1 1 
ATOM   246  N ND2 . ASN A 1 29  ? 5.767   11.782  15.794  1.00 41.40 ? 29  ASN I ND2 1 
ATOM   247  N N   . LEU A 1 30  ? 2.018   11.025  13.122  1.00 37.06 ? 30  LEU I N   1 
ATOM   248  C CA  . LEU A 1 30  ? 2.068   11.470  11.729  1.00 38.47 ? 30  LEU I CA  1 
ATOM   249  C C   . LEU A 1 30  ? 3.049   12.595  11.420  1.00 39.61 ? 30  LEU I C   1 
ATOM   250  O O   . LEU A 1 30  ? 3.211   12.961  10.260  1.00 40.82 ? 30  LEU I O   1 
ATOM   251  C CB  . LEU A 1 30  ? 0.673   11.875  11.251  1.00 38.10 ? 30  LEU I CB  1 
ATOM   252  C CG  . LEU A 1 30  ? -0.063  10.977  10.256  1.00 37.88 ? 30  LEU I CG  1 
ATOM   253  C CD1 . LEU A 1 30  ? 0.161   9.513   10.545  1.00 36.22 ? 30  LEU I CD1 1 
ATOM   254  C CD2 . LEU A 1 30  ? -1.537  11.318  10.275  1.00 36.68 ? 30  LEU I CD2 1 
ATOM   255  N N   . THR A 1 31  ? 3.702   13.147  12.435  1.00 40.49 ? 31  THR I N   1 
ATOM   256  C CA  . THR A 1 31  ? 4.532   14.317  12.213  1.00 41.33 ? 31  THR I CA  1 
ATOM   257  C C   . THR A 1 31  ? 6.016   14.064  12.458  1.00 42.83 ? 31  THR I C   1 
ATOM   258  O O   . THR A 1 31  ? 6.535   14.291  13.554  1.00 44.47 ? 31  THR I O   1 
ATOM   259  C CB  . THR A 1 31  ? 4.042   15.558  13.032  1.00 40.64 ? 31  THR I CB  1 
ATOM   260  O OG1 . THR A 1 31  ? 3.994   15.233  14.428  1.00 39.98 ? 31  THR I OG1 1 
ATOM   261  C CG2 . THR A 1 31  ? 2.661   16.045  12.538  1.00 38.99 ? 31  THR I CG2 1 
ATOM   262  N N   . TYR A 1 32  ? 6.680   13.588  11.416  1.00 43.30 ? 32  TYR I N   1 
ATOM   263  C CA  . TYR A 1 32  ? 8.106   13.365  11.425  1.00 43.86 ? 32  TYR I CA  1 
ATOM   264  C C   . TYR A 1 32  ? 8.765   14.296  10.396  1.00 44.82 ? 32  TYR I C   1 
ATOM   265  O O   . TYR A 1 32  ? 8.088   14.883  9.540   1.00 44.92 ? 32  TYR I O   1 
ATOM   266  C CB  . TYR A 1 32  ? 8.390   11.908  11.063  1.00 44.27 ? 32  TYR I CB  1 
ATOM   267  C CG  . TYR A 1 32  ? 8.107   10.882  12.147  1.00 45.29 ? 32  TYR I CG  1 
ATOM   268  C CD1 . TYR A 1 32  ? 7.091   9.930   11.986  1.00 45.06 ? 32  TYR I CD1 1 
ATOM   269  C CD2 . TYR A 1 32  ? 8.889   10.823  13.313  1.00 46.33 ? 32  TYR I CD2 1 
ATOM   270  C CE1 . TYR A 1 32  ? 6.859   8.949   12.966  1.00 45.62 ? 32  TYR I CE1 1 
ATOM   271  C CE2 . TYR A 1 32  ? 8.656   9.849   14.297  1.00 46.21 ? 32  TYR I CE2 1 
ATOM   272  C CZ  . TYR A 1 32  ? 7.646   8.918   14.110  1.00 46.70 ? 32  TYR I CZ  1 
ATOM   273  O OH  . TYR A 1 32  ? 7.428   7.948   15.072  1.00 49.93 ? 32  TYR I OH  1 
ATOM   274  N N   . ARG A 1 33  ? 10.082  14.433  10.475  1.00 45.46 ? 33  ARG I N   1 
ATOM   275  C CA  . ARG A 1 33  ? 10.818  15.233  9.491   1.00 47.22 ? 33  ARG I CA  1 
ATOM   276  C C   . ARG A 1 33  ? 10.745  14.717  8.030   1.00 44.90 ? 33  ARG I C   1 
ATOM   277  O O   . ARG A 1 33  ? 10.830  15.506  7.091   1.00 46.34 ? 33  ARG I O   1 
ATOM   278  C CB  . ARG A 1 33  ? 12.278  15.391  9.920   1.00 49.60 ? 33  ARG I CB  1 
ATOM   279  C CG  . ARG A 1 33  ? 12.456  16.062  11.280  1.00 55.26 ? 33  ARG I CG  1 
ATOM   280  C CD  . ARG A 1 33  ? 13.944  16.335  11.607  1.00 59.75 ? 33  ARG I CD  1 
ATOM   281  N NE  . ARG A 1 33  ? 14.127  17.061  12.870  1.00 66.99 ? 33  ARG I NE  1 
ATOM   282  C CZ  . ARG A 1 33  ? 13.718  18.315  13.099  1.00 70.69 ? 33  ARG I CZ  1 
ATOM   283  N NH1 . ARG A 1 33  ? 13.081  19.011  12.154  1.00 71.94 ? 33  ARG I NH1 1 
ATOM   284  N NH2 . ARG A 1 33  ? 13.942  18.881  14.283  1.00 72.90 ? 33  ARG I NH2 1 
ATOM   285  N N   . ALA A 1 34  ? 10.574  13.412  7.842   1.00 41.91 ? 34  ALA I N   1 
ATOM   286  C CA  . ALA A 1 34  ? 10.566  12.796  6.512   1.00 39.20 ? 34  ALA I CA  1 
ATOM   287  C C   . ALA A 1 34  ? 9.363   13.145  5.627   1.00 37.62 ? 34  ALA I C   1 
ATOM   288  O O   . ALA A 1 34  ? 8.231   13.167  6.087   1.00 39.18 ? 34  ALA I O   1 
ATOM   289  C CB  . ALA A 1 34  ? 10.683  11.295  6.644   1.00 39.06 ? 34  ALA I CB  1 
ATOM   290  N N   . ASP A 1 35  ? 9.621   13.413  4.349   1.00 35.43 ? 35  ASP I N   1 
ATOM   291  C CA  . ASP A 1 35  ? 8.579   13.660  3.358   1.00 31.95 ? 35  ASP I CA  1 
ATOM   292  C C   . ASP A 1 35  ? 8.994   12.921  2.098   1.00 29.30 ? 35  ASP I C   1 
ATOM   293  O O   . ASP A 1 35  ? 9.990   13.280  1.458   1.00 28.47 ? 35  ASP I O   1 
ATOM   294  C CB  . ASP A 1 35  ? 8.450   15.151  3.085   1.00 32.81 ? 35  ASP I CB  1 
ATOM   295  C CG  . ASP A 1 35  ? 7.229   15.493  2.241   1.00 35.64 ? 35  ASP I CG  1 
ATOM   296  O OD1 . ASP A 1 35  ? 6.748   16.650  2.350   1.00 40.13 ? 35  ASP I OD1 1 
ATOM   297  O OD2 . ASP A 1 35  ? 6.737   14.623  1.476   1.00 36.06 ? 35  ASP I OD2 1 
ATOM   298  N N   . PHE A 1 36  ? 8.261   11.862  1.762   1.00 26.47 ? 36  PHE I N   1 
ATOM   299  C CA  . PHE A 1 36  ? 8.600   11.041  0.591   1.00 25.42 ? 36  PHE I CA  1 
ATOM   300  C C   . PHE A 1 36  ? 7.892   11.534  -0.635  1.00 24.46 ? 36  PHE I C   1 
ATOM   301  O O   . PHE A 1 36  ? 8.120   11.027  -1.713  1.00 24.84 ? 36  PHE I O   1 
ATOM   302  C CB  . PHE A 1 36  ? 8.354   9.544   0.829   1.00 22.71 ? 36  PHE I CB  1 
ATOM   303  C CG  . PHE A 1 36  ? 9.084   9.025   2.004   1.00 21.98 ? 36  PHE I CG  1 
ATOM   304  C CD1 . PHE A 1 36  ? 10.393  8.584   1.891   1.00 22.49 ? 36  PHE I CD1 1 
ATOM   305  C CD2 . PHE A 1 36  ? 8.521   9.087   3.251   1.00 19.87 ? 36  PHE I CD2 1 
ATOM   306  C CE1 . PHE A 1 36  ? 11.086  8.160   3.010   1.00 22.69 ? 36  PHE I CE1 1 
ATOM   307  C CE2 . PHE A 1 36  ? 9.215   8.678   4.366   1.00 19.23 ? 36  PHE I CE2 1 
ATOM   308  C CZ  . PHE A 1 36  ? 10.488  8.213   4.251   1.00 19.90 ? 36  PHE I CZ  1 
ATOM   309  N N   . LYS A 1 37  ? 7.050   12.549  -0.457  1.00 25.44 ? 37  LYS I N   1 
ATOM   310  C CA  . LYS A 1 37  ? 6.298   13.162  -1.552  1.00 26.00 ? 37  LYS I CA  1 
ATOM   311  C C   . LYS A 1 37  ? 5.381   12.190  -2.247  1.00 27.31 ? 37  LYS I C   1 
ATOM   312  O O   . LYS A 1 37  ? 5.645   11.779  -3.362  1.00 26.40 ? 37  LYS I O   1 
ATOM   313  C CB  . LYS A 1 37  ? 7.211   13.780  -2.625  1.00 25.60 ? 37  LYS I CB  1 
ATOM   314  C CG  . LYS A 1 37  ? 8.411   14.522  -2.137  1.00 25.54 ? 37  LYS I CG  1 
ATOM   315  C CD  . LYS A 1 37  ? 8.103   15.583  -1.105  1.00 25.43 ? 37  LYS I CD  1 
ATOM   316  C CE  . LYS A 1 37  ? 7.290   16.676  -1.707  1.00 26.64 ? 37  LYS I CE  1 
ATOM   317  N NZ  . LYS A 1 37  ? 7.353   17.865  -0.806  1.00 30.57 ? 37  LYS I NZ  1 
ATOM   318  N N   . ILE A 1 38  ? 4.279   11.859  -1.600  1.00 29.27 ? 38  ILE I N   1 
ATOM   319  C CA  . ILE A 1 38  ? 3.272   11.001  -2.198  1.00 32.27 ? 38  ILE I CA  1 
ATOM   320  C C   . ILE A 1 38  ? 2.759   11.637  -3.507  1.00 32.33 ? 38  ILE I C   1 
ATOM   321  O O   . ILE A 1 38  ? 2.421   12.824  -3.540  1.00 32.44 ? 38  ILE I O   1 
ATOM   322  C CB  . ILE A 1 38  ? 2.134   10.741  -1.171  1.00 32.34 ? 38  ILE I CB  1 
ATOM   323  C CG1 . ILE A 1 38  ? 2.720   10.200  0.119   1.00 35.23 ? 38  ILE I CG1 1 
ATOM   324  C CG2 . ILE A 1 38  ? 1.158   9.728   -1.670  1.00 34.69 ? 38  ILE I CG2 1 
ATOM   325  C CD1 . ILE A 1 38  ? 1.668   9.928   1.185   1.00 41.31 ? 38  ILE I CD1 1 
ATOM   326  N N   . PRO A 1 39  ? 2.717   10.860  -4.602  1.00 33.08 ? 39  PRO I N   1 
ATOM   327  C CA  . PRO A 1 39  ? 2.292   11.395  -5.893  1.00 33.46 ? 39  PRO I CA  1 
ATOM   328  C C   . PRO A 1 39  ? 0.924   12.049  -5.803  1.00 35.55 ? 39  PRO I C   1 
ATOM   329  O O   . PRO A 1 39  ? 0.020   11.487  -5.190  1.00 33.44 ? 39  PRO I O   1 
ATOM   330  C CB  . PRO A 1 39  ? 2.195   10.154  -6.756  1.00 33.30 ? 39  PRO I CB  1 
ATOM   331  C CG  . PRO A 1 39  ? 3.171   9.223   -6.137  1.00 34.49 ? 39  PRO I CG  1 
ATOM   332  C CD  . PRO A 1 39  ? 3.027   9.428   -4.686  1.00 32.18 ? 39  PRO I CD  1 
ATOM   333  N N   . MET A 1 40  ? 0.790   13.229  -6.412  1.00 39.93 ? 40  MET I N   1 
ATOM   334  C CA  . MET A 1 40  ? -0.492  13.950  -6.476  1.00 44.83 ? 40  MET I CA  1 
ATOM   335  C C   . MET A 1 40  ? -1.633  13.075  -6.998  1.00 44.26 ? 40  MET I C   1 
ATOM   336  O O   . MET A 1 40  ? -2.750  13.151  -6.495  1.00 44.60 ? 40  MET I O   1 
ATOM   337  C CB  . MET A 1 40  ? -0.382  15.235  -7.320  1.00 47.14 ? 40  MET I CB  1 
ATOM   338  C CG  . MET A 1 40  ? 0.092   15.025  -8.775  1.00 52.80 ? 40  MET I CG  1 
ATOM   339  S SD  . MET A 1 40  ? -0.913  15.839  -10.085 1.00 60.97 ? 40  MET I SD  1 
ATOM   340  C CE  . MET A 1 40  ? -0.189  15.099  -11.594 1.00 58.49 ? 40  MET I CE  1 
ATOM   341  N N   . GLU A 1 41  ? -1.326  12.218  -7.974  1.00 44.69 ? 41  GLU I N   1 
ATOM   342  C CA  . GLU A 1 41  ? -2.301  11.323  -8.611  1.00 44.38 ? 41  GLU I CA  1 
ATOM   343  C C   . GLU A 1 41  ? -3.098  10.469  -7.640  1.00 45.12 ? 41  GLU I C   1 
ATOM   344  O O   . GLU A 1 41  ? -4.279  10.221  -7.866  1.00 45.41 ? 41  GLU I O   1 
ATOM   345  C CB  . GLU A 1 41  ? -1.614  10.386  -9.604  1.00 43.85 ? 41  GLU I CB  1 
ATOM   346  C CG  . GLU A 1 41  ? -0.999  11.055  -10.800 1.00 41.78 ? 41  GLU I CG  1 
ATOM   347  C CD  . GLU A 1 41  ? 0.497   11.214  -10.662 1.00 40.57 ? 41  GLU I CD  1 
ATOM   348  O OE1 . GLU A 1 41  ? 0.958   11.875  -9.714  1.00 41.33 ? 41  GLU I OE1 1 
ATOM   349  O OE2 . GLU A 1 41  ? 1.225   10.691  -11.521 1.00 40.25 ? 41  GLU I OE2 1 
ATOM   350  N N   . MET A 1 42  ? -2.445  10.005  -6.580  1.00 45.53 ? 42  MET I N   1 
ATOM   351  C CA  . MET A 1 42  ? -3.088  9.148   -5.600  1.00 47.11 ? 42  MET I CA  1 
ATOM   352  C C   . MET A 1 42  ? -4.346  9.765   -4.978  1.00 48.95 ? 42  MET I C   1 
ATOM   353  O O   . MET A 1 42  ? -5.034  9.115   -4.190  1.00 50.02 ? 42  MET I O   1 
ATOM   354  C CB  A MET A 1 42  ? -2.098  8.668   -4.543  0.50 46.13 ? 42  MET I CB  1 
ATOM   355  C CB  B MET A 1 42  ? -2.109  8.834   -4.454  0.50 46.60 ? 42  MET I CB  1 
ATOM   356  C CG  A MET A 1 42  ? -1.499  7.318   -4.889  0.50 44.84 ? 42  MET I CG  1 
ATOM   357  C CG  B MET A 1 42  ? -0.945  7.888   -4.761  0.50 46.56 ? 42  MET I CG  1 
ATOM   358  S SD  A MET A 1 42  ? -1.096  7.175   -6.640  0.50 42.39 ? 42  MET I SD  1 
ATOM   359  S SD  B MET A 1 42  ? -0.282  7.243   -3.188  0.50 46.08 ? 42  MET I SD  1 
ATOM   360  C CE  A MET A 1 42  ? -2.307  6.024   -7.248  0.50 39.99 ? 42  MET I CE  1 
ATOM   361  C CE  B MET A 1 42  ? 1.382   6.808   -3.574  0.50 45.54 ? 42  MET I CE  1 
ATOM   362  N N   . THR A 1 43  ? -4.631  11.019  -5.308  1.00 50.88 ? 43  THR I N   1 
ATOM   363  C CA  . THR A 1 43  ? -5.816  11.687  -4.771  1.00 52.66 ? 43  THR I CA  1 
ATOM   364  C C   . THR A 1 43  ? -6.753  12.181  -5.875  1.00 53.49 ? 43  THR I C   1 
ATOM   365  O O   . THR A 1 43  ? -7.869  12.632  -5.612  1.00 53.85 ? 43  THR I O   1 
ATOM   366  C CB  . THR A 1 43  ? -5.447  12.805  -3.750  1.00 52.76 ? 43  THR I CB  1 
ATOM   367  O OG1 . THR A 1 43  ? -4.312  13.550  -4.212  1.00 51.59 ? 43  THR I OG1 1 
ATOM   368  C CG2 . THR A 1 43  ? -5.108  12.166  -2.397  1.00 54.24 ? 43  THR I CG2 1 
ATOM   369  N N   . GLU A 1 44  ? -6.301  12.058  -7.116  1.00 54.51 ? 44  GLU I N   1 
ATOM   370  C CA  . GLU A 1 44  ? -7.137  12.370  -8.257  1.00 55.49 ? 44  GLU I CA  1 
ATOM   371  C C   . GLU A 1 44  ? -8.125  11.250  -8.544  1.00 55.33 ? 44  GLU I C   1 
ATOM   372  O O   . GLU A 1 44  ? -7.856  10.066  -8.286  1.00 55.00 ? 44  GLU I O   1 
ATOM   373  C CB  . GLU A 1 44  ? -6.296  12.657  -9.504  1.00 56.50 ? 44  GLU I CB  1 
ATOM   374  C CG  . GLU A 1 44  ? -6.300  14.115  -9.910  1.00 59.50 ? 44  GLU I CG  1 
ATOM   375  C CD  . GLU A 1 44  ? -5.032  14.823  -9.510  1.00 63.49 ? 44  GLU I CD  1 
ATOM   376  O OE1 . GLU A 1 44  ? -4.038  14.683  -10.258 1.00 65.61 ? 44  GLU I OE1 1 
ATOM   377  O OE2 . GLU A 1 44  ? -5.027  15.515  -8.459  1.00 65.94 ? 44  GLU I OE2 1 
ATOM   378  N N   . LYS A 1 45  ? -9.279  11.654  -9.067  1.00 55.25 ? 45  LYS I N   1 
ATOM   379  C CA  . LYS A 1 45  ? -10.301 10.735  -9.514  1.00 54.93 ? 45  LYS I CA  1 
ATOM   380  C C   . LYS A 1 45  ? -9.804  10.195  -10.834 1.00 53.56 ? 45  LYS I C   1 
ATOM   381  O O   . LYS A 1 45  ? -9.310  10.950  -11.668 1.00 53.15 ? 45  LYS I O   1 
ATOM   382  C CB  . LYS A 1 45  ? -11.629 11.468  -9.695  1.00 56.50 ? 45  LYS I CB  1 
ATOM   383  C CG  . LYS A 1 45  ? -12.826 10.556  -9.867  1.00 59.94 ? 45  LYS I CG  1 
ATOM   384  C CD  . LYS A 1 45  ? -14.075 11.162  -9.226  1.00 64.00 ? 45  LYS I CD  1 
ATOM   385  C CE  . LYS A 1 45  ? -15.302 10.256  -9.412  1.00 66.26 ? 45  LYS I CE  1 
ATOM   386  N NZ  . LYS A 1 45  ? -15.184 8.896   -8.776  1.00 67.27 ? 45  LYS I NZ  1 
ATOM   387  N N   . MET A 1 46  ? -9.898  8.887   -11.010 1.00 51.81 ? 46  MET I N   1 
ATOM   388  C CA  . MET A 1 46  ? -9.395  8.270   -12.227 1.00 50.83 ? 46  MET I CA  1 
ATOM   389  C C   . MET A 1 46  ? -10.361 7.195   -12.707 1.00 50.15 ? 46  MET I C   1 
ATOM   390  O O   . MET A 1 46  ? -11.328 6.873   -12.016 1.00 49.69 ? 46  MET I O   1 
ATOM   391  C CB  . MET A 1 46  ? -7.980  7.713   -11.996 1.00 50.75 ? 46  MET I CB  1 
ATOM   392  C CG  . MET A 1 46  ? -7.807  6.870   -10.718 1.00 51.36 ? 46  MET I CG  1 
ATOM   393  S SD  . MET A 1 46  ? -6.109  6.260   -10.425 1.00 51.28 ? 46  MET I SD  1 
ATOM   394  C CE  . MET A 1 46  ? -5.350  7.706   -9.746  1.00 50.92 ? 46  MET I CE  1 
ATOM   395  N N   . GLN A 1 47  ? -10.115 6.660   -13.899 1.00 49.91 ? 47  GLN I N   1 
ATOM   396  C CA  . GLN A 1 47  ? -10.943 5.579   -14.418 1.00 50.17 ? 47  GLN I CA  1 
ATOM   397  C C   . GLN A 1 47  ? -10.983 4.425   -13.425 1.00 50.08 ? 47  GLN I C   1 
ATOM   398  O O   . GLN A 1 47  ? -9.948  4.000   -12.898 1.00 51.05 ? 47  GLN I O   1 
ATOM   399  C CB  . GLN A 1 47  ? -10.442 5.086   -15.778 1.00 50.80 ? 47  GLN I CB  1 
ATOM   400  C CG  . GLN A 1 47  ? -10.645 6.059   -16.942 1.00 52.44 ? 47  GLN I CG  1 
ATOM   401  C CD  . GLN A 1 47  ? -9.478  7.018   -17.143 1.00 54.68 ? 47  GLN I CD  1 
ATOM   402  O OE1 . GLN A 1 47  ? -8.769  7.386   -16.195 1.00 54.88 ? 47  GLN I OE1 1 
ATOM   403  N NE2 . GLN A 1 47  ? -9.275  7.432   -18.390 1.00 54.95 ? 47  GLN I NE2 1 
ATOM   404  N N   . LYS A 1 48  ? -12.188 3.920   -13.185 1.00 49.51 ? 48  LYS I N   1 
ATOM   405  C CA  . LYS A 1 48  ? -12.429 2.769   -12.320 1.00 48.88 ? 48  LYS I CA  1 
ATOM   406  C C   . LYS A 1 48  ? -11.404 1.639   -12.436 1.00 47.27 ? 48  LYS I C   1 
ATOM   407  O O   . LYS A 1 48  ? -10.996 1.067   -11.429 1.00 48.39 ? 48  LYS I O   1 
ATOM   408  C CB  . LYS A 1 48  ? -13.818 2.198   -12.600 1.00 49.62 ? 48  LYS I CB  1 
ATOM   409  C CG  . LYS A 1 48  ? -14.953 2.970   -11.980 1.00 50.95 ? 48  LYS I CG  1 
ATOM   410  C CD  . LYS A 1 48  ? -16.267 2.443   -12.501 1.00 54.02 ? 48  LYS I CD  1 
ATOM   411  C CE  . LYS A 1 48  ? -17.426 2.975   -11.686 1.00 57.81 ? 48  LYS I CE  1 
ATOM   412  N NZ  . LYS A 1 48  ? -17.568 2.237   -10.400 1.00 60.36 ? 48  LYS I NZ  1 
ATOM   413  N N   . SER A 1 49  ? -11.007 1.285   -13.652 1.00 45.42 ? 49  SER I N   1 
ATOM   414  C CA  . SER A 1 49  ? -10.078 0.163   -13.802 1.00 43.52 ? 49  SER I CA  1 
ATOM   415  C C   . SER A 1 49  ? -8.683  0.572   -13.358 1.00 41.34 ? 49  SER I C   1 
ATOM   416  O O   . SER A 1 49  ? -7.992  -0.191  -12.692 1.00 41.77 ? 49  SER I O   1 
ATOM   417  C CB  . SER A 1 49  ? -10.041 -0.362  -15.239 1.00 43.10 ? 49  SER I CB  1 
ATOM   418  O OG  . SER A 1 49  ? -9.429  0.577   -16.082 1.00 41.84 ? 49  SER I OG  1 
ATOM   419  N N   . TYR A 1 50  ? -8.283  1.780   -13.729 1.00 38.51 ? 50  TYR I N   1 
ATOM   420  C CA  . TYR A 1 50  ? -6.985  2.309   -13.363 1.00 36.65 ? 50  TYR I CA  1 
ATOM   421  C C   . TYR A 1 50  ? -6.836  2.396   -11.853 1.00 35.76 ? 50  TYR I C   1 
ATOM   422  O O   . TYR A 1 50  ? -5.755  2.202   -11.309 1.00 37.17 ? 50  TYR I O   1 
ATOM   423  C CB  . TYR A 1 50  ? -6.850  3.687   -13.947 1.00 35.70 ? 50  TYR I CB  1 
ATOM   424  C CG  . TYR A 1 50  ? -6.755  3.693   -15.434 1.00 35.87 ? 50  TYR I CG  1 
ATOM   425  C CD1 . TYR A 1 50  ? -6.675  2.503   -16.160 1.00 36.84 ? 50  TYR I CD1 1 
ATOM   426  C CD2 . TYR A 1 50  ? -6.664  4.899   -16.119 1.00 36.40 ? 50  TYR I CD2 1 
ATOM   427  C CE1 . TYR A 1 50  ? -6.535  2.520   -17.551 1.00 38.39 ? 50  TYR I CE1 1 
ATOM   428  C CE2 . TYR A 1 50  ? -6.515  4.933   -17.485 1.00 37.71 ? 50  TYR I CE2 1 
ATOM   429  C CZ  . TYR A 1 50  ? -6.450  3.746   -18.203 1.00 38.95 ? 50  TYR I CZ  1 
ATOM   430  O OH  . TYR A 1 50  ? -6.271  3.816   -19.570 1.00 41.67 ? 50  TYR I OH  1 
ATOM   431  N N   . THR A 1 51  ? -7.932  2.698   -11.188 1.00 34.27 ? 51  THR I N   1 
ATOM   432  C CA  . THR A 1 51  ? -7.976  2.732   -9.740  1.00 34.76 ? 51  THR I CA  1 
ATOM   433  C C   . THR A 1 51  ? -7.582  1.372   -9.184  1.00 34.54 ? 51  THR I C   1 
ATOM   434  O O   . THR A 1 51  ? -6.793  1.303   -8.250  1.00 35.29 ? 51  THR I O   1 
ATOM   435  C CB  . THR A 1 51  ? -9.392  3.094   -9.246  1.00 33.97 ? 51  THR I CB  1 
ATOM   436  O OG1 . THR A 1 51  ? -9.705  4.425   -9.670  1.00 37.02 ? 51  THR I OG1 1 
ATOM   437  C CG2 . THR A 1 51  ? -9.490  3.011   -7.748  1.00 33.60 ? 51  THR I CG2 1 
ATOM   438  N N   . ALA A 1 52  ? -8.149  0.305   -9.754  1.00 33.50 ? 52  ALA I N   1 
ATOM   439  C CA  . ALA A 1 52  ? -7.871  -1.056  -9.309  1.00 31.91 ? 52  ALA I CA  1 
ATOM   440  C C   . ALA A 1 52  ? -6.424  -1.381  -9.567  1.00 30.85 ? 52  ALA I C   1 
ATOM   441  O O   . ALA A 1 52  ? -5.782  -1.999  -8.738  1.00 31.29 ? 52  ALA I O   1 
ATOM   442  C CB  . ALA A 1 52  ? -8.770  -2.039  -10.012 1.00 33.20 ? 52  ALA I CB  1 
ATOM   443  N N   . PHE A 1 53  ? -5.904  -0.909  -10.699 1.00 31.26 ? 53  PHE I N   1 
ATOM   444  C CA  . PHE A 1 53  ? -4.498  -1.116  -11.066 1.00 31.03 ? 53  PHE I CA  1 
ATOM   445  C C   . PHE A 1 53  ? -3.576  -0.414  -10.048 1.00 29.95 ? 53  PHE I C   1 
ATOM   446  O O   . PHE A 1 53  ? -2.556  -0.961  -9.628  1.00 29.03 ? 53  PHE I O   1 
ATOM   447  C CB  . PHE A 1 53  ? -4.200  -0.586  -12.486 1.00 32.69 ? 53  PHE I CB  1 
ATOM   448  C CG  . PHE A 1 53  ? -4.890  -1.338  -13.616 1.00 35.15 ? 53  PHE I CG  1 
ATOM   449  C CD1 . PHE A 1 53  ? -5.001  -0.738  -14.888 1.00 37.57 ? 53  PHE I CD1 1 
ATOM   450  C CD2 . PHE A 1 53  ? -5.427  -2.620  -13.436 1.00 36.45 ? 53  PHE I CD2 1 
ATOM   451  C CE1 . PHE A 1 53  ? -5.638  -1.399  -15.963 1.00 36.33 ? 53  PHE I CE1 1 
ATOM   452  C CE2 . PHE A 1 53  ? -6.075  -3.292  -14.509 1.00 36.80 ? 53  PHE I CE2 1 
ATOM   453  C CZ  . PHE A 1 53  ? -6.177  -2.669  -15.768 1.00 36.18 ? 53  PHE I CZ  1 
ATOM   454  N N   . ALA A 1 54  ? -3.952  0.804   -9.673  1.00 29.07 ? 54  ALA I N   1 
ATOM   455  C CA  . ALA A 1 54  ? -3.202  1.600   -8.710  1.00 29.00 ? 54  ALA I CA  1 
ATOM   456  C C   . ALA A 1 54  ? -3.202  0.977   -7.287  1.00 28.31 ? 54  ALA I C   1 
ATOM   457  O O   . ALA A 1 54  ? -2.164  0.917   -6.631  1.00 27.02 ? 54  ALA I O   1 
ATOM   458  C CB  . ALA A 1 54  ? -3.738  3.062   -8.692  1.00 28.33 ? 54  ALA I CB  1 
ATOM   459  N N   . ILE A 1 55  ? -4.358  0.511   -6.831  1.00 28.00 ? 55  ILE I N   1 
ATOM   460  C CA  . ILE A 1 55  ? -4.471  -0.151  -5.543  1.00 27.80 ? 55  ILE I CA  1 
ATOM   461  C C   . ILE A 1 55  ? -3.615  -1.428  -5.530  1.00 28.85 ? 55  ILE I C   1 
ATOM   462  O O   . ILE A 1 55  ? -2.886  -1.702  -4.569  1.00 28.37 ? 55  ILE I O   1 
ATOM   463  C CB  . ILE A 1 55  ? -5.923  -0.510  -5.229  1.00 27.44 ? 55  ILE I CB  1 
ATOM   464  C CG1 . ILE A 1 55  ? -6.733  0.750   -4.935  1.00 28.29 ? 55  ILE I CG1 1 
ATOM   465  C CG2 . ILE A 1 55  ? -6.008  -1.400  -4.016  1.00 26.47 ? 55  ILE I CG2 1 
ATOM   466  C CD1 . ILE A 1 55  ? -8.196  0.466   -4.775  1.00 28.84 ? 55  ILE I CD1 1 
ATOM   467  N N   . GLN A 1 56  ? -3.713  -2.214  -6.591  1.00 28.09 ? 56  GLN I N   1 
ATOM   468  C CA  . GLN A 1 56  ? -2.907  -3.415  -6.690  1.00 29.30 ? 56  GLN I CA  1 
ATOM   469  C C   . GLN A 1 56  ? -1.412  -3.062  -6.543  1.00 28.28 ? 56  GLN I C   1 
ATOM   470  O O   . GLN A 1 56  ? -0.716  -3.633  -5.704  1.00 28.53 ? 56  GLN I O   1 
ATOM   471  C CB  . GLN A 1 56  ? -3.206  -4.138  -8.006  1.00 29.81 ? 56  GLN I CB  1 
ATOM   472  C CG  . GLN A 1 56  ? -2.229  -5.237  -8.332  1.00 35.99 ? 56  GLN I CG  1 
ATOM   473  C CD  . GLN A 1 56  ? -2.849  -6.364  -9.121  1.00 42.71 ? 56  GLN I CD  1 
ATOM   474  O OE1 . GLN A 1 56  ? -2.773  -7.533  -8.709  1.00 46.07 ? 56  GLN I OE1 1 
ATOM   475  N NE2 . GLN A 1 56  ? -3.469  -6.035  -10.258 1.00 43.87 ? 56  GLN I NE2 1 
ATOM   476  N N   . GLU A 1 57  ? -0.957  -2.085  -7.328  1.00 27.40 ? 57  GLU I N   1 
ATOM   477  C CA  . GLU A 1 57  ? 0.424   -1.605  -7.322  1.00 26.28 ? 57  GLU I CA  1 
ATOM   478  C C   . GLU A 1 57  ? 0.867   -1.213  -5.911  1.00 24.11 ? 57  GLU I C   1 
ATOM   479  O O   . GLU A 1 57  ? 1.946   -1.611  -5.448  1.00 22.08 ? 57  GLU I O   1 
ATOM   480  C CB  . GLU A 1 57  ? 0.569   -0.416  -8.295  1.00 27.27 ? 57  GLU I CB  1 
ATOM   481  C CG  . GLU A 1 57  ? 2.004   -0.136  -8.807  1.00 30.26 ? 57  GLU I CG  1 
ATOM   482  C CD  . GLU A 1 57  ? 2.683   -1.348  -9.429  1.00 33.55 ? 57  GLU I CD  1 
ATOM   483  O OE1 . GLU A 1 57  ? 3.896   -1.503  -9.213  1.00 37.09 ? 57  GLU I OE1 1 
ATOM   484  O OE2 . GLU A 1 57  ? 2.020   -2.158  -10.120 1.00 38.88 ? 57  GLU I OE2 1 
ATOM   485  N N   . MET A 1 58  ? 0.003   -0.482  -5.221  1.00 23.10 ? 58  MET I N   1 
ATOM   486  C CA  . MET A 1 58  ? 0.287   -0.012  -3.879  1.00 23.84 ? 58  MET I CA  1 
ATOM   487  C C   . MET A 1 58  ? 0.453   -1.191  -2.941  1.00 23.77 ? 58  MET I C   1 
ATOM   488  O O   . MET A 1 58  ? 1.460   -1.305  -2.258  1.00 24.86 ? 58  MET I O   1 
ATOM   489  C CB  . MET A 1 58  ? -0.826  0.901   -3.383  1.00 23.42 ? 58  MET I CB  1 
ATOM   490  C CG  . MET A 1 58  ? -0.808  2.241   -4.094  1.00 24.52 ? 58  MET I CG  1 
ATOM   491  S SD  . MET A 1 58  ? -1.962  3.458   -3.445  1.00 28.67 ? 58  MET I SD  1 
ATOM   492  C CE  . MET A 1 58  ? -1.165  3.882   -1.882  1.00 27.62 ? 58  MET I CE  1 
ATOM   493  N N   . LEU A 1 59  ? -0.517  -2.097  -2.965  1.00 23.88 ? 59  LEU I N   1 
ATOM   494  C CA  . LEU A 1 59  ? -0.532  -3.251  -2.053  1.00 22.80 ? 59  LEU I CA  1 
ATOM   495  C C   . LEU A 1 59  ? 0.697   -4.157  -2.274  1.00 22.45 ? 59  LEU I C   1 
ATOM   496  O O   . LEU A 1 59  ? 1.247   -4.705  -1.317  1.00 20.67 ? 59  LEU I O   1 
ATOM   497  C CB  . LEU A 1 59  ? -1.840  -4.024  -2.246  1.00 21.40 ? 59  LEU I CB  1 
ATOM   498  C CG  . LEU A 1 59  ? -3.031  -4.051  -1.269  1.00 22.14 ? 59  LEU I CG  1 
ATOM   499  C CD1 . LEU A 1 59  ? -3.123  -2.915  -0.293  1.00 19.37 ? 59  LEU I CD1 1 
ATOM   500  C CD2 . LEU A 1 59  ? -4.307  -4.229  -2.057  1.00 20.68 ? 59  LEU I CD2 1 
ATOM   501  N N   . GLN A 1 60  ? 1.118   -4.314  -3.530  1.00 22.06 ? 60  GLN I N   1 
ATOM   502  C CA  . GLN A 1 60  ? 2.257   -5.176  -3.851  1.00 24.45 ? 60  GLN I CA  1 
ATOM   503  C C   . GLN A 1 60  ? 3.511   -4.537  -3.291  1.00 23.22 ? 60  GLN I C   1 
ATOM   504  O O   . GLN A 1 60  ? 4.347   -5.203  -2.726  1.00 23.30 ? 60  GLN I O   1 
ATOM   505  C CB  . GLN A 1 60  ? 2.418   -5.402  -5.363  1.00 25.99 ? 60  GLN I CB  1 
ATOM   506  C CG  . GLN A 1 60  ? 1.496   -6.475  -5.947  1.00 33.18 ? 60  GLN I CG  1 
ATOM   507  C CD  . GLN A 1 60  ? 1.444   -6.479  -7.492  1.00 38.67 ? 60  GLN I CD  1 
ATOM   508  O OE1 . GLN A 1 60  ? 1.998   -5.581  -8.162  1.00 45.87 ? 60  GLN I OE1 1 
ATOM   509  N NE2 . GLN A 1 60  ? 0.775   -7.495  -8.060  1.00 42.30 ? 60  GLN I NE2 1 
ATOM   510  N N   . ASN A 1 61  ? 3.622   -3.232  -3.424  1.00 23.05 ? 61  ASN I N   1 
ATOM   511  C CA  . ASN A 1 61  ? 4.801   -2.549  -2.930  1.00 23.51 ? 61  ASN I CA  1 
ATOM   512  C C   . ASN A 1 61  ? 4.824   -2.491  -1.410  1.00 21.54 ? 61  ASN I C   1 
ATOM   513  O O   . ASN A 1 61  ? 5.878   -2.572  -0.807  1.00 22.57 ? 61  ASN I O   1 
ATOM   514  C CB  . ASN A 1 61  ? 4.906   -1.157  -3.530  1.00 24.13 ? 61  ASN I CB  1 
ATOM   515  C CG  . ASN A 1 61  ? 5.529   -1.164  -4.889  1.00 25.92 ? 61  ASN I CG  1 
ATOM   516  O OD1 . ASN A 1 61  ? 6.735   -1.345  -5.016  1.00 27.60 ? 61  ASN I OD1 1 
ATOM   517  N ND2 . ASN A 1 61  ? 4.717   -0.952  -5.920  1.00 26.77 ? 61  ASN I ND2 1 
ATOM   518  N N   . VAL A 1 62  ? 3.663   -2.371  -0.784  1.00 20.54 ? 62  VAL I N   1 
ATOM   519  C CA  . VAL A 1 62  ? 3.639   -2.378  0.661   1.00 19.84 ? 62  VAL I CA  1 
ATOM   520  C C   . VAL A 1 62  ? 4.076   -3.752  1.227   1.00 21.76 ? 62  VAL I C   1 
ATOM   521  O O   . VAL A 1 62  ? 4.676   -3.818  2.303   1.00 21.46 ? 62  VAL I O   1 
ATOM   522  C CB  . VAL A 1 62  ? 2.268   -2.016  1.200   1.00 21.08 ? 62  VAL I CB  1 
ATOM   523  C CG1 . VAL A 1 62  ? 2.241   -2.238  2.735   1.00 19.26 ? 62  VAL I CG1 1 
ATOM   524  C CG2 . VAL A 1 62  ? 1.926   -0.567  0.847   1.00 17.52 ? 62  VAL I CG2 1 
ATOM   525  N N   . PHE A 1 63  ? 3.751   -4.832  0.509   1.00 21.27 ? 63  PHE I N   1 
ATOM   526  C CA  . PHE A 1 63  ? 4.223   -6.179  0.837   1.00 21.06 ? 63  PHE I CA  1 
ATOM   527  C C   . PHE A 1 63  ? 5.756   -6.205  0.727   1.00 21.43 ? 63  PHE I C   1 
ATOM   528  O O   . PHE A 1 63  ? 6.427   -6.797  1.560   1.00 22.03 ? 63  PHE I O   1 
ATOM   529  C CB  . PHE A 1 63  ? 3.589   -7.221  -0.099  1.00 20.25 ? 63  PHE I CB  1 
ATOM   530  C CG  . PHE A 1 63  ? 3.956   -8.645  0.228   1.00 22.03 ? 63  PHE I CG  1 
ATOM   531  C CD1 . PHE A 1 63  ? 5.181   -9.190  -0.204  1.00 23.84 ? 63  PHE I CD1 1 
ATOM   532  C CD2 . PHE A 1 63  ? 3.092   -9.445  0.963   1.00 20.82 ? 63  PHE I CD2 1 
ATOM   533  C CE1 . PHE A 1 63  ? 5.544   -10.510 0.107   1.00 23.97 ? 63  PHE I CE1 1 
ATOM   534  C CE2 . PHE A 1 63  ? 3.438   -10.779 1.286   1.00 21.50 ? 63  PHE I CE2 1 
ATOM   535  C CZ  . PHE A 1 63  ? 4.666   -11.308 0.859   1.00 21.33 ? 63  PHE I CZ  1 
ATOM   536  N N   . LEU A 1 64  ? 6.303   -5.552  -0.298  1.00 21.75 ? 64  LEU I N   1 
ATOM   537  C CA  . LEU A 1 64  ? 7.762   -5.461  -0.472  1.00 22.37 ? 64  LEU I CA  1 
ATOM   538  C C   . LEU A 1 64  ? 8.490   -4.723  0.666   1.00 22.30 ? 64  LEU I C   1 
ATOM   539  O O   . LEU A 1 64  ? 9.582   -5.134  1.116   1.00 21.14 ? 64  LEU I O   1 
ATOM   540  C CB  . LEU A 1 64  ? 8.103   -4.856  -1.849  1.00 20.30 ? 64  LEU I CB  1 
ATOM   541  C CG  . LEU A 1 64  ? 7.536   -5.719  -2.983  1.00 20.26 ? 64  LEU I CG  1 
ATOM   542  C CD1 . LEU A 1 64  ? 7.996   -5.209  -4.322  1.00 18.27 ? 64  LEU I CD1 1 
ATOM   543  C CD2 . LEU A 1 64  ? 7.959   -7.175  -2.822  1.00 18.04 ? 64  LEU I CD2 1 
ATOM   544  N N   . VAL A 1 65  ? 7.864   -3.670  1.178   1.00 22.34 ? 65  VAL I N   1 
ATOM   545  C CA  . VAL A 1 65  ? 8.448   -2.921  2.279   1.00 21.78 ? 65  VAL I CA  1 
ATOM   546  C C   . VAL A 1 65  ? 8.578   -3.790  3.546   1.00 23.46 ? 65  VAL I C   1 
ATOM   547  O O   . VAL A 1 65  ? 9.594   -3.760  4.255   1.00 22.29 ? 65  VAL I O   1 
ATOM   548  C CB  . VAL A 1 65  ? 7.602   -1.667  2.579   1.00 21.62 ? 65  VAL I CB  1 
ATOM   549  C CG1 . VAL A 1 65  ? 8.079   -1.036  3.852   1.00 20.10 ? 65  VAL I CG1 1 
ATOM   550  C CG2 . VAL A 1 65  ? 7.650   -0.668  1.372   1.00 20.36 ? 65  VAL I CG2 1 
ATOM   551  N N   . PHE A 1 66  ? 7.554   -4.589  3.815   1.00 25.77 ? 66  PHE I N   1 
ATOM   552  C CA  . PHE A 1 66  ? 7.556   -5.427  5.007   1.00 27.52 ? 66  PHE I CA  1 
ATOM   553  C C   . PHE A 1 66  ? 8.323   -6.719  4.844   1.00 29.49 ? 66  PHE I C   1 
ATOM   554  O O   . PHE A 1 66  ? 8.404   -7.484  5.792   1.00 28.52 ? 66  PHE I O   1 
ATOM   555  C CB  . PHE A 1 66  ? 6.144   -5.664  5.518   1.00 25.98 ? 66  PHE I CB  1 
ATOM   556  C CG  . PHE A 1 66  ? 5.626   -4.508  6.320   1.00 27.66 ? 66  PHE I CG  1 
ATOM   557  C CD1 . PHE A 1 66  ? 4.780   -3.561  5.739   1.00 27.45 ? 66  PHE I CD1 1 
ATOM   558  C CD2 . PHE A 1 66  ? 6.048   -4.324  7.638   1.00 25.15 ? 66  PHE I CD2 1 
ATOM   559  C CE1 . PHE A 1 66  ? 4.349   -2.472  6.461   1.00 29.19 ? 66  PHE I CE1 1 
ATOM   560  C CE2 . PHE A 1 66  ? 5.620   -3.235  8.374   1.00 25.64 ? 66  PHE I CE2 1 
ATOM   561  C CZ  . PHE A 1 66  ? 4.774   -2.299  7.791   1.00 28.38 ? 66  PHE I CZ  1 
ATOM   562  N N   . ARG A 1 67  ? 8.904   -6.931  3.656   1.00 32.07 ? 67  ARG I N   1 
ATOM   563  C CA  . ARG A 1 67  ? 9.759   -8.096  3.363   1.00 35.87 ? 67  ARG I CA  1 
ATOM   564  C C   . ARG A 1 67  ? 11.169  -7.861  3.970   1.00 36.29 ? 67  ARG I C   1 
ATOM   565  O O   . ARG A 1 67  ? 11.921  -8.804  4.243   1.00 37.51 ? 67  ARG I O   1 
ATOM   566  C CB  . ARG A 1 67  ? 9.819   -8.361  1.830   1.00 37.65 ? 67  ARG I CB  1 
ATOM   567  C CG  . ARG A 1 67  ? 10.218  -9.784  1.425   1.00 43.43 ? 67  ARG I CG  1 
ATOM   568  C CD  . ARG A 1 67  ? 9.412   -10.358 0.194   1.00 51.93 ? 67  ARG I CD  1 
ATOM   569  N NE  . ARG A 1 67  ? 9.495   -11.843 0.081   1.00 56.89 ? 67  ARG I NE  1 
ATOM   570  C CZ  . ARG A 1 67  ? 8.935   -12.600 -0.877  1.00 56.44 ? 67  ARG I CZ  1 
ATOM   571  N NH1 . ARG A 1 67  ? 9.081   -13.915 -0.861  1.00 54.11 ? 67  ARG I NH1 1 
ATOM   572  N NH2 . ARG A 1 67  ? 8.238   -12.051 -1.861  1.00 58.11 ? 67  ARG I NH2 1 
ATOM   573  N N   . ASN A 1 68  ? 11.497  -6.589  4.190   1.00 35.52 ? 68  ASN I N   1 
ATOM   574  C CA  . ASN A 1 68  ? 12.755  -6.160  4.780   1.00 33.76 ? 68  ASN I CA  1 
ATOM   575  C C   . ASN A 1 68  ? 12.941  -6.591  6.225   1.00 33.82 ? 68  ASN I C   1 
ATOM   576  O O   . ASN A 1 68  ? 11.994  -7.044  6.887   1.00 33.85 ? 68  ASN I O   1 
ATOM   577  C CB  . ASN A 1 68  ? 12.836  -4.645  4.721   1.00 32.83 ? 68  ASN I CB  1 
ATOM   578  C CG  . ASN A 1 68  ? 12.959  -4.124  3.317   1.00 33.55 ? 68  ASN I CG  1 
ATOM   579  O OD1 . ASN A 1 68  ? 13.899  -4.461  2.616   1.00 32.87 ? 68  ASN I OD1 1 
ATOM   580  N ND2 . ASN A 1 68  ? 12.035  -3.255  2.914   1.00 34.73 ? 68  ASN I ND2 1 
ATOM   581  N N   . ASN A 1 69  ? 14.169  -6.422  6.718   1.00 33.98 ? 69  ASN I N   1 
ATOM   582  C CA  . ASN A 1 69  ? 14.519  -6.727  8.109   1.00 33.59 ? 69  ASN I CA  1 
ATOM   583  C C   . ASN A 1 69  ? 14.016  -5.684  9.122   1.00 32.89 ? 69  ASN I C   1 
ATOM   584  O O   . ASN A 1 69  ? 14.348  -4.498  9.010   1.00 34.95 ? 69  ASN I O   1 
ATOM   585  C CB  . ASN A 1 69  ? 16.029  -6.878  8.254   1.00 34.06 ? 69  ASN I CB  1 
ATOM   586  C CG  . ASN A 1 69  ? 16.436  -7.127  9.692   1.00 37.76 ? 69  ASN I CG  1 
ATOM   587  O OD1 . ASN A 1 69  ? 15.917  -8.021  10.353  1.00 39.93 ? 69  ASN I OD1 1 
ATOM   588  N ND2 . ASN A 1 69  ? 17.323  -6.304  10.200  1.00 42.26 ? 69  ASN I ND2 1 
ATOM   589  N N   . PHE A 1 70  ? 13.249  -6.129  10.117  1.00 30.95 ? 70  PHE I N   1 
ATOM   590  C CA  . PHE A 1 70  ? 12.659  -5.241  11.114  1.00 29.15 ? 70  PHE I CA  1 
ATOM   591  C C   . PHE A 1 70  ? 12.946  -5.648  12.562  1.00 29.29 ? 70  PHE I C   1 
ATOM   592  O O   . PHE A 1 70  ? 12.252  -5.213  13.494  1.00 28.62 ? 70  PHE I O   1 
ATOM   593  C CB  . PHE A 1 70  ? 11.146  -5.125  10.891  1.00 27.38 ? 70  PHE I CB  1 
ATOM   594  C CG  . PHE A 1 70  ? 10.385  -6.419  11.076  1.00 25.20 ? 70  PHE I CG  1 
ATOM   595  C CD1 . PHE A 1 70  ? 9.981   -6.849  12.358  1.00 23.90 ? 70  PHE I CD1 1 
ATOM   596  C CD2 . PHE A 1 70  ? 10.026  -7.185  9.974   1.00 23.04 ? 70  PHE I CD2 1 
ATOM   597  C CE1 . PHE A 1 70  ? 9.258   -8.023  12.532  1.00 23.97 ? 70  PHE I CE1 1 
ATOM   598  C CE2 . PHE A 1 70  ? 9.316   -8.373  10.135  1.00 26.11 ? 70  PHE I CE2 1 
ATOM   599  C CZ  . PHE A 1 70  ? 8.924   -8.797  11.420  1.00 25.92 ? 70  PHE I CZ  1 
ATOM   600  N N   . SER A 1 71  ? 13.971  -6.468  12.751  1.00 31.05 ? 71  SER I N   1 
ATOM   601  C CA  . SER A 1 71  ? 14.338  -6.962  14.091  1.00 33.15 ? 71  SER I CA  1 
ATOM   602  C C   . SER A 1 71  ? 14.640  -5.837  15.066  1.00 32.91 ? 71  SER I C   1 
ATOM   603  O O   . SER A 1 71  ? 14.272  -5.912  16.245  1.00 33.64 ? 71  SER I O   1 
ATOM   604  C CB  . SER A 1 71  ? 15.538  -7.896  13.999  1.00 33.53 ? 71  SER I CB  1 
ATOM   605  O OG  . SER A 1 71  ? 16.456  -7.371  13.057  1.00 37.80 ? 71  SER I OG  1 
ATOM   606  N N   . SER A 1 72  ? 15.257  -4.775  14.549  1.00 32.09 ? 72  SER I N   1 
ATOM   607  C CA  . SER A 1 72  ? 15.583  -3.604  15.338  1.00 32.27 ? 72  SER I CA  1 
ATOM   608  C C   . SER A 1 72  ? 14.406  -2.993  16.086  1.00 31.52 ? 72  SER I C   1 
ATOM   609  O O   . SER A 1 72  ? 14.605  -2.271  17.053  1.00 33.29 ? 72  SER I O   1 
ATOM   610  C CB  . SER A 1 72  ? 16.266  -2.547  14.462  1.00 33.31 ? 72  SER I CB  1 
ATOM   611  O OG  . SER A 1 72  ? 15.331  -1.838  13.653  1.00 38.01 ? 72  SER I OG  1 
ATOM   612  N N   . THR A 1 73  ? 13.181  -3.291  15.671  1.00 30.29 ? 73  THR I N   1 
ATOM   613  C CA  . THR A 1 73  ? 12.009  -2.692  16.306  1.00 29.25 ? 73  THR I CA  1 
ATOM   614  C C   . THR A 1 73  ? 11.447  -3.552  17.417  1.00 28.83 ? 73  THR I C   1 
ATOM   615  O O   . THR A 1 73  ? 10.579  -3.110  18.182  1.00 27.66 ? 73  THR I O   1 
ATOM   616  C CB  . THR A 1 73  ? 10.869  -2.550  15.303  1.00 30.25 ? 73  THR I CB  1 
ATOM   617  O OG1 . THR A 1 73  ? 10.434  -3.856  14.901  1.00 33.52 ? 73  THR I OG1 1 
ATOM   618  C CG2 . THR A 1 73  ? 11.312  -1.783  14.080  1.00 30.40 ? 73  THR I CG2 1 
ATOM   619  N N   . GLY A 1 74  ? 11.882  -4.808  17.452  1.00 28.49 ? 74  GLY I N   1 
ATOM   620  C CA  . GLY A 1 74  ? 11.291  -5.779  18.357  1.00 30.31 ? 74  GLY I CA  1 
ATOM   621  C C   . GLY A 1 74  ? 9.784   -5.992  18.209  1.00 30.22 ? 74  GLY I C   1 
ATOM   622  O O   . GLY A 1 74  ? 9.128   -6.337  19.182  1.00 31.68 ? 74  GLY I O   1 
ATOM   623  N N   . TRP A 1 75  ? 9.225   -5.771  17.015  1.00 30.93 ? 75  TRP I N   1 
ATOM   624  C CA  . TRP A 1 75  ? 7.792   -6.013  16.772  1.00 29.95 ? 75  TRP I CA  1 
ATOM   625  C C   . TRP A 1 75  ? 7.544   -7.517  16.764  1.00 30.15 ? 75  TRP I C   1 
ATOM   626  O O   . TRP A 1 75  ? 8.421   -8.299  16.398  1.00 30.34 ? 75  TRP I O   1 
ATOM   627  C CB  . TRP A 1 75  ? 7.351   -5.470  15.415  1.00 29.07 ? 75  TRP I CB  1 
ATOM   628  C CG  . TRP A 1 75  ? 7.295   -3.986  15.299  1.00 31.01 ? 75  TRP I CG  1 
ATOM   629  C CD1 . TRP A 1 75  ? 7.115   -3.075  16.315  1.00 30.54 ? 75  TRP I CD1 1 
ATOM   630  C CD2 . TRP A 1 75  ? 7.394   -3.217  14.087  1.00 29.67 ? 75  TRP I CD2 1 
ATOM   631  N NE1 . TRP A 1 75  ? 7.120   -1.798  15.812  1.00 26.91 ? 75  TRP I NE1 1 
ATOM   632  C CE2 . TRP A 1 75  ? 7.288   -1.850  14.452  1.00 28.77 ? 75  TRP I CE2 1 
ATOM   633  C CE3 . TRP A 1 75  ? 7.586   -3.550  12.729  1.00 30.51 ? 75  TRP I CE3 1 
ATOM   634  C CZ2 . TRP A 1 75  ? 7.368   -0.814  13.513  1.00 26.89 ? 75  TRP I CZ2 1 
ATOM   635  C CZ3 . TRP A 1 75  ? 7.660   -2.516  11.790  1.00 29.25 ? 75  TRP I CZ3 1 
ATOM   636  C CH2 . TRP A 1 75  ? 7.550   -1.163  12.194  1.00 28.91 ? 75  TRP I CH2 1 
ATOM   637  N N   . ASN A 1 76  ? 6.351   -7.930  17.167  1.00 30.14 ? 76  ASN I N   1 
ATOM   638  C CA  . ASN A 1 76  ? 6.000   -9.341  17.158  1.00 30.18 ? 76  ASN I CA  1 
ATOM   639  C C   . ASN A 1 76  ? 5.930   -9.805  15.702  1.00 29.60 ? 76  ASN I C   1 
ATOM   640  O O   . ASN A 1 76  ? 5.066   -9.319  14.957  1.00 28.53 ? 76  ASN I O   1 
ATOM   641  C CB  . ASN A 1 76  ? 4.637   -9.501  17.845  1.00 31.56 ? 76  ASN I CB  1 
ATOM   642  C CG  . ASN A 1 76  ? 4.256   -10.950 18.097  1.00 35.06 ? 76  ASN I CG  1 
ATOM   643  O OD1 . ASN A 1 76  ? 5.044   -11.871 17.907  1.00 40.86 ? 76  ASN I OD1 1 
ATOM   644  N ND2 . ASN A 1 76  ? 3.025   -11.156 18.524  1.00 40.45 ? 76  ASN I ND2 1 
ATOM   645  N N   . GLU A 1 77  ? 6.802   -10.743 15.294  1.00 28.84 ? 77  GLU I N   1 
ATOM   646  C CA  . GLU A 1 77  ? 6.859   -11.170 13.880  1.00 28.94 ? 77  GLU I CA  1 
ATOM   647  C C   . GLU A 1 77  ? 5.633   -11.895 13.407  1.00 27.75 ? 77  GLU I C   1 
ATOM   648  O O   . GLU A 1 77  ? 5.319   -11.925 12.225  1.00 26.77 ? 77  GLU I O   1 
ATOM   649  C CB  . GLU A 1 77  ? 8.148   -11.912 13.490  1.00 30.78 ? 77  GLU I CB  1 
ATOM   650  C CG  . GLU A 1 77  ? 8.652   -12.899 14.460  1.00 34.14 ? 77  GLU I CG  1 
ATOM   651  C CD  . GLU A 1 77  ? 9.610   -12.289 15.457  1.00 35.39 ? 77  GLU I CD  1 
ATOM   652  O OE1 . GLU A 1 77  ? 9.210   -12.160 16.629  1.00 36.01 ? 77  GLU I OE1 1 
ATOM   653  O OE2 . GLU A 1 77  ? 10.755  -11.965 15.075  1.00 36.78 ? 77  GLU I OE2 1 
ATOM   654  N N   . THR A 1 78  ? 4.869   -12.381 14.360  1.00 28.42 ? 78  THR I N   1 
ATOM   655  C CA  . THR A 1 78  ? 3.610   -13.026 14.076  1.00 28.81 ? 78  THR I CA  1 
ATOM   656  C C   . THR A 1 78  ? 2.532   -12.016 13.570  1.00 28.84 ? 78  THR I C   1 
ATOM   657  O O   . THR A 1 78  ? 1.706   -12.346 12.716  1.00 29.40 ? 78  THR I O   1 
ATOM   658  C CB  . THR A 1 78  ? 3.245   -13.899 15.294  1.00 28.73 ? 78  THR I CB  1 
ATOM   659  O OG1 . THR A 1 78  ? 3.401   -15.264 14.924  1.00 29.66 ? 78  THR I OG1 1 
ATOM   660  C CG2 . THR A 1 78  ? 1.879   -13.653 15.786  1.00 28.45 ? 78  THR I CG2 1 
ATOM   661  N N   . ILE A 1 79  ? 2.584   -10.772 14.049  1.00 28.95 ? 79  ILE I N   1 
ATOM   662  C CA  . ILE A 1 79  ? 1.666   -9.704  13.586  1.00 27.41 ? 79  ILE I CA  1 
ATOM   663  C C   . ILE A 1 79  ? 2.038   -9.184  12.193  1.00 26.20 ? 79  ILE I C   1 
ATOM   664  O O   . ILE A 1 79  ? 1.157   -8.843  11.404  1.00 25.51 ? 79  ILE I O   1 
ATOM   665  C CB  . ILE A 1 79  ? 1.625   -8.542  14.597  1.00 28.47 ? 79  ILE I CB  1 
ATOM   666  C CG1 . ILE A 1 79  ? 1.011   -9.028  15.901  1.00 28.26 ? 79  ILE I CG1 1 
ATOM   667  C CG2 . ILE A 1 79  ? 0.786   -7.355  14.084  1.00 28.09 ? 79  ILE I CG2 1 
ATOM   668  C CD1 . ILE A 1 79  ? 1.504   -8.281  17.068  1.00 30.43 ? 79  ILE I CD1 1 
ATOM   669  N N   . VAL A 1 80  ? 3.341   -9.125  11.896  1.00 24.25 ? 80  VAL I N   1 
ATOM   670  C CA  . VAL A 1 80  ? 3.805   -8.742  10.568  1.00 24.44 ? 80  VAL I CA  1 
ATOM   671  C C   . VAL A 1 80  ? 3.403   -9.813  9.534   1.00 24.15 ? 80  VAL I C   1 
ATOM   672  O O   . VAL A 1 80  ? 2.928   -9.479  8.461   1.00 24.01 ? 80  VAL I O   1 
ATOM   673  C CB  . VAL A 1 80  ? 5.328   -8.494  10.535  1.00 23.79 ? 80  VAL I CB  1 
ATOM   674  C CG1 . VAL A 1 80  ? 5.816   -8.230  9.104   1.00 23.56 ? 80  VAL I CG1 1 
ATOM   675  C CG2 . VAL A 1 80  ? 5.674   -7.321  11.400  1.00 25.18 ? 80  VAL I CG2 1 
ATOM   676  N N   . VAL A 1 81  ? 3.578   -11.088 9.888   1.00 23.29 ? 81  VAL I N   1 
ATOM   677  C CA  . VAL A 1 81  ? 3.187   -12.208 9.052   1.00 22.73 ? 81  VAL I CA  1 
ATOM   678  C C   . VAL A 1 81  ? 1.700   -12.099 8.724   1.00 23.28 ? 81  VAL I C   1 
ATOM   679  O O   . VAL A 1 81  ? 1.293   -12.286 7.589   1.00 25.43 ? 81  VAL I O   1 
ATOM   680  C CB  . VAL A 1 81  ? 3.470   -13.570 9.760   1.00 22.61 ? 81  VAL I CB  1 
ATOM   681  C CG1 . VAL A 1 81  ? 2.753   -14.681 9.045   1.00 21.18 ? 81  VAL I CG1 1 
ATOM   682  C CG2 . VAL A 1 81  ? 4.959   -13.847 9.811   1.00 20.36 ? 81  VAL I CG2 1 
ATOM   683  N N   . ARG A 1 82  ? 0.887   -11.777 9.720   1.00 23.72 ? 82  ARG I N   1 
ATOM   684  C CA  . ARG A 1 82  ? -0.545  -11.591 9.503   1.00 22.86 ? 82  ARG I CA  1 
ATOM   685  C C   . ARG A 1 82  ? -0.851  -10.421 8.585   1.00 23.01 ? 82  ARG I C   1 
ATOM   686  O O   . ARG A 1 82  ? -1.789  -10.484 7.791   1.00 24.69 ? 82  ARG I O   1 
ATOM   687  C CB  . ARG A 1 82  ? -1.245  -11.426 10.829  1.00 23.01 ? 82  ARG I CB  1 
ATOM   688  C CG  . ARG A 1 82  ? -1.284  -12.702 11.618  1.00 25.51 ? 82  ARG I CG  1 
ATOM   689  C CD  . ARG A 1 82  ? -2.561  -12.713 12.399  1.00 29.75 ? 82  ARG I CD  1 
ATOM   690  N NE  . ARG A 1 82  ? -2.404  -12.038 13.673  1.00 33.10 ? 82  ARG I NE  1 
ATOM   691  C CZ  . ARG A 1 82  ? -3.316  -11.246 14.230  1.00 34.16 ? 82  ARG I CZ  1 
ATOM   692  N NH1 . ARG A 1 82  ? -3.051  -10.697 15.402  1.00 34.27 ? 82  ARG I NH1 1 
ATOM   693  N NH2 . ARG A 1 82  ? -4.469  -10.972 13.616  1.00 34.01 ? 82  ARG I NH2 1 
ATOM   694  N N   . LEU A 1 83  ? -0.069  -9.349  8.693   1.00 22.74 ? 83  LEU I N   1 
ATOM   695  C CA  . LEU A 1 83  ? -0.197  -8.206  7.763   1.00 20.70 ? 83  LEU I CA  1 
ATOM   696  C C   . LEU A 1 83  ? 0.231   -8.662  6.367   1.00 19.43 ? 83  LEU I C   1 
ATOM   697  O O   . LEU A 1 83  ? -0.427  -8.400  5.360   1.00 19.71 ? 83  LEU I O   1 
ATOM   698  C CB  . LEU A 1 83  ? 0.649   -6.999  8.238   1.00 20.05 ? 83  LEU I CB  1 
ATOM   699  C CG  . LEU A 1 83  ? 0.600   -5.737  7.367   1.00 20.65 ? 83  LEU I CG  1 
ATOM   700  C CD1 . LEU A 1 83  ? -0.805  -5.201  7.352   1.00 21.43 ? 83  LEU I CD1 1 
ATOM   701  C CD2 . LEU A 1 83  ? 1.512   -4.705  7.907   1.00 22.85 ? 83  LEU I CD2 1 
ATOM   702  N N   . LEU A 1 84  ? 1.343   -9.376  6.302   1.00 18.89 ? 84  LEU I N   1 
ATOM   703  C CA  . LEU A 1 84  ? 1.829   -9.859  5.028   1.00 18.62 ? 84  LEU I CA  1 
ATOM   704  C C   . LEU A 1 84  ? 0.783   -10.794 4.409   1.00 20.41 ? 84  LEU I C   1 
ATOM   705  O O   . LEU A 1 84  ? 0.580   -10.823 3.183   1.00 21.33 ? 84  LEU I O   1 
ATOM   706  C CB  . LEU A 1 84  ? 3.143   -10.582 5.262   1.00 20.46 ? 84  LEU I CB  1 
ATOM   707  C CG  . LEU A 1 84  ? 4.506   -10.075 4.769   1.00 20.18 ? 84  LEU I CG  1 
ATOM   708  C CD1 . LEU A 1 84  ? 4.577   -8.611  4.444   1.00 18.00 ? 84  LEU I CD1 1 
ATOM   709  C CD2 . LEU A 1 84  ? 5.542   -10.462 5.801   1.00 19.73 ? 84  LEU I CD2 1 
ATOM   710  N N   . ASP A 1 85  ? 0.091   -11.544 5.254   1.00 22.31 ? 85  ASP I N   1 
ATOM   711  C CA  . ASP A 1 85  ? -0.942  -12.459 4.779   1.00 23.17 ? 85  ASP I CA  1 
ATOM   712  C C   . ASP A 1 85  ? -2.115  -11.686 4.190   1.00 23.62 ? 85  ASP I C   1 
ATOM   713  O O   . ASP A 1 85  ? -2.522  -11.952 3.073   1.00 24.45 ? 85  ASP I O   1 
ATOM   714  C CB  . ASP A 1 85  ? -1.371  -13.397 5.905   1.00 24.76 ? 85  ASP I CB  1 
ATOM   715  C CG  . ASP A 1 85  ? -2.540  -14.300 5.518   1.00 27.07 ? 85  ASP I CG  1 
ATOM   716  O OD1 . ASP A 1 85  ? -2.511  -14.938 4.439   1.00 28.15 ? 85  ASP I OD1 1 
ATOM   717  O OD2 . ASP A 1 85  ? -3.485  -14.373 6.323   1.00 27.27 ? 85  ASP I OD2 1 
ATOM   718  N N   . GLU A 1 86  ? -2.627  -10.706 4.921   1.00 24.69 ? 86  GLU I N   1 
ATOM   719  C CA  . GLU A 1 86  ? -3.738  -9.864  4.437   1.00 26.16 ? 86  GLU I CA  1 
ATOM   720  C C   . GLU A 1 86  ? -3.422  -9.150  3.140   1.00 25.48 ? 86  GLU I C   1 
ATOM   721  O O   . GLU A 1 86  ? -4.272  -9.037  2.286   1.00 27.44 ? 86  GLU I O   1 
ATOM   722  C CB  . GLU A 1 86  ? -4.126  -8.798  5.472   1.00 27.97 ? 86  GLU I CB  1 
ATOM   723  C CG  . GLU A 1 86  ? -5.339  -9.148  6.316   1.00 35.95 ? 86  GLU I CG  1 
ATOM   724  C CD  . GLU A 1 86  ? -6.586  -9.461  5.492   1.00 41.89 ? 86  GLU I CD  1 
ATOM   725  O OE1 . GLU A 1 86  ? -6.808  -8.829  4.430   1.00 45.42 ? 86  GLU I OE1 1 
ATOM   726  O OE2 . GLU A 1 86  ? -7.343  -10.355 5.921   1.00 46.51 ? 86  GLU I OE2 1 
ATOM   727  N N   . LEU A 1 87  ? -2.204  -8.645  3.000   1.00 24.94 ? 87  LEU I N   1 
ATOM   728  C CA  . LEU A 1 87  ? -1.827  -7.948  1.788   1.00 23.97 ? 87  LEU I CA  1 
ATOM   729  C C   . LEU A 1 87  ? -1.710  -8.926  0.641   1.00 25.18 ? 87  LEU I C   1 
ATOM   730  O O   . LEU A 1 87  ? -2.075  -8.597  -0.483  1.00 25.28 ? 87  LEU I O   1 
ATOM   731  C CB  . LEU A 1 87  ? -0.493  -7.228  1.971   1.00 22.17 ? 87  LEU I CB  1 
ATOM   732  C CG  . LEU A 1 87  ? -0.442  -5.986  2.832   1.00 16.60 ? 87  LEU I CG  1 
ATOM   733  C CD1 . LEU A 1 87  ? 0.984   -5.683  3.153   1.00 12.45 ? 87  LEU I CD1 1 
ATOM   734  C CD2 . LEU A 1 87  ? -1.121  -4.823  2.142   1.00 14.00 ? 87  LEU I CD2 1 
ATOM   735  N N   . HIS A 1 88  ? -1.141  -10.103 0.912   1.00 26.15 ? 88  HIS I N   1 
ATOM   736  C CA  . HIS A 1 88  ? -0.989  -11.126 -0.113  1.00 27.97 ? 88  HIS I CA  1 
ATOM   737  C C   . HIS A 1 88  ? -2.352  -11.518 -0.664  1.00 29.48 ? 88  HIS I C   1 
ATOM   738  O O   . HIS A 1 88  ? -2.544  -11.515 -1.878  1.00 29.87 ? 88  HIS I O   1 
ATOM   739  C CB  . HIS A 1 88  ? -0.245  -12.349 0.429   1.00 29.68 ? 88  HIS I CB  1 
ATOM   740  C CG  . HIS A 1 88  ? -0.126  -13.473 -0.555  1.00 32.60 ? 88  HIS I CG  1 
ATOM   741  N ND1 . HIS A 1 88  ? 0.647   -13.394 -1.693  1.00 35.26 ? 88  HIS I ND1 1 
ATOM   742  C CD2 . HIS A 1 88  ? -0.695  -14.704 -0.569  1.00 33.34 ? 88  HIS I CD2 1 
ATOM   743  C CE1 . HIS A 1 88  ? 0.553   -14.526 -2.364  1.00 33.95 ? 88  HIS I CE1 1 
ATOM   744  N NE2 . HIS A 1 88  ? -0.255  -15.337 -1.703  1.00 33.14 ? 88  HIS I NE2 1 
ATOM   745  N N   . GLN A 1 89  ? -3.298  -11.808 0.228   1.00 30.38 ? 89  GLN I N   1 
ATOM   746  C CA  . GLN A 1 89  ? -4.668  -12.179 -0.153  1.00 32.11 ? 89  GLN I CA  1 
ATOM   747  C C   . GLN A 1 89  ? -5.412  -11.160 -1.022  1.00 31.69 ? 89  GLN I C   1 
ATOM   748  O O   . GLN A 1 89  ? -6.134  -11.553 -1.948  1.00 31.53 ? 89  GLN I O   1 
ATOM   749  C CB  . GLN A 1 89  ? -5.513  -12.441 1.083   1.00 33.01 ? 89  GLN I CB  1 
ATOM   750  C CG  . GLN A 1 89  ? -5.261  -13.754 1.743   1.00 38.00 ? 89  GLN I CG  1 
ATOM   751  C CD  . GLN A 1 89  ? -6.059  -13.870 3.011   1.00 43.54 ? 89  GLN I CD  1 
ATOM   752  O OE1 . GLN A 1 89  ? -7.275  -13.704 3.000   1.00 45.35 ? 89  GLN I OE1 1 
ATOM   753  N NE2 . GLN A 1 89  ? -5.378  -14.140 4.126   1.00 48.49 ? 89  GLN I NE2 1 
ATOM   754  N N   . GLN A 1 90  ? -5.295  -9.873  -0.687  1.00 31.46 ? 90  GLN I N   1 
ATOM   755  C CA  . GLN A 1 90  ? -5.920  -8.819  -1.497  1.00 32.10 ? 90  GLN I CA  1 
ATOM   756  C C   . GLN A 1 90  ? -5.305  -8.795  -2.908  1.00 32.99 ? 90  GLN I C   1 
ATOM   757  O O   . GLN A 1 90  ? -6.008  -8.609  -3.914  1.00 34.36 ? 90  GLN I O   1 
ATOM   758  C CB  . GLN A 1 90  ? -5.757  -7.467  -0.839  1.00 30.32 ? 90  GLN I CB  1 
ATOM   759  C CG  . GLN A 1 90  ? -6.363  -7.373  0.525   1.00 35.29 ? 90  GLN I CG  1 
ATOM   760  C CD  . GLN A 1 90  ? -6.129  -6.015  1.168   1.00 35.99 ? 90  GLN I CD  1 
ATOM   761  O OE1 . GLN A 1 90  ? -5.642  -5.935  2.280   1.00 40.59 ? 90  GLN I OE1 1 
ATOM   762  N NE2 . GLN A 1 90  ? -6.460  -4.950  0.461   1.00 34.77 ? 90  GLN I NE2 1 
ATOM   763  N N   . THR A 1 91  ? -3.992  -8.973  -2.964  1.00 32.79 ? 91  THR I N   1 
ATOM   764  C CA  . THR A 1 91  ? -3.249  -9.039  -4.205  1.00 33.30 ? 91  THR I CA  1 
ATOM   765  C C   . THR A 1 91  ? -3.785  -10.177 -5.069  1.00 33.79 ? 91  THR I C   1 
ATOM   766  O O   . THR A 1 91  ? -4.190  -9.941  -6.210  1.00 33.39 ? 91  THR I O   1 
ATOM   767  C CB  . THR A 1 91  ? -1.763  -9.195  -3.895  1.00 33.59 ? 91  THR I CB  1 
ATOM   768  O OG1 . THR A 1 91  ? -1.219  -7.899  -3.618  1.00 35.33 ? 91  THR I OG1 1 
ATOM   769  C CG2 . THR A 1 91  ? -1.022  -9.849  -5.038  1.00 35.46 ? 91  THR I CG2 1 
ATOM   770  N N   . VAL A 1 92  ? -3.838  -11.389 -4.500  1.00 34.83 ? 92  VAL I N   1 
ATOM   771  C CA  . VAL A 1 92  ? -4.375  -12.573 -5.173  1.00 34.86 ? 92  VAL I CA  1 
ATOM   772  C C   . VAL A 1 92  ? -5.785  -12.318 -5.677  1.00 36.34 ? 92  VAL I C   1 
ATOM   773  O O   . VAL A 1 92  ? -6.095  -12.618 -6.826  1.00 36.31 ? 92  VAL I O   1 
ATOM   774  C CB  . VAL A 1 92  ? -4.398  -13.777 -4.242  1.00 35.23 ? 92  VAL I CB  1 
ATOM   775  C CG1 . VAL A 1 92  ? -5.313  -14.868 -4.795  1.00 35.60 ? 92  VAL I CG1 1 
ATOM   776  C CG2 . VAL A 1 92  ? -3.001  -14.322 -4.085  1.00 35.36 ? 92  VAL I CG2 1 
ATOM   777  N N   . PHE A 1 93  ? -6.630  -11.755 -4.813  1.00 36.75 ? 93  PHE I N   1 
ATOM   778  C CA  . PHE A 1 93  ? -7.999  -11.390 -5.186  1.00 38.51 ? 93  PHE I CA  1 
ATOM   779  C C   . PHE A 1 93  ? -8.042  -10.454 -6.412  1.00 39.48 ? 93  PHE I C   1 
ATOM   780  O O   . PHE A 1 93  ? -8.647  -10.797 -7.434  1.00 39.83 ? 93  PHE I O   1 
ATOM   781  C CB  . PHE A 1 93  ? -8.710  -10.778 -3.972  1.00 38.03 ? 93  PHE I CB  1 
ATOM   782  C CG  . PHE A 1 93  ? -10.043 -10.180 -4.272  1.00 37.88 ? 93  PHE I CG  1 
ATOM   783  C CD1 . PHE A 1 93  ? -11.159 -10.978 -4.392  1.00 38.15 ? 93  PHE I CD1 1 
ATOM   784  C CD2 . PHE A 1 93  ? -10.190 -8.808  -4.385  1.00 38.77 ? 93  PHE I CD2 1 
ATOM   785  C CE1 . PHE A 1 93  ? -12.409 -10.414 -4.639  1.00 37.88 ? 93  PHE I CE1 1 
ATOM   786  C CE2 . PHE A 1 93  ? -11.447 -8.230  -4.632  1.00 39.62 ? 93  PHE I CE2 1 
ATOM   787  C CZ  . PHE A 1 93  ? -12.555 -9.041  -4.758  1.00 37.47 ? 93  PHE I CZ  1 
ATOM   788  N N   . LEU A 1 94  ? -7.371  -9.302  -6.319  1.00 40.11 ? 94  LEU I N   1 
ATOM   789  C CA  . LEU A 1 94  ? -7.310  -8.333  -7.420  1.00 39.95 ? 94  LEU I CA  1 
ATOM   790  C C   . LEU A 1 94  ? -6.695  -8.934  -8.687  1.00 41.30 ? 94  LEU I C   1 
ATOM   791  O O   . LEU A 1 94  ? -7.112  -8.608  -9.782  1.00 39.85 ? 94  LEU I O   1 
ATOM   792  C CB  . LEU A 1 94  ? -6.519  -7.087  -7.021  1.00 37.83 ? 94  LEU I CB  1 
ATOM   793  C CG  . LEU A 1 94  ? -7.046  -6.137  -5.950  1.00 37.15 ? 94  LEU I CG  1 
ATOM   794  C CD1 . LEU A 1 94  ? -5.908  -5.226  -5.481  1.00 32.30 ? 94  LEU I CD1 1 
ATOM   795  C CD2 . LEU A 1 94  ? -8.249  -5.318  -6.446  1.00 34.83 ? 94  LEU I CD2 1 
ATOM   796  N N   . LYS A 1 95  ? -5.700  -9.805  -8.526  1.00 43.57 ? 95  LYS I N   1 
ATOM   797  C CA  . LYS A 1 95  ? -5.074  -10.492 -9.647  1.00 46.71 ? 95  LYS I CA  1 
ATOM   798  C C   . LYS A 1 95  ? -6.072  -11.363 -10.419 1.00 48.13 ? 95  LYS I C   1 
ATOM   799  O O   . LYS A 1 95  ? -6.010  -11.440 -11.650 1.00 48.66 ? 95  LYS I O   1 
ATOM   800  C CB  . LYS A 1 95  ? -3.912  -11.335 -9.149  1.00 48.36 ? 95  LYS I CB  1 
ATOM   801  C CG  . LYS A 1 95  ? -2.801  -11.522 -10.155 1.00 53.29 ? 95  LYS I CG  1 
ATOM   802  C CD  . LYS A 1 95  ? -1.429  -11.522 -9.460  1.00 58.71 ? 95  LYS I CD  1 
ATOM   803  C CE  . LYS A 1 95  ? -0.283  -11.582 -10.480 1.00 62.07 ? 95  LYS I CE  1 
ATOM   804  N NZ  . LYS A 1 95  ? 1.051   -11.278 -9.875  1.00 64.93 ? 95  LYS I NZ  1 
ATOM   805  N N   . THR A 1 96  ? -6.996  -12.003 -9.700  1.00 49.39 ? 96  THR I N   1 
ATOM   806  C CA  . THR A 1 96  ? -8.018  -12.826 -10.345 1.00 49.85 ? 96  THR I CA  1 
ATOM   807  C C   . THR A 1 96  ? -9.128  -11.933 -10.916 1.00 50.34 ? 96  THR I C   1 
ATOM   808  O O   . THR A 1 96  ? -9.325  -11.908 -12.119 1.00 50.67 ? 96  THR I O   1 
ATOM   809  C CB  . THR A 1 96  ? -8.584  -13.962 -9.423  1.00 49.56 ? 96  THR I CB  1 
ATOM   810  O OG1 . THR A 1 96  ? -9.418  -13.405 -8.403  1.00 50.26 ? 96  THR I OG1 1 
ATOM   811  C CG2 . THR A 1 96  ? -7.462  -14.759 -8.784  1.00 47.82 ? 96  THR I CG2 1 
ATOM   812  N N   . VAL A 1 97  ? -9.819  -11.188 -10.052 1.00 51.39 ? 97  VAL I N   1 
ATOM   813  C CA  . VAL A 1 97  ? -10.911 -10.282 -10.441 1.00 52.40 ? 97  VAL I CA  1 
ATOM   814  C C   . VAL A 1 97  ? -10.572 -9.435  -11.693 1.00 54.08 ? 97  VAL I C   1 
ATOM   815  O O   . VAL A 1 97  ? -11.374 -9.362  -12.632 1.00 55.41 ? 97  VAL I O   1 
ATOM   816  C CB  . VAL A 1 97  ? -11.321 -9.350  -9.253  1.00 51.96 ? 97  VAL I CB  1 
ATOM   817  C CG1 . VAL A 1 97  ? -12.522 -8.495  -9.604  1.00 53.04 ? 97  VAL I CG1 1 
ATOM   818  C CG2 . VAL A 1 97  ? -11.654 -10.158 -8.036  1.00 52.45 ? 97  VAL I CG2 1 
ATOM   819  N N   . LEU A 1 98  ? -9.385  -8.822  -11.710 1.00 54.45 ? 98  LEU I N   1 
ATOM   820  C CA  . LEU A 1 98  ? -8.921  -7.986  -12.826 1.00 54.41 ? 98  LEU I CA  1 
ATOM   821  C C   . LEU A 1 98  ? -8.419  -8.752  -14.056 1.00 55.48 ? 98  LEU I C   1 
ATOM   822  O O   . LEU A 1 98  ? -7.957  -8.129  -15.006 1.00 55.87 ? 98  LEU I O   1 
ATOM   823  C CB  . LEU A 1 98  ? -7.784  -7.083  -12.344 1.00 53.43 ? 98  LEU I CB  1 
ATOM   824  C CG  . LEU A 1 98  ? -7.953  -5.597  -12.041 1.00 52.60 ? 98  LEU I CG  1 
ATOM   825  C CD1 . LEU A 1 98  ? -9.274  -5.289  -11.377 1.00 51.41 ? 98  LEU I CD1 1 
ATOM   826  C CD2 . LEU A 1 98  ? -6.782  -5.153  -11.185 1.00 51.84 ? 98  LEU I CD2 1 
ATOM   827  N N   . GLU A 1 99  ? -8.503  -10.083 -14.033 1.00 56.64 ? 99  GLU I N   1 
ATOM   828  C CA  . GLU A 1 99  ? -7.951  -10.955 -15.086 1.00 58.18 ? 99  GLU I CA  1 
ATOM   829  C C   . GLU A 1 99  ? -8.284  -10.589 -16.538 1.00 57.56 ? 99  GLU I C   1 
ATOM   830  O O   . GLU A 1 99  ? -7.412  -10.637 -17.407 1.00 56.58 ? 99  GLU I O   1 
ATOM   831  C CB  . GLU A 1 99  ? -8.360  -12.408 -14.836 1.00 60.13 ? 99  GLU I CB  1 
ATOM   832  C CG  . GLU A 1 99  ? -7.589  -13.427 -15.665 1.00 64.62 ? 99  GLU I CG  1 
ATOM   833  C CD  . GLU A 1 99  ? -8.401  -14.686 -15.924 1.00 69.93 ? 99  GLU I CD  1 
ATOM   834  O OE1 . GLU A 1 99  ? -8.626  -15.457 -14.955 1.00 71.06 ? 99  GLU I OE1 1 
ATOM   835  O OE2 . GLU A 1 99  ? -8.815  -14.897 -17.097 1.00 71.81 ? 99  GLU I OE2 1 
ATOM   836  N N   . GLU A 1 100 ? -9.540  -10.237 -16.804 1.00 57.87 ? 100 GLU I N   1 
ATOM   837  C CA  . GLU A 1 100 ? -9.945  -9.848  -18.157 1.00 58.46 ? 100 GLU I CA  1 
ATOM   838  C C   . GLU A 1 100 ? -9.224  -8.585  -18.674 1.00 57.12 ? 100 GLU I C   1 
ATOM   839  O O   . GLU A 1 100 ? -9.382  -8.214  -19.839 1.00 57.61 ? 100 GLU I O   1 
ATOM   840  C CB  . GLU A 1 100 ? -11.474 -9.687  -18.260 1.00 59.77 ? 100 GLU I CB  1 
ATOM   841  C CG  . GLU A 1 100 ? -12.054 -8.411  -17.615 1.00 63.85 ? 100 GLU I CG  1 
ATOM   842  C CD  . GLU A 1 100 ? -13.410 -7.983  -18.205 1.00 66.25 ? 100 GLU I CD  1 
ATOM   843  O OE1 . GLU A 1 100 ? -14.240 -8.879  -18.488 1.00 69.57 ? 100 GLU I OE1 1 
ATOM   844  O OE2 . GLU A 1 100 ? -13.650 -6.753  -18.376 1.00 68.38 ? 100 GLU I OE2 1 
ATOM   845  N N   . LYS A 1 101 ? -8.430  -7.942  -17.814 1.00 54.81 ? 101 LYS I N   1 
ATOM   846  C CA  . LYS A 1 101 ? -7.741  -6.691  -18.152 1.00 51.87 ? 101 LYS I CA  1 
ATOM   847  C C   . LYS A 1 101 ? -6.207  -6.811  -18.112 1.00 50.76 ? 101 LYS I C   1 
ATOM   848  O O   . LYS A 1 101 ? -5.490  -5.806  -18.154 1.00 49.54 ? 101 LYS I O   1 
ATOM   849  C CB  . LYS A 1 101 ? -8.193  -5.582  -17.212 1.00 51.02 ? 101 LYS I CB  1 
ATOM   850  C CG  . LYS A 1 101 ? -9.678  -5.564  -16.942 1.00 51.61 ? 101 LYS I CG  1 
ATOM   851  C CD  . LYS A 1 101 ? -10.402 -4.585  -17.830 1.00 50.78 ? 101 LYS I CD  1 
ATOM   852  C CE  . LYS A 1 101 ? -10.340 -3.202  -17.234 1.00 52.47 ? 101 LYS I CE  1 
ATOM   853  N NZ  . LYS A 1 101 ? -10.998 -2.204  -18.127 1.00 53.46 ? 101 LYS I NZ  1 
ATOM   854  N N   . GLN A 1 102 ? -5.709  -8.041  -18.055 1.00 49.97 ? 102 GLN I N   1 
ATOM   855  C CA  . GLN A 1 102 ? -4.275  -8.294  -18.027 1.00 50.35 ? 102 GLN I CA  1 
ATOM   856  C C   . GLN A 1 102 ? -3.486  -7.361  -18.947 1.00 48.81 ? 102 GLN I C   1 
ATOM   857  O O   . GLN A 1 102 ? -2.640  -6.610  -18.483 1.00 49.64 ? 102 GLN I O   1 
ATOM   858  C CB  . GLN A 1 102 ? -3.982  -9.763  -18.367 1.00 52.18 ? 102 GLN I CB  1 
ATOM   859  C CG  . GLN A 1 102 ? -2.494  -10.124 -18.459 1.00 57.12 ? 102 GLN I CG  1 
ATOM   860  C CD  . GLN A 1 102 ? -1.824  -10.209 -17.093 1.00 63.37 ? 102 GLN I CD  1 
ATOM   861  O OE1 . GLN A 1 102 ? -1.095  -9.293  -16.680 1.00 65.66 ? 102 GLN I OE1 1 
ATOM   862  N NE2 . GLN A 1 102 ? -2.072  -11.311 -16.378 1.00 65.86 ? 102 GLN I NE2 1 
ATOM   863  N N   . GLU A 1 103 ? -3.779  -7.391  -20.244 1.00 47.80 ? 103 GLU I N   1 
ATOM   864  C CA  . GLU A 1 103 ? -3.014  -6.618  -21.230 1.00 46.37 ? 103 GLU I CA  1 
ATOM   865  C C   . GLU A 1 103 ? -3.084  -5.097  -21.040 1.00 44.44 ? 103 GLU I C   1 
ATOM   866  O O   . GLU A 1 103 ? -2.098  -4.403  -21.278 1.00 43.05 ? 103 GLU I O   1 
ATOM   867  C CB  . GLU A 1 103 ? -3.411  -6.998  -22.662 1.00 46.82 ? 103 GLU I CB  1 
ATOM   868  C CG  . GLU A 1 103 ? -2.313  -6.689  -23.678 1.00 49.31 ? 103 GLU I CG  1 
ATOM   869  C CD  . GLU A 1 103 ? -2.790  -6.694  -25.139 1.00 52.10 ? 103 GLU I CD  1 
ATOM   870  O OE1 . GLU A 1 103 ? -2.093  -6.066  -25.982 1.00 53.13 ? 103 GLU I OE1 1 
ATOM   871  O OE2 . GLU A 1 103 ? -3.843  -7.315  -25.442 1.00 54.72 ? 103 GLU I OE2 1 
ATOM   872  N N   . GLU A 1 104 ? -4.246  -4.587  -20.623 1.00 43.21 ? 104 GLU I N   1 
ATOM   873  C CA  . GLU A 1 104 ? -4.395  -3.167  -20.315 1.00 41.62 ? 104 GLU I CA  1 
ATOM   874  C C   . GLU A 1 104 ? -3.543  -2.773  -19.098 1.00 41.34 ? 104 GLU I C   1 
ATOM   875  O O   . GLU A 1 104 ? -2.932  -1.697  -19.093 1.00 41.00 ? 104 GLU I O   1 
ATOM   876  C CB  . GLU A 1 104 ? -5.858  -2.806  -20.081 1.00 41.58 ? 104 GLU I CB  1 
ATOM   877  C CG  . GLU A 1 104 ? -6.080  -1.302  -19.915 1.00 42.01 ? 104 GLU I CG  1 
ATOM   878  C CD  . GLU A 1 104 ? -7.545  -0.902  -19.761 1.00 42.37 ? 104 GLU I CD  1 
ATOM   879  O OE1 . GLU A 1 104 ? -7.812  0.307   -19.896 1.00 43.06 ? 104 GLU I OE1 1 
ATOM   880  O OE2 . GLU A 1 104 ? -8.424  -1.765  -19.500 1.00 41.48 ? 104 GLU I OE2 1 
ATOM   881  N N   . ARG A 1 105 ? -3.497  -3.647  -18.088 1.00 40.83 ? 105 ARG I N   1 
ATOM   882  C CA  . ARG A 1 105 ? -2.664  -3.433  -16.894 1.00 41.76 ? 105 ARG I CA  1 
ATOM   883  C C   . ARG A 1 105 ? -1.190  -3.329  -17.290 1.00 39.63 ? 105 ARG I C   1 
ATOM   884  O O   . ARG A 1 105 ? -0.468  -2.463  -16.798 1.00 40.02 ? 105 ARG I O   1 
ATOM   885  C CB  . ARG A 1 105 ? -2.887  -4.545  -15.855 1.00 42.70 ? 105 ARG I CB  1 
ATOM   886  C CG  . ARG A 1 105 ? -1.942  -4.505  -14.638 1.00 46.89 ? 105 ARG I CG  1 
ATOM   887  C CD  . ARG A 1 105 ? -2.400  -5.428  -13.473 1.00 51.80 ? 105 ARG I CD  1 
ATOM   888  N NE  . ARG A 1 105 ? -2.333  -6.878  -13.757 1.00 60.58 ? 105 ARG I NE  1 
ATOM   889  C CZ  . ARG A 1 105 ? -3.389  -7.712  -13.815 1.00 63.77 ? 105 ARG I CZ  1 
ATOM   890  N NH1 . ARG A 1 105 ? -3.212  -9.006  -14.078 1.00 64.48 ? 105 ARG I NH1 1 
ATOM   891  N NH2 . ARG A 1 105 ? -4.629  -7.266  -13.622 1.00 65.57 ? 105 ARG I NH2 1 
ATOM   892  N N   . LEU A 1 106 ? -0.775  -4.196  -18.206 1.00 38.47 ? 106 LEU I N   1 
ATOM   893  C CA  . LEU A 1 106 ? 0.581   -4.218  -18.766 1.00 37.60 ? 106 LEU I CA  1 
ATOM   894  C C   . LEU A 1 106 ? 1.005   -2.895  -19.417 1.00 37.08 ? 106 LEU I C   1 
ATOM   895  O O   . LEU A 1 106 ? 2.151   -2.459  -19.283 1.00 35.91 ? 106 LEU I O   1 
ATOM   896  C CB  . LEU A 1 106 ? 0.696   -5.359  -19.784 1.00 38.91 ? 106 LEU I CB  1 
ATOM   897  C CG  . LEU A 1 106 ? 1.242   -6.739  -19.359 1.00 40.74 ? 106 LEU I CG  1 
ATOM   898  C CD1 . LEU A 1 106 ? 0.792   -7.185  -17.951 1.00 42.03 ? 106 LEU I CD1 1 
ATOM   899  C CD2 . LEU A 1 106 ? 0.894   -7.796  -20.416 1.00 39.53 ? 106 LEU I CD2 1 
ATOM   900  N N   . THR A 1 107 ? 0.085   -2.252  -20.126 1.00 36.62 ? 107 THR I N   1 
ATOM   901  C CA  . THR A 1 107 ? 0.391   -0.953  -20.737 1.00 35.13 ? 107 THR I CA  1 
ATOM   902  C C   . THR A 1 107 ? 0.310   0.158   -19.692 1.00 34.87 ? 107 THR I C   1 
ATOM   903  O O   . THR A 1 107 ? 1.116   1.085   -19.703 1.00 33.46 ? 107 THR I O   1 
ATOM   904  C CB  . THR A 1 107 ? -0.530  -0.688  -21.926 1.00 34.85 ? 107 THR I CB  1 
ATOM   905  O OG1 . THR A 1 107 ? -0.379  -1.760  -22.864 1.00 36.61 ? 107 THR I OG1 1 
ATOM   906  C CG2 . THR A 1 107 ? -0.188  0.631   -22.620 1.00 35.56 ? 107 THR I CG2 1 
ATOM   907  N N   . TRP A 1 108 ? -0.657  0.061   -18.780 1.00 35.04 ? 108 TRP I N   1 
ATOM   908  C CA  . TRP A 1 108 ? -0.739  1.018   -17.682 1.00 36.98 ? 108 TRP I CA  1 
ATOM   909  C C   . TRP A 1 108 ? 0.518   1.003   -16.782 1.00 39.11 ? 108 TRP I C   1 
ATOM   910  O O   . TRP A 1 108 ? 0.904   2.050   -16.230 1.00 39.44 ? 108 TRP I O   1 
ATOM   911  C CB  . TRP A 1 108 ? -2.005  0.787   -16.877 1.00 35.39 ? 108 TRP I CB  1 
ATOM   912  C CG  . TRP A 1 108 ? -2.171  1.658   -15.648 1.00 35.97 ? 108 TRP I CG  1 
ATOM   913  C CD1 . TRP A 1 108 ? -2.931  2.800   -15.534 1.00 35.14 ? 108 TRP I CD1 1 
ATOM   914  C CD2 . TRP A 1 108 ? -1.634  1.407   -14.337 1.00 34.32 ? 108 TRP I CD2 1 
ATOM   915  N NE1 . TRP A 1 108 ? -2.894  3.267   -14.242 1.00 34.09 ? 108 TRP I NE1 1 
ATOM   916  C CE2 . TRP A 1 108 ? -2.107  2.432   -13.487 1.00 34.85 ? 108 TRP I CE2 1 
ATOM   917  C CE3 . TRP A 1 108 ? -0.797  0.413   -13.802 1.00 33.13 ? 108 TRP I CE3 1 
ATOM   918  C CZ2 . TRP A 1 108 ? -1.768  2.490   -12.123 1.00 34.44 ? 108 TRP I CZ2 1 
ATOM   919  C CZ3 . TRP A 1 108 ? -0.460  0.472   -12.461 1.00 33.94 ? 108 TRP I CZ3 1 
ATOM   920  C CH2 . TRP A 1 108 ? -0.949  1.502   -11.631 1.00 35.20 ? 108 TRP I CH2 1 
ATOM   921  N N   . GLU A 1 109 ? 1.169   -0.163  -16.678 1.00 41.14 ? 109 GLU I N   1 
ATOM   922  C CA  . GLU A 1 109 ? 2.424   -0.325  -15.927 1.00 42.64 ? 109 GLU I CA  1 
ATOM   923  C C   . GLU A 1 109 ? 3.508   0.666   -16.355 1.00 41.82 ? 109 GLU I C   1 
ATOM   924  O O   . GLU A 1 109 ? 4.482   0.882   -15.634 1.00 42.27 ? 109 GLU I O   1 
ATOM   925  C CB  . GLU A 1 109 ? 2.976   -1.755  -16.050 1.00 43.94 ? 109 GLU I CB  1 
ATOM   926  C CG  . GLU A 1 109 ? 2.204   -2.847  -15.335 1.00 49.43 ? 109 GLU I CG  1 
ATOM   927  C CD  . GLU A 1 109 ? 2.183   -2.690  -13.820 1.00 57.65 ? 109 GLU I CD  1 
ATOM   928  O OE1 . GLU A 1 109 ? 1.275   -3.276  -13.167 1.00 61.77 ? 109 GLU I OE1 1 
ATOM   929  O OE2 . GLU A 1 109 ? 3.067   -1.990  -13.271 1.00 60.90 ? 109 GLU I OE2 1 
ATOM   930  N N   . MET A 1 110 ? 3.351   1.256   -17.528 1.00 41.71 ? 110 MET I N   1 
ATOM   931  C CA  . MET A 1 110 ? 4.333   2.227   -18.026 1.00 42.52 ? 110 MET I CA  1 
ATOM   932  C C   . MET A 1 110 ? 3.748   3.633   -18.172 1.00 40.02 ? 110 MET I C   1 
ATOM   933  O O   . MET A 1 110 ? 4.319   4.473   -18.861 1.00 39.93 ? 110 MET I O   1 
ATOM   934  C CB  . MET A 1 110 ? 4.975   1.756   -19.337 1.00 43.45 ? 110 MET I CB  1 
ATOM   935  C CG  . MET A 1 110 ? 4.074   0.844   -20.173 1.00 49.71 ? 110 MET I CG  1 
ATOM   936  S SD  . MET A 1 110 ? 4.765   0.259   -21.749 1.00 55.89 ? 110 MET I SD  1 
ATOM   937  C CE  . MET A 1 110 ? 3.991   1.463   -22.865 1.00 56.62 ? 110 MET I CE  1 
ATOM   938  N N   . SER A 1 111 ? 2.606   3.889   -17.540 1.00 37.71 ? 111 SER I N   1 
ATOM   939  C CA  . SER A 1 111 ? 2.046   5.233   -17.563 1.00 36.76 ? 111 SER I CA  1 
ATOM   940  C C   . SER A 1 111 ? 2.733   6.144   -16.540 1.00 36.49 ? 111 SER I C   1 
ATOM   941  O O   . SER A 1 111 ? 3.506   5.685   -15.691 1.00 36.01 ? 111 SER I O   1 
ATOM   942  C CB  . SER A 1 111 ? 0.556   5.211   -17.316 1.00 35.59 ? 111 SER I CB  1 
ATOM   943  O OG  . SER A 1 111 ? 0.297   4.764   -16.017 1.00 37.55 ? 111 SER I OG  1 
ATOM   944  N N   . SER A 1 112 ? 2.451   7.440   -16.645 1.00 35.39 ? 112 SER I N   1 
ATOM   945  C CA  . SER A 1 112 ? 3.008   8.437   -15.745 1.00 34.29 ? 112 SER I CA  1 
ATOM   946  C C   . SER A 1 112 ? 2.581   8.182   -14.295 1.00 33.50 ? 112 SER I C   1 
ATOM   947  O O   . SER A 1 112 ? 3.390   8.337   -13.385 1.00 34.52 ? 112 SER I O   1 
ATOM   948  C CB  . SER A 1 112 ? 2.587   9.831   -16.191 1.00 33.86 ? 112 SER I CB  1 
ATOM   949  O OG  . SER A 1 112 ? 1.196   9.842   -16.439 1.00 33.92 ? 112 SER I OG  1 
ATOM   950  N N   . THR A 1 113 ? 1.324   7.782   -14.083 1.00 31.94 ? 113 THR I N   1 
ATOM   951  C CA  . THR A 1 113 ? 0.842   7.450   -12.740 1.00 31.42 ? 113 THR I CA  1 
ATOM   952  C C   . THR A 1 113 ? 1.584   6.261   -12.123 1.00 31.57 ? 113 THR I C   1 
ATOM   953  O O   . THR A 1 113 ? 1.895   6.273   -10.927 1.00 32.52 ? 113 THR I O   1 
ATOM   954  C CB  . THR A 1 113 ? -0.654  7.158   -12.748 1.00 30.07 ? 113 THR I CB  1 
ATOM   955  O OG1 . THR A 1 113 ? -1.342  8.331   -13.171 1.00 30.70 ? 113 THR I OG1 1 
ATOM   956  C CG2 . THR A 1 113 ? -1.159  6.762   -11.349 1.00 28.76 ? 113 THR I CG2 1 
ATOM   957  N N   . ALA A 1 114 ? 1.868   5.252   -12.948 1.00 30.73 ? 114 ALA I N   1 
ATOM   958  C CA  . ALA A 1 114 ? 2.559   4.046   -12.505 1.00 28.25 ? 114 ALA I CA  1 
ATOM   959  C C   . ALA A 1 114 ? 4.012   4.347   -12.168 1.00 27.84 ? 114 ALA I C   1 
ATOM   960  O O   . ALA A 1 114 ? 4.542   3.844   -11.161 1.00 25.31 ? 114 ALA I O   1 
ATOM   961  C CB  . ALA A 1 114 ? 2.493   2.994   -13.569 1.00 28.73 ? 114 ALA I CB  1 
ATOM   962  N N   . LEU A 1 115 ? 4.657   5.158   -13.007 1.00 27.04 ? 115 LEU I N   1 
ATOM   963  C CA  . LEU A 1 115 ? 6.080   5.498   -12.808 1.00 27.13 ? 115 LEU I CA  1 
ATOM   964  C C   . LEU A 1 115 ? 6.267   6.369   -11.574 1.00 26.14 ? 115 LEU I C   1 
ATOM   965  O O   . LEU A 1 115 ? 7.228   6.233   -10.842 1.00 25.96 ? 115 LEU I O   1 
ATOM   966  C CB  . LEU A 1 115 ? 6.707   6.131   -14.066 1.00 27.57 ? 115 LEU I CB  1 
ATOM   967  C CG  . LEU A 1 115 ? 6.633   5.298   -15.365 1.00 30.52 ? 115 LEU I CG  1 
ATOM   968  C CD1 . LEU A 1 115 ? 7.175   6.127   -16.490 1.00 35.40 ? 115 LEU I CD1 1 
ATOM   969  C CD2 . LEU A 1 115 ? 7.386   3.962   -15.297 1.00 31.28 ? 115 LEU I CD2 1 
ATOM   970  N N   . HIS A 1 116 ? 5.301   7.221   -11.299 1.00 25.88 ? 116 HIS I N   1 
ATOM   971  C CA  . HIS A 1 116 ? 5.379   8.024   -10.118 1.00 26.72 ? 116 HIS I CA  1 
ATOM   972  C C   . HIS A 1 116 ? 5.134   7.204   -8.867  1.00 27.10 ? 116 HIS I C   1 
ATOM   973  O O   . HIS A 1 116 ? 5.779   7.419   -7.853  1.00 29.41 ? 116 HIS I O   1 
ATOM   974  C CB  . HIS A 1 116 ? 4.397   9.159   -10.238 1.00 27.32 ? 116 HIS I CB  1 
ATOM   975  C CG  . HIS A 1 116 ? 4.750   10.108  -11.326 1.00 28.51 ? 116 HIS I CG  1 
ATOM   976  N ND1 . HIS A 1 116 ? 3.867   11.050  -11.810 1.00 29.97 ? 116 HIS I ND1 1 
ATOM   977  C CD2 . HIS A 1 116 ? 5.887   10.250  -12.045 1.00 28.15 ? 116 HIS I CD2 1 
ATOM   978  C CE1 . HIS A 1 116 ? 4.456   11.740  -12.773 1.00 29.66 ? 116 HIS I CE1 1 
ATOM   979  N NE2 . HIS A 1 116 ? 5.678   11.273  -12.935 1.00 29.70 ? 116 HIS I NE2 1 
ATOM   980  N N   . LEU A 1 117 ? 4.193   6.277   -8.935  1.00 27.19 ? 117 LEU I N   1 
ATOM   981  C CA  . LEU A 1 117 ? 3.920   5.347   -7.828  1.00 27.59 ? 117 LEU I CA  1 
ATOM   982  C C   . LEU A 1 117 ? 5.162   4.524   -7.461  1.00 27.31 ? 117 LEU I C   1 
ATOM   983  O O   . LEU A 1 117 ? 5.458   4.263   -6.287  1.00 27.28 ? 117 LEU I O   1 
ATOM   984  C CB  . LEU A 1 117 ? 2.819   4.363   -8.245  1.00 26.38 ? 117 LEU I CB  1 
ATOM   985  C CG  . LEU A 1 117 ? 1.493   4.560   -7.553  1.00 29.29 ? 117 LEU I CG  1 
ATOM   986  C CD1 . LEU A 1 117 ? 0.647   3.303   -7.696  1.00 27.82 ? 117 LEU I CD1 1 
ATOM   987  C CD2 . LEU A 1 117 ? 1.795   4.868   -6.085  1.00 30.87 ? 117 LEU I CD2 1 
ATOM   988  N N   . LYS A 1 118 ? 5.864   4.080   -8.489  1.00 26.92 ? 118 LYS I N   1 
ATOM   989  C CA  . LYS A 1 118 ? 7.016   3.227   -8.289  1.00 26.38 ? 118 LYS I CA  1 
ATOM   990  C C   . LYS A 1 118 ? 8.182   3.978   -7.707  1.00 24.62 ? 118 LYS I C   1 
ATOM   991  O O   . LYS A 1 118 ? 8.809   3.496   -6.779  1.00 26.33 ? 118 LYS I O   1 
ATOM   992  C CB  . LYS A 1 118 ? 7.382   2.530   -9.591  1.00 27.43 ? 118 LYS I CB  1 
ATOM   993  C CG  . LYS A 1 118 ? 6.355   1.501   -9.968  1.00 31.05 ? 118 LYS I CG  1 
ATOM   994  C CD  . LYS A 1 118 ? 6.616   0.955   -11.348 1.00 36.62 ? 118 LYS I CD  1 
ATOM   995  C CE  . LYS A 1 118 ? 5.758   -0.294  -11.604 1.00 40.91 ? 118 LYS I CE  1 
ATOM   996  N NZ  . LYS A 1 118 ? 5.650   -0.556  -13.077 1.00 43.30 ? 118 LYS I NZ  1 
ATOM   997  N N   . SER A 1 119 ? 8.449   5.181   -8.203  1.00 23.45 ? 119 SER I N   1 
ATOM   998  C CA  . SER A 1 119 ? 9.598   5.945   -7.718  1.00 23.03 ? 119 SER I CA  1 
ATOM   999  C C   . SER A 1 119 ? 9.338   6.314   -6.269  1.00 21.65 ? 119 SER I C   1 
ATOM   1000 O O   . SER A 1 119 ? 10.252  6.375   -5.453  1.00 22.93 ? 119 SER I O   1 
ATOM   1001 C CB  . SER A 1 119 ? 9.887   7.169   -8.600  1.00 23.55 ? 119 SER I CB  1 
ATOM   1002 O OG  . SER A 1 119 ? 8.813   8.087   -8.567  1.00 30.86 ? 119 SER I OG  1 
ATOM   1003 N N   . TYR A 1 120 ? 8.070   6.498   -5.936  1.00 20.81 ? 120 TYR I N   1 
ATOM   1004 C CA  . TYR A 1 120 ? 7.693   6.752   -4.563  1.00 20.30 ? 120 TYR I CA  1 
ATOM   1005 C C   . TYR A 1 120 ? 8.118   5.574   -3.678  1.00 20.40 ? 120 TYR I C   1 
ATOM   1006 O O   . TYR A 1 120 ? 8.732   5.779   -2.642  1.00 20.03 ? 120 TYR I O   1 
ATOM   1007 C CB  . TYR A 1 120 ? 6.198   7.012   -4.464  1.00 21.26 ? 120 TYR I CB  1 
ATOM   1008 C CG  . TYR A 1 120 ? 5.655   6.976   -3.048  1.00 21.67 ? 120 TYR I CG  1 
ATOM   1009 C CD1 . TYR A 1 120 ? 4.927   5.894   -2.593  1.00 20.22 ? 120 TYR I CD1 1 
ATOM   1010 C CD2 . TYR A 1 120 ? 5.866   8.030   -2.179  1.00 21.76 ? 120 TYR I CD2 1 
ATOM   1011 C CE1 . TYR A 1 120 ? 4.448   5.858   -1.305  1.00 21.63 ? 120 TYR I CE1 1 
ATOM   1012 C CE2 . TYR A 1 120 ? 5.390   7.999   -0.899  1.00 20.30 ? 120 TYR I CE2 1 
ATOM   1013 C CZ  . TYR A 1 120 ? 4.681   6.914   -0.468  1.00 20.50 ? 120 TYR I CZ  1 
ATOM   1014 O OH  . TYR A 1 120 ? 4.179   6.900   0.811   1.00 23.63 ? 120 TYR I OH  1 
ATOM   1015 N N   . TYR A 1 121 ? 7.825   4.346   -4.085  1.00 20.22 ? 121 TYR I N   1 
ATOM   1016 C CA  . TYR A 1 121 ? 8.270   3.200   -3.278  1.00 20.45 ? 121 TYR I CA  1 
ATOM   1017 C C   . TYR A 1 121 ? 9.772   2.983   -3.331  1.00 19.87 ? 121 TYR I C   1 
ATOM   1018 O O   . TYR A 1 121 ? 10.345  2.448   -2.392  1.00 21.70 ? 121 TYR I O   1 
ATOM   1019 C CB  . TYR A 1 121 ? 7.514   1.923   -3.621  1.00 19.04 ? 121 TYR I CB  1 
ATOM   1020 C CG  . TYR A 1 121 ? 6.092   1.989   -3.123  1.00 21.45 ? 121 TYR I CG  1 
ATOM   1021 C CD1 . TYR A 1 121 ? 5.770   1.781   -1.773  1.00 19.54 ? 121 TYR I CD1 1 
ATOM   1022 C CD2 . TYR A 1 121 ? 5.057   2.299   -4.013  1.00 22.01 ? 121 TYR I CD2 1 
ATOM   1023 C CE1 . TYR A 1 121 ? 4.413   1.893   -1.333  1.00 18.59 ? 121 TYR I CE1 1 
ATOM   1024 C CE2 . TYR A 1 121 ? 3.736   2.379   -3.603  1.00 19.32 ? 121 TYR I CE2 1 
ATOM   1025 C CZ  . TYR A 1 121 ? 3.407   2.189   -2.282  1.00 20.03 ? 121 TYR I CZ  1 
ATOM   1026 O OH  . TYR A 1 121 ? 2.060   2.350   -1.959  1.00 19.06 ? 121 TYR I OH  1 
ATOM   1027 N N   . TRP A 1 122 ? 10.414  3.404   -4.415  1.00 18.16 ? 122 TRP I N   1 
ATOM   1028 C CA  . TRP A 1 122 ? 11.860  3.316   -4.490  1.00 17.52 ? 122 TRP I CA  1 
ATOM   1029 C C   . TRP A 1 122 ? 12.428  4.157   -3.360  1.00 18.45 ? 122 TRP I C   1 
ATOM   1030 O O   . TRP A 1 122 ? 13.373  3.755   -2.671  1.00 22.27 ? 122 TRP I O   1 
ATOM   1031 C CB  . TRP A 1 122 ? 12.357  3.822   -5.851  1.00 18.07 ? 122 TRP I CB  1 
ATOM   1032 C CG  . TRP A 1 122 ? 13.819  3.591   -6.100  1.00 20.77 ? 122 TRP I CG  1 
ATOM   1033 C CD1 . TRP A 1 122 ? 14.382  2.525   -6.740  1.00 20.15 ? 122 TRP I CD1 1 
ATOM   1034 C CD2 . TRP A 1 122 ? 14.910  4.439   -5.701  1.00 23.11 ? 122 TRP I CD2 1 
ATOM   1035 N NE1 . TRP A 1 122 ? 15.749  2.658   -6.769  1.00 23.11 ? 122 TRP I NE1 1 
ATOM   1036 C CE2 . TRP A 1 122 ? 16.102  3.824   -6.148  1.00 22.50 ? 122 TRP I CE2 1 
ATOM   1037 C CE3 . TRP A 1 122 ? 14.997  5.660   -5.012  1.00 22.14 ? 122 TRP I CE3 1 
ATOM   1038 C CZ2 . TRP A 1 122 ? 17.353  4.378   -5.925  1.00 21.69 ? 122 TRP I CZ2 1 
ATOM   1039 C CZ3 . TRP A 1 122 ? 16.243  6.208   -4.793  1.00 21.26 ? 122 TRP I CZ3 1 
ATOM   1040 C CH2 . TRP A 1 122 ? 17.407  5.567   -5.245  1.00 21.24 ? 122 TRP I CH2 1 
ATOM   1041 N N   . ARG A 1 123 ? 11.855  5.335   -3.175  1.00 18.30 ? 123 ARG I N   1 
ATOM   1042 C CA  . ARG A 1 123 ? 12.271  6.266   -2.148  1.00 18.54 ? 123 ARG I CA  1 
ATOM   1043 C C   . ARG A 1 123 ? 12.080  5.691   -0.739  1.00 20.60 ? 123 ARG I C   1 
ATOM   1044 O O   . ARG A 1 123 ? 12.985  5.786   0.099   1.00 20.66 ? 123 ARG I O   1 
ATOM   1045 C CB  . ARG A 1 123 ? 11.504  7.593   -2.309  1.00 19.30 ? 123 ARG I CB  1 
ATOM   1046 C CG  . ARG A 1 123 ? 11.943  8.394   -3.557  1.00 17.91 ? 123 ARG I CG  1 
ATOM   1047 C CD  . ARG A 1 123 ? 11.507  9.839   -3.507  1.00 18.15 ? 123 ARG I CD  1 
ATOM   1048 N NE  . ARG A 1 123 ? 10.051  9.994   -3.411  1.00 17.33 ? 123 ARG I NE  1 
ATOM   1049 C CZ  . ARG A 1 123 ? 9.265   10.103  -4.459  1.00 18.50 ? 123 ARG I CZ  1 
ATOM   1050 N NH1 . ARG A 1 123 ? 7.938   10.264  -4.324  1.00 19.81 ? 123 ARG I NH1 1 
ATOM   1051 N NH2 . ARG A 1 123 ? 9.810   10.055  -5.650  1.00 18.39 ? 123 ARG I NH2 1 
ATOM   1052 N N   . VAL A 1 124 ? 10.908  5.098   -0.483  1.00 20.44 ? 124 VAL I N   1 
ATOM   1053 C CA  . VAL A 1 124 ? 10.594  4.489   0.816   1.00 20.12 ? 124 VAL I CA  1 
ATOM   1054 C C   . VAL A 1 124 ? 11.579  3.350   1.156   1.00 20.06 ? 124 VAL I C   1 
ATOM   1055 O O   . VAL A 1 124 ? 12.125  3.309   2.249   1.00 20.38 ? 124 VAL I O   1 
ATOM   1056 C CB  . VAL A 1 124 ? 9.107   4.008   0.883   1.00 19.52 ? 124 VAL I CB  1 
ATOM   1057 C CG1 . VAL A 1 124 ? 8.883   3.193   2.132   1.00 18.81 ? 124 VAL I CG1 1 
ATOM   1058 C CG2 . VAL A 1 124 ? 8.133   5.226   0.830   1.00 17.68 ? 124 VAL I CG2 1 
ATOM   1059 N N   . GLN A 1 125 ? 11.823  2.456   0.205   1.00 21.12 ? 125 GLN I N   1 
ATOM   1060 C CA  . GLN A 1 125 ? 12.833  1.409   0.356   1.00 22.78 ? 125 GLN I CA  1 
ATOM   1061 C C   . GLN A 1 125 ? 14.249  1.961   0.563   1.00 23.58 ? 125 GLN I C   1 
ATOM   1062 O O   . GLN A 1 125 ? 14.979  1.480   1.437   1.00 24.98 ? 125 GLN I O   1 
ATOM   1063 C CB  . GLN A 1 125 ? 12.841  0.499   -0.870  1.00 23.74 ? 125 GLN I CB  1 
ATOM   1064 C CG  . GLN A 1 125 ? 11.547  -0.266  -1.134  1.00 26.64 ? 125 GLN I CG  1 
ATOM   1065 C CD  . GLN A 1 125 ? 11.561  -1.667  -0.547  1.00 31.49 ? 125 GLN I CD  1 
ATOM   1066 O OE1 . GLN A 1 125 ? 12.410  -2.015  0.277   1.00 35.77 ? 125 GLN I OE1 1 
ATOM   1067 N NE2 . GLN A 1 125 ? 10.606  -2.474  -0.955  1.00 33.85 ? 125 GLN I NE2 1 
ATOM   1068 N N   . ARG A 1 126 ? 14.654  2.926   -0.271  1.00 24.41 ? 126 ARG I N   1 
ATOM   1069 C CA  . ARG A 1 126 ? 15.983  3.533   -0.202  1.00 25.28 ? 126 ARG I CA  1 
ATOM   1070 C C   . ARG A 1 126 ? 16.193  4.255   1.132   1.00 25.66 ? 126 ARG I C   1 
ATOM   1071 O O   . ARG A 1 126 ? 17.289  4.268   1.690   1.00 26.75 ? 126 ARG I O   1 
ATOM   1072 C CB  . ARG A 1 126 ? 16.185  4.500   -1.384  1.00 26.26 ? 126 ARG I CB  1 
ATOM   1073 C CG  . ARG A 1 126 ? 17.523  5.220   -1.478  1.00 28.69 ? 126 ARG I CG  1 
ATOM   1074 C CD  . ARG A 1 126 ? 18.783  4.334   -1.357  1.00 33.41 ? 126 ARG I CD  1 
ATOM   1075 N NE  . ARG A 1 126 ? 18.972  3.423   -2.480  1.00 39.27 ? 126 ARG I NE  1 
ATOM   1076 C CZ  . ARG A 1 126 ? 20.152  2.933   -2.876  1.00 41.75 ? 126 ARG I CZ  1 
ATOM   1077 N NH1 . ARG A 1 126 ? 20.188  2.107   -3.910  1.00 42.94 ? 126 ARG I NH1 1 
ATOM   1078 N NH2 . ARG A 1 126 ? 21.294  3.267   -2.267  1.00 40.07 ? 126 ARG I NH2 1 
ATOM   1079 N N   . TYR A 1 127 ? 15.139  4.858   1.649   1.00 24.40 ? 127 TYR I N   1 
ATOM   1080 C CA  . TYR A 1 127 ? 15.241  5.476   2.929   1.00 22.91 ? 127 TYR I CA  1 
ATOM   1081 C C   . TYR A 1 127 ? 15.580  4.369   3.932   1.00 22.96 ? 127 TYR I C   1 
ATOM   1082 O O   . TYR A 1 127 ? 16.543  4.482   4.658   1.00 24.95 ? 127 TYR I O   1 
ATOM   1083 C CB  . TYR A 1 127 ? 13.938  6.189   3.258   1.00 22.32 ? 127 TYR I CB  1 
ATOM   1084 C CG  . TYR A 1 127 ? 13.860  6.712   4.659   1.00 23.84 ? 127 TYR I CG  1 
ATOM   1085 C CD1 . TYR A 1 127 ? 14.479  7.908   5.019   1.00 25.02 ? 127 TYR I CD1 1 
ATOM   1086 C CD2 . TYR A 1 127 ? 13.143  6.004   5.640   1.00 25.94 ? 127 TYR I CD2 1 
ATOM   1087 C CE1 . TYR A 1 127 ? 14.374  8.395   6.322   1.00 29.08 ? 127 TYR I CE1 1 
ATOM   1088 C CE2 . TYR A 1 127 ? 13.037  6.461   6.926   1.00 25.94 ? 127 TYR I CE2 1 
ATOM   1089 C CZ  . TYR A 1 127 ? 13.655  7.654   7.277   1.00 28.86 ? 127 TYR I CZ  1 
ATOM   1090 O OH  . TYR A 1 127 ? 13.523  8.102   8.573   1.00 31.16 ? 127 TYR I OH  1 
ATOM   1091 N N   . LEU A 1 128 ? 14.843  3.266   3.937   1.00 24.03 ? 128 LEU I N   1 
ATOM   1092 C CA  . LEU A 1 128 ? 15.134  2.176   4.879   1.00 23.84 ? 128 LEU I CA  1 
ATOM   1093 C C   . LEU A 1 128 ? 16.544  1.621   4.758   1.00 25.38 ? 128 LEU I C   1 
ATOM   1094 O O   . LEU A 1 128 ? 17.165  1.251   5.763   1.00 25.90 ? 128 LEU I O   1 
ATOM   1095 C CB  . LEU A 1 128 ? 14.159  1.019   4.706   1.00 22.82 ? 128 LEU I CB  1 
ATOM   1096 C CG  . LEU A 1 128 ? 12.767  1.098   5.316   1.00 22.66 ? 128 LEU I CG  1 
ATOM   1097 C CD1 . LEU A 1 128 ? 11.966  -0.128  4.866   1.00 20.61 ? 128 LEU I CD1 1 
ATOM   1098 C CD2 . LEU A 1 128 ? 12.868  1.162   6.831   1.00 19.77 ? 128 LEU I CD2 1 
ATOM   1099 N N   . LYS A 1 129 ? 17.015  1.498   3.524   1.00 26.42 ? 129 LYS I N   1 
ATOM   1100 C CA  . LYS A 1 129 ? 18.343  0.984   3.278   1.00 28.89 ? 129 LYS I CA  1 
ATOM   1101 C C   . LYS A 1 129 ? 19.376  1.963   3.845   1.00 29.38 ? 129 LYS I C   1 
ATOM   1102 O O   . LYS A 1 129 ? 20.262  1.553   4.577   1.00 29.61 ? 129 LYS I O   1 
ATOM   1103 C CB  . LYS A 1 129 ? 18.553  0.742   1.785   1.00 29.32 ? 129 LYS I CB  1 
ATOM   1104 C CG  . LYS A 1 129 ? 19.959  0.288   1.440   1.00 34.82 ? 129 LYS I CG  1 
ATOM   1105 C CD  . LYS A 1 129 ? 20.228  0.389   -0.057  1.00 40.91 ? 129 LYS I CD  1 
ATOM   1106 C CE  . LYS A 1 129 ? 19.535  -0.713  -0.867  1.00 45.70 ? 129 LYS I CE  1 
ATOM   1107 N NZ  . LYS A 1 129 ? 20.228  -0.916  -2.200  1.00 49.69 ? 129 LYS I NZ  1 
ATOM   1108 N N   . LEU A 1 130 ? 19.225  3.253   3.530   1.00 30.27 ? 130 LEU I N   1 
ATOM   1109 C CA  . LEU A 1 130 ? 20.120  4.298   4.012   1.00 30.09 ? 130 LEU I CA  1 
ATOM   1110 C C   . LEU A 1 130 ? 20.144  4.398   5.544   1.00 30.68 ? 130 LEU I C   1 
ATOM   1111 O O   . LEU A 1 130 ? 21.186  4.613   6.137   1.00 32.06 ? 130 LEU I O   1 
ATOM   1112 C CB  . LEU A 1 130 ? 19.721  5.616   3.382   1.00 30.27 ? 130 LEU I CB  1 
ATOM   1113 C CG  . LEU A 1 130 ? 20.362  6.967   3.696   1.00 31.62 ? 130 LEU I CG  1 
ATOM   1114 C CD1 . LEU A 1 130 ? 19.847  7.977   2.653   1.00 32.80 ? 130 LEU I CD1 1 
ATOM   1115 C CD2 . LEU A 1 130 ? 20.013  7.461   5.077   1.00 30.99 ? 130 LEU I CD2 1 
ATOM   1116 N N   . MET A 1 131 ? 19.002  4.216   6.184   1.00 30.74 ? 131 MET I N   1 
ATOM   1117 C CA  . MET A 1 131 ? 18.928  4.256   7.640   1.00 30.65 ? 131 MET I CA  1 
ATOM   1118 C C   . MET A 1 131 ? 19.308  2.919   8.274   1.00 30.36 ? 131 MET I C   1 
ATOM   1119 O O   . MET A 1 131 ? 19.178  2.754   9.485   1.00 30.56 ? 131 MET I O   1 
ATOM   1120 C CB  . MET A 1 131 ? 17.516  4.649   8.097   1.00 30.03 ? 131 MET I CB  1 
ATOM   1121 C CG  . MET A 1 131 ? 17.064  6.029   7.626   1.00 32.57 ? 131 MET I CG  1 
ATOM   1122 S SD  . MET A 1 131 ? 18.066  7.359   8.326   1.00 35.78 ? 131 MET I SD  1 
ATOM   1123 C CE  . MET A 1 131 ? 17.358  7.477   9.939   1.00 33.13 ? 131 MET I CE  1 
ATOM   1124 N N   . LYS A 1 132 ? 19.753  1.967   7.460   1.00 31.20 ? 132 LYS I N   1 
ATOM   1125 C CA  . LYS A 1 132 ? 20.143  0.635   7.937   1.00 31.30 ? 132 LYS I CA  1 
ATOM   1126 C C   . LYS A 1 132 ? 19.041  -0.075  8.724   1.00 29.84 ? 132 LYS I C   1 
ATOM   1127 O O   . LYS A 1 132 ? 19.315  -0.737  9.729   1.00 31.12 ? 132 LYS I O   1 
ATOM   1128 C CB  . LYS A 1 132 ? 21.406  0.731   8.787   1.00 33.16 ? 132 LYS I CB  1 
ATOM   1129 C CG  . LYS A 1 132 ? 22.646  1.073   8.002   1.00 38.53 ? 132 LYS I CG  1 
ATOM   1130 C CD  . LYS A 1 132 ? 23.762  1.429   8.954   1.00 46.52 ? 132 LYS I CD  1 
ATOM   1131 C CE  . LYS A 1 132 ? 25.082  1.687   8.240   1.00 49.84 ? 132 LYS I CE  1 
ATOM   1132 N NZ  . LYS A 1 132 ? 26.018  2.393   9.185   1.00 54.70 ? 132 LYS I NZ  1 
ATOM   1133 N N   . TYR A 1 133 ? 17.797  0.085   8.292   1.00 28.66 ? 133 TYR I N   1 
ATOM   1134 C CA  . TYR A 1 133 ? 16.649  -0.620  8.898   1.00 27.23 ? 133 TYR I CA  1 
ATOM   1135 C C   . TYR A 1 133 ? 16.549  -0.462  10.410  1.00 27.32 ? 133 TYR I C   1 
ATOM   1136 O O   . TYR A 1 133 ? 16.114  -1.375  11.125  1.00 29.29 ? 133 TYR I O   1 
ATOM   1137 C CB  . TYR A 1 133 ? 16.645  -2.108  8.474   1.00 25.43 ? 133 TYR I CB  1 
ATOM   1138 C CG  . TYR A 1 133 ? 16.752  -2.267  6.972   1.00 25.09 ? 133 TYR I CG  1 
ATOM   1139 C CD1 . TYR A 1 133 ? 18.002  -2.402  6.345   1.00 23.08 ? 133 TYR I CD1 1 
ATOM   1140 C CD2 . TYR A 1 133 ? 15.627  -2.187  6.165   1.00 23.51 ? 133 TYR I CD2 1 
ATOM   1141 C CE1 . TYR A 1 133 ? 18.114  -2.497  4.975   1.00 20.46 ? 133 TYR I CE1 1 
ATOM   1142 C CE2 . TYR A 1 133 ? 15.740  -2.271  4.774   1.00 21.46 ? 133 TYR I CE2 1 
ATOM   1143 C CZ  . TYR A 1 133 ? 16.978  -2.423  4.202   1.00 21.47 ? 133 TYR I CZ  1 
ATOM   1144 O OH  . TYR A 1 133 ? 17.081  -2.502  2.839   1.00 26.29 ? 133 TYR I OH  1 
ATOM   1145 N N   . ASN A 1 134 ? 16.937  0.703   10.908  1.00 27.74 ? 134 ASN I N   1 
ATOM   1146 C CA  . ASN A 1 134 ? 16.868  0.956   12.346  1.00 26.90 ? 134 ASN I CA  1 
ATOM   1147 C C   . ASN A 1 134 ? 15.437  1.217   12.785  1.00 26.47 ? 134 ASN I C   1 
ATOM   1148 O O   . ASN A 1 134 ? 14.547  1.460   11.952  1.00 24.04 ? 134 ASN I O   1 
ATOM   1149 C CB  . ASN A 1 134 ? 17.888  2.053   12.806  1.00 28.87 ? 134 ASN I CB  1 
ATOM   1150 C CG  . ASN A 1 134 ? 17.479  3.485   12.436  1.00 30.15 ? 134 ASN I CG  1 
ATOM   1151 O OD1 . ASN A 1 134 ? 16.363  3.747   12.027  1.00 37.03 ? 134 ASN I OD1 1 
ATOM   1152 N ND2 . ASN A 1 134 ? 18.395  4.415   12.598  1.00 31.79 ? 134 ASN I ND2 1 
ATOM   1153 N N   . SER A 1 135 ? 15.210  1.154   14.087  1.00 27.12 ? 135 SER I N   1 
ATOM   1154 C CA  . SER A 1 135 ? 13.883  1.335   14.643  1.00 29.74 ? 135 SER I CA  1 
ATOM   1155 C C   . SER A 1 135 ? 13.272  2.708   14.396  1.00 29.26 ? 135 SER I C   1 
ATOM   1156 O O   . SER A 1 135 ? 12.050  2.822   14.294  1.00 31.19 ? 135 SER I O   1 
ATOM   1157 C CB  . SER A 1 135 ? 13.879  1.042   16.145  1.00 29.79 ? 135 SER I CB  1 
ATOM   1158 O OG  . SER A 1 135 ? 14.683  1.987   16.801  1.00 35.53 ? 135 SER I OG  1 
ATOM   1159 N N   . TYR A 1 136 ? 14.087  3.753   14.329  1.00 28.49 ? 136 TYR I N   1 
ATOM   1160 C CA  . TYR A 1 136 ? 13.522  5.073   14.058  1.00 27.52 ? 136 TYR I CA  1 
ATOM   1161 C C   . TYR A 1 136 ? 12.968  5.069   12.631  1.00 25.80 ? 136 TYR I C   1 
ATOM   1162 O O   . TYR A 1 136 ? 11.840  5.461   12.396  1.00 26.45 ? 136 TYR I O   1 
ATOM   1163 C CB  . TYR A 1 136 ? 14.557  6.201   14.272  1.00 28.14 ? 136 TYR I CB  1 
ATOM   1164 C CG  . TYR A 1 136 ? 14.085  7.549   13.769  1.00 28.45 ? 136 TYR I CG  1 
ATOM   1165 C CD1 . TYR A 1 136 ? 13.170  8.308   14.487  1.00 28.44 ? 136 TYR I CD1 1 
ATOM   1166 C CD2 . TYR A 1 136 ? 14.516  8.037   12.544  1.00 29.85 ? 136 TYR I CD2 1 
ATOM   1167 C CE1 . TYR A 1 136 ? 12.701  9.532   14.008  1.00 30.18 ? 136 TYR I CE1 1 
ATOM   1168 C CE2 . TYR A 1 136 ? 14.055  9.251   12.047  1.00 33.13 ? 136 TYR I CE2 1 
ATOM   1169 C CZ  . TYR A 1 136 ? 13.148  10.001  12.781  1.00 33.83 ? 136 TYR I CZ  1 
ATOM   1170 O OH  . TYR A 1 136 ? 12.704  11.224  12.266  1.00 38.44 ? 136 TYR I OH  1 
ATOM   1171 N N   . ALA A 1 137 ? 13.750  4.563   11.692  1.00 24.34 ? 137 ALA I N   1 
ATOM   1172 C CA  . ALA A 1 137 ? 13.349  4.542   10.307  1.00 23.26 ? 137 ALA I CA  1 
ATOM   1173 C C   . ALA A 1 137 ? 12.069  3.738   10.152  1.00 23.73 ? 137 ALA I C   1 
ATOM   1174 O O   . ALA A 1 137 ? 11.148  4.178   9.460   1.00 24.37 ? 137 ALA I O   1 
ATOM   1175 C CB  . ALA A 1 137 ? 14.460  3.964   9.452   1.00 21.86 ? 137 ALA I CB  1 
ATOM   1176 N N   . TRP A 1 138 ? 11.990  2.577   10.808  1.00 22.49 ? 138 TRP I N   1 
ATOM   1177 C CA  . TRP A 1 138 ? 10.788  1.756   10.750  1.00 22.37 ? 138 TRP I CA  1 
ATOM   1178 C C   . TRP A 1 138 ? 9.559   2.476   11.317  1.00 23.67 ? 138 TRP I C   1 
ATOM   1179 O O   . TRP A 1 138 ? 8.468   2.283   10.822  1.00 24.40 ? 138 TRP I O   1 
ATOM   1180 C CB  . TRP A 1 138 ? 11.001  0.404   11.453  1.00 23.22 ? 138 TRP I CB  1 
ATOM   1181 C CG  . TRP A 1 138 ? 11.566  -0.675  10.563  1.00 23.57 ? 138 TRP I CG  1 
ATOM   1182 C CD1 . TRP A 1 138 ? 12.805  -1.215  10.639  1.00 25.14 ? 138 TRP I CD1 1 
ATOM   1183 C CD2 . TRP A 1 138 ? 10.908  -1.338  9.456   1.00 26.61 ? 138 TRP I CD2 1 
ATOM   1184 N NE1 . TRP A 1 138 ? 12.978  -2.161  9.660   1.00 26.53 ? 138 TRP I NE1 1 
ATOM   1185 C CE2 . TRP A 1 138 ? 11.830  -2.255  8.916   1.00 26.16 ? 138 TRP I CE2 1 
ATOM   1186 C CE3 . TRP A 1 138 ? 9.633   -1.238  8.872   1.00 25.19 ? 138 TRP I CE3 1 
ATOM   1187 C CZ2 . TRP A 1 138 ? 11.524  -3.079  7.815   1.00 26.22 ? 138 TRP I CZ2 1 
ATOM   1188 C CZ3 . TRP A 1 138 ? 9.329   -2.062  7.779   1.00 26.64 ? 138 TRP I CZ3 1 
ATOM   1189 C CH2 . TRP A 1 138 ? 10.270  -2.976  7.272   1.00 23.28 ? 138 TRP I CH2 1 
ATOM   1190 N N   . MET A 1 139 ? 9.738   3.318   12.339  1.00 25.64 ? 139 MET I N   1 
ATOM   1191 C CA  . MET A 1 139 ? 8.635   4.083   12.925  1.00 25.34 ? 139 MET I CA  1 
ATOM   1192 C C   . MET A 1 139 ? 8.163   5.120   11.943  1.00 24.78 ? 139 MET I C   1 
ATOM   1193 O O   . MET A 1 139 ? 6.958   5.382   11.843  1.00 23.40 ? 139 MET I O   1 
ATOM   1194 C CB  . MET A 1 139 ? 9.045   4.751   14.237  1.00 29.89 ? 139 MET I CB  1 
ATOM   1195 C CG  . MET A 1 139 ? 9.111   3.791   15.462  1.00 36.38 ? 139 MET I CG  1 
ATOM   1196 S SD  . MET A 1 139 ? 7.601   2.771   15.807  1.00 47.01 ? 139 MET I SD  1 
ATOM   1197 C CE  . MET A 1 139 ? 8.388   1.196   16.185  1.00 45.19 ? 139 MET I CE  1 
ATOM   1198 N N   . VAL A 1 140 ? 9.117   5.700   11.201  1.00 22.64 ? 140 VAL I N   1 
ATOM   1199 C CA  . VAL A 1 140 ? 8.788   6.649   10.162  1.00 20.17 ? 140 VAL I CA  1 
ATOM   1200 C C   . VAL A 1 140 ? 8.026   5.922   9.053   1.00 20.33 ? 140 VAL I C   1 
ATOM   1201 O O   . VAL A 1 140 ? 6.936   6.346   8.695   1.00 19.61 ? 140 VAL I O   1 
ATOM   1202 C CB  . VAL A 1 140 ? 10.024  7.405   9.625   1.00 21.68 ? 140 VAL I CB  1 
ATOM   1203 C CG1 . VAL A 1 140 ? 9.645   8.264   8.426   1.00 20.47 ? 140 VAL I CG1 1 
ATOM   1204 C CG2 . VAL A 1 140 ? 10.598  8.317   10.735  1.00 20.69 ? 140 VAL I CG2 1 
ATOM   1205 N N   . VAL A 1 141 ? 8.542   4.788   8.576   1.00 18.24 ? 141 VAL I N   1 
ATOM   1206 C CA  . VAL A 1 141 ? 7.880   4.063   7.502   1.00 18.40 ? 141 VAL I CA  1 
ATOM   1207 C C   . VAL A 1 141 ? 6.475   3.526   7.871   1.00 19.41 ? 141 VAL I C   1 
ATOM   1208 O O   . VAL A 1 141 ? 5.521   3.632   7.083   1.00 18.89 ? 141 VAL I O   1 
ATOM   1209 C CB  . VAL A 1 141 ? 8.804   2.979   6.950   1.00 19.77 ? 141 VAL I CB  1 
ATOM   1210 C CG1 . VAL A 1 141 ? 8.063   2.076   5.978   1.00 19.79 ? 141 VAL I CG1 1 
ATOM   1211 C CG2 . VAL A 1 141 ? 9.999   3.652   6.263   1.00 14.27 ? 141 VAL I CG2 1 
ATOM   1212 N N   . ARG A 1 142 ? 6.340   2.993   9.081   1.00 20.84 ? 142 ARG I N   1 
ATOM   1213 C CA  . ARG A 1 142 ? 5.066   2.490   9.566   1.00 21.06 ? 142 ARG I CA  1 
ATOM   1214 C C   . ARG A 1 142 ? 4.024   3.576   9.436   1.00 21.16 ? 142 ARG I C   1 
ATOM   1215 O O   . ARG A 1 142 ? 2.921   3.336   8.963   1.00 20.72 ? 142 ARG I O   1 
ATOM   1216 C CB  . ARG A 1 142 ? 5.186   2.094   11.032  1.00 21.60 ? 142 ARG I CB  1 
ATOM   1217 C CG  . ARG A 1 142 ? 3.857   1.811   11.720  1.00 23.93 ? 142 ARG I CG  1 
ATOM   1218 C CD  . ARG A 1 142 ? 4.153   1.254   13.102  1.00 27.42 ? 142 ARG I CD  1 
ATOM   1219 N NE  . ARG A 1 142 ? 2.960   0.961   13.884  1.00 29.22 ? 142 ARG I NE  1 
ATOM   1220 C CZ  . ARG A 1 142 ? 2.619   1.594   15.004  1.00 29.73 ? 142 ARG I CZ  1 
ATOM   1221 N NH1 . ARG A 1 142 ? 1.531   1.223   15.644  1.00 32.67 ? 142 ARG I NH1 1 
ATOM   1222 N NH2 . ARG A 1 142 ? 3.349   2.599   15.479  1.00 28.50 ? 142 ARG I NH2 1 
ATOM   1223 N N   . ALA A 1 143 ? 4.392   4.786   9.847   1.00 21.42 ? 143 ALA I N   1 
ATOM   1224 C CA  . ALA A 1 143 ? 3.465   5.921   9.829   1.00 20.04 ? 143 ALA I CA  1 
ATOM   1225 C C   . ALA A 1 143 ? 3.072   6.299   8.401   1.00 20.45 ? 143 ALA I C   1 
ATOM   1226 O O   . ALA A 1 143 ? 1.919   6.669   8.162   1.00 21.32 ? 143 ALA I O   1 
ATOM   1227 C CB  . ALA A 1 143 ? 4.053   7.103   10.562  1.00 17.59 ? 143 ALA I CB  1 
ATOM   1228 N N   . GLU A 1 144 ? 4.012   6.157   7.460   1.00 21.07 ? 144 GLU I N   1 
ATOM   1229 C CA  . GLU A 1 144 ? 3.844   6.476   6.019   1.00 20.26 ? 144 GLU I CA  1 
ATOM   1230 C C   . GLU A 1 144 ? 2.940   5.482   5.334   1.00 19.58 ? 144 GLU I C   1 
ATOM   1231 O O   . GLU A 1 144 ? 2.077   5.858   4.535   1.00 20.14 ? 144 GLU I O   1 
ATOM   1232 C CB  . GLU A 1 144 ? 5.206   6.463   5.311   1.00 19.95 ? 144 GLU I CB  1 
ATOM   1233 C CG  . GLU A 1 144 ? 5.188   6.933   3.855   1.00 23.82 ? 144 GLU I CG  1 
ATOM   1234 C CD  . GLU A 1 144 ? 4.869   8.441   3.660   1.00 23.47 ? 144 GLU I CD  1 
ATOM   1235 O OE1 . GLU A 1 144 ? 4.914   9.219   4.636   1.00 23.17 ? 144 GLU I OE1 1 
ATOM   1236 O OE2 . GLU A 1 144 ? 4.572   8.847   2.508   1.00 25.90 ? 144 GLU I OE2 1 
ATOM   1237 N N   . ILE A 1 145 ? 3.176   4.203   5.628   1.00 20.05 ? 145 ILE I N   1 
ATOM   1238 C CA  . ILE A 1 145 ? 2.333   3.109   5.180   1.00 19.29 ? 145 ILE I CA  1 
ATOM   1239 C C   . ILE A 1 145 ? 0.910   3.344   5.711   1.00 21.10 ? 145 ILE I C   1 
ATOM   1240 O O   . ILE A 1 145 ? -0.069  3.061   5.011   1.00 20.45 ? 145 ILE I O   1 
ATOM   1241 C CB  . ILE A 1 145 ? 2.846   1.750   5.736   1.00 19.53 ? 145 ILE I CB  1 
ATOM   1242 C CG1 . ILE A 1 145 ? 4.252   1.470   5.209   1.00 20.10 ? 145 ILE I CG1 1 
ATOM   1243 C CG2 . ILE A 1 145 ? 1.909   0.583   5.366   1.00 16.64 ? 145 ILE I CG2 1 
ATOM   1244 C CD1 . ILE A 1 145 ? 4.340   1.647   3.699   1.00 23.07 ? 145 ILE I CD1 1 
ATOM   1245 N N   . PHE A 1 146 ? 0.802   3.852   6.945   1.00 21.80 ? 146 PHE I N   1 
ATOM   1246 C CA  . PHE A 1 146 ? -0.514  4.136   7.552   1.00 23.26 ? 146 PHE I CA  1 
ATOM   1247 C C   . PHE A 1 146 ? -1.244  5.111   6.637   1.00 23.64 ? 146 PHE I C   1 
ATOM   1248 O O   . PHE A 1 146 ? -2.407  4.927   6.301   1.00 23.80 ? 146 PHE I O   1 
ATOM   1249 C CB  . PHE A 1 146 ? -0.366  4.686   8.978   1.00 24.08 ? 146 PHE I CB  1 
ATOM   1250 C CG  . PHE A 1 146 ? -1.674  4.811   9.720   1.00 24.62 ? 146 PHE I CG  1 
ATOM   1251 C CD1 . PHE A 1 146 ? -2.179  3.725   10.456  1.00 27.56 ? 146 PHE I CD1 1 
ATOM   1252 C CD2 . PHE A 1 146 ? -2.426  5.984   9.637   1.00 24.37 ? 146 PHE I CD2 1 
ATOM   1253 C CE1 . PHE A 1 146 ? -3.408  3.803   11.108  1.00 29.63 ? 146 PHE I CE1 1 
ATOM   1254 C CE2 . PHE A 1 146 ? -3.667  6.087   10.286  1.00 27.93 ? 146 PHE I CE2 1 
ATOM   1255 C CZ  . PHE A 1 146 ? -4.156  4.990   11.027  1.00 28.95 ? 146 PHE I CZ  1 
ATOM   1256 N N   . ARG A 1 147 ? -0.505  6.105   6.163   1.00 26.42 ? 147 ARG I N   1 
ATOM   1257 C CA  . ARG A 1 147 ? -1.019  7.081   5.223   1.00 26.12 ? 147 ARG I CA  1 
ATOM   1258 C C   . ARG A 1 147 ? -1.394  6.441   3.926   1.00 26.16 ? 147 ARG I C   1 
ATOM   1259 O O   . ARG A 1 147 ? -2.359  6.885   3.304   1.00 26.63 ? 147 ARG I O   1 
ATOM   1260 C CB  . ARG A 1 147 ? -0.004  8.183   4.965   1.00 27.72 ? 147 ARG I CB  1 
ATOM   1261 C CG  . ARG A 1 147 ? 0.158   9.100   6.141   1.00 31.74 ? 147 ARG I CG  1 
ATOM   1262 C CD  . ARG A 1 147 ? 1.103   10.217  5.794   1.00 38.45 ? 147 ARG I CD  1 
ATOM   1263 N NE  . ARG A 1 147 ? 0.415   11.223  4.991   1.00 45.07 ? 147 ARG I NE  1 
ATOM   1264 C CZ  . ARG A 1 147 ? 1.026   12.218  4.358   1.00 46.51 ? 147 ARG I CZ  1 
ATOM   1265 N NH1 . ARG A 1 147 ? 0.303   13.087  3.662   1.00 47.10 ? 147 ARG I NH1 1 
ATOM   1266 N NH2 . ARG A 1 147 ? 2.354   12.334  4.413   1.00 49.47 ? 147 ARG I NH2 1 
ATOM   1267 N N   . ASN A 1 148 ? -0.653  5.417   3.496   1.00 24.59 ? 148 ASN I N   1 
ATOM   1268 C CA  . ASN A 1 148 ? -1.004  4.732   2.251   1.00 22.60 ? 148 ASN I CA  1 
ATOM   1269 C C   . ASN A 1 148 ? -2.342  4.048   2.417   1.00 23.63 ? 148 ASN I C   1 
ATOM   1270 O O   . ASN A 1 148 ? -3.167  4.085   1.517   1.00 22.71 ? 148 ASN I O   1 
ATOM   1271 C CB  . ASN A 1 148 ? 0.026   3.696   1.822   1.00 21.56 ? 148 ASN I CB  1 
ATOM   1272 C CG  . ASN A 1 148 ? 1.266   4.311   1.186   1.00 23.63 ? 148 ASN I CG  1 
ATOM   1273 O OD1 . ASN A 1 148 ? 1.891   3.693   0.343   1.00 23.42 ? 148 ASN I OD1 1 
ATOM   1274 N ND2 . ASN A 1 148 ? 1.634   5.507   1.603   1.00 24.81 ? 148 ASN I ND2 1 
ATOM   1275 N N   . PHE A 1 149 ? -2.559  3.411   3.569   1.00 22.44 ? 149 PHE I N   1 
ATOM   1276 C CA  . PHE A 1 149 ? -3.840  2.756   3.808   1.00 21.95 ? 149 PHE I CA  1 
ATOM   1277 C C   . PHE A 1 149 ? -4.996  3.773   3.786   1.00 23.63 ? 149 PHE I C   1 
ATOM   1278 O O   . PHE A 1 149 ? -6.036  3.496   3.238   1.00 24.30 ? 149 PHE I O   1 
ATOM   1279 C CB  . PHE A 1 149 ? -3.816  1.971   5.109   1.00 19.78 ? 149 PHE I CB  1 
ATOM   1280 C CG  . PHE A 1 149 ? -2.894  0.759   5.076   1.00 19.80 ? 149 PHE I CG  1 
ATOM   1281 C CD1 . PHE A 1 149 ? -2.511  0.189   3.872   1.00 22.18 ? 149 PHE I CD1 1 
ATOM   1282 C CD2 . PHE A 1 149 ? -2.449  0.178   6.258   1.00 22.24 ? 149 PHE I CD2 1 
ATOM   1283 C CE1 . PHE A 1 149 ? -1.679  -0.937  3.842   1.00 23.78 ? 149 PHE I CE1 1 
ATOM   1284 C CE2 . PHE A 1 149 ? -1.616  -0.947  6.238   1.00 21.60 ? 149 PHE I CE2 1 
ATOM   1285 C CZ  . PHE A 1 149 ? -1.232  -1.492  5.025   1.00 21.24 ? 149 PHE I CZ  1 
ATOM   1286 N N   . LEU A 1 150 ? -4.793  4.951   4.356   1.00 25.83 ? 150 LEU I N   1 
ATOM   1287 C CA  . LEU A 1 150 ? -5.806  6.014   4.322   1.00 27.43 ? 150 LEU I CA  1 
ATOM   1288 C C   . LEU A 1 150 ? -6.124  6.452   2.887   1.00 28.85 ? 150 LEU I C   1 
ATOM   1289 O O   . LEU A 1 150 ? -7.288  6.660   2.529   1.00 31.39 ? 150 LEU I O   1 
ATOM   1290 C CB  . LEU A 1 150 ? -5.365  7.194   5.191   1.00 27.37 ? 150 LEU I CB  1 
ATOM   1291 C CG  . LEU A 1 150 ? -5.944  7.188   6.620   1.00 29.08 ? 150 LEU I CG  1 
ATOM   1292 C CD1 . LEU A 1 150 ? -6.488  5.845   7.053   1.00 29.80 ? 150 LEU I CD1 1 
ATOM   1293 C CD2 . LEU A 1 150 ? -4.946  7.695   7.635   1.00 31.06 ? 150 LEU I CD2 1 
ATOM   1294 N N   . ILE A 1 151 ? -5.111  6.520   2.047   1.00 28.38 ? 151 ILE I N   1 
ATOM   1295 C CA  . ILE A 1 151 ? -5.306  6.886   0.652   1.00 30.28 ? 151 ILE I CA  1 
ATOM   1296 C C   . ILE A 1 151 ? -5.952  5.743   -0.133  1.00 32.39 ? 151 ILE I C   1 
ATOM   1297 O O   . ILE A 1 151 ? -6.654  5.987   -1.117  1.00 33.62 ? 151 ILE I O   1 
ATOM   1298 C CB  . ILE A 1 151 ? -3.948  7.228   -0.002  1.00 29.92 ? 151 ILE I CB  1 
ATOM   1299 C CG1 . ILE A 1 151 ? -3.352  8.495   0.635   1.00 28.84 ? 151 ILE I CG1 1 
ATOM   1300 C CG2 . ILE A 1 151 ? -4.055  7.312   -1.539  1.00 30.27 ? 151 ILE I CG2 1 
ATOM   1301 C CD1 . ILE A 1 151 ? -1.925  8.750   0.216   1.00 28.83 ? 151 ILE I CD1 1 
ATOM   1302 N N   . ILE A 1 152 ? -5.689  4.494   0.260   1.00 33.44 ? 152 ILE I N   1 
ATOM   1303 C CA  . ILE A 1 152 ? -6.283  3.368   -0.453  1.00 34.24 ? 152 ILE I CA  1 
ATOM   1304 C C   . ILE A 1 152 ? -7.796  3.354   -0.233  1.00 35.77 ? 152 ILE I C   1 
ATOM   1305 O O   . ILE A 1 152 ? -8.562  3.102   -1.164  1.00 36.40 ? 152 ILE I O   1 
ATOM   1306 C CB  . ILE A 1 152 ? -5.636  2.017   -0.097  1.00 34.07 ? 152 ILE I CB  1 
ATOM   1307 C CG1 . ILE A 1 152 ? -4.235  1.941   -0.695  1.00 34.61 ? 152 ILE I CG1 1 
ATOM   1308 C CG2 . ILE A 1 152 ? -6.429  0.891   -0.706  1.00 32.15 ? 152 ILE I CG2 1 
ATOM   1309 C CD1 . ILE A 1 152 ? -3.458  0.673   -0.342  1.00 32.28 ? 152 ILE I CD1 1 
ATOM   1310 N N   . ARG A 1 153 ? -8.222  3.671   0.983   1.00 37.90 ? 153 ARG I N   1 
ATOM   1311 C CA  . ARG A 1 153 ? -9.641  3.820   1.291   1.00 40.20 ? 153 ARG I CA  1 
ATOM   1312 C C   . ARG A 1 153 ? -10.254 4.950   0.468   1.00 41.83 ? 153 ARG I C   1 
ATOM   1313 O O   . ARG A 1 153 ? -11.380 4.844   0.017   1.00 43.95 ? 153 ARG I O   1 
ATOM   1314 C CB  . ARG A 1 153 ? -9.840  4.159   2.750   1.00 40.07 ? 153 ARG I CB  1 
ATOM   1315 C CG  . ARG A 1 153 ? -9.405  3.119   3.753   1.00 45.83 ? 153 ARG I CG  1 
ATOM   1316 C CD  . ARG A 1 153 ? -9.947  3.480   5.143   1.00 51.29 ? 153 ARG I CD  1 
ATOM   1317 N NE  . ARG A 1 153 ? -11.358 3.097   5.305   1.00 59.02 ? 153 ARG I NE  1 
ATOM   1318 C CZ  . ARG A 1 153 ? -12.407 3.666   4.690   1.00 62.32 ? 153 ARG I CZ  1 
ATOM   1319 N NH1 . ARG A 1 153 ? -12.246 4.669   3.834   1.00 63.69 ? 153 ARG I NH1 1 
ATOM   1320 N NH2 . ARG A 1 153 ? -13.642 3.234   4.938   1.00 64.34 ? 153 ARG I NH2 1 
ATOM   1321 N N   . ARG A 1 154 ? -9.523  6.045   0.302   1.00 42.38 ? 154 ARG I N   1 
ATOM   1322 C CA  . ARG A 1 154 ? -9.979  7.171   -0.502  1.00 43.57 ? 154 ARG I CA  1 
ATOM   1323 C C   . ARG A 1 154 ? -10.176 6.712   -1.953  1.00 43.02 ? 154 ARG I C   1 
ATOM   1324 O O   . ARG A 1 154 ? -11.231 6.927   -2.520  1.00 43.54 ? 154 ARG I O   1 
ATOM   1325 C CB  . ARG A 1 154 ? -8.958  8.308   -0.423  1.00 44.82 ? 154 ARG I CB  1 
ATOM   1326 C CG  . ARG A 1 154 ? -9.517  9.724   -0.471  1.00 49.34 ? 154 ARG I CG  1 
ATOM   1327 C CD  . ARG A 1 154 ? -8.408  10.763  -0.134  1.00 53.42 ? 154 ARG I CD  1 
ATOM   1328 N NE  . ARG A 1 154 ? -8.061  10.824  1.300   1.00 57.33 ? 154 ARG I NE  1 
ATOM   1329 C CZ  . ARG A 1 154 ? -6.822  10.986  1.784   1.00 59.28 ? 154 ARG I CZ  1 
ATOM   1330 N NH1 . ARG A 1 154 ? -6.616  11.033  3.104   1.00 59.25 ? 154 ARG I NH1 1 
ATOM   1331 N NH2 . ARG A 1 154 ? -5.778  11.091  0.958   1.00 59.80 ? 154 ARG I NH2 1 
ATOM   1332 N N   . LEU A 1 155 ? -9.180  6.046   -2.540  1.00 42.23 ? 155 LEU I N   1 
ATOM   1333 C CA  . LEU A 1 155 ? -9.283  5.558   -3.908  1.00 40.99 ? 155 LEU I CA  1 
ATOM   1334 C C   . LEU A 1 155 ? -10.531 4.718   -4.165  1.00 42.02 ? 155 LEU I C   1 
ATOM   1335 O O   . LEU A 1 155 ? -11.063 4.739   -5.269  1.00 42.29 ? 155 LEU I O   1 
ATOM   1336 C CB  . LEU A 1 155 ? -8.043  4.750   -4.286  1.00 40.24 ? 155 LEU I CB  1 
ATOM   1337 C CG  . LEU A 1 155 ? -6.815  5.570   -4.679  1.00 40.29 ? 155 LEU I CG  1 
ATOM   1338 C CD1 . LEU A 1 155 ? -5.550  4.692   -4.730  1.00 40.48 ? 155 LEU I CD1 1 
ATOM   1339 C CD2 . LEU A 1 155 ? -7.054  6.293   -6.002  1.00 37.84 ? 155 LEU I CD2 1 
ATOM   1340 N N   . THR A 1 156 ? -11.011 3.986   -3.161  1.00 43.67 ? 156 THR I N   1 
ATOM   1341 C CA  . THR A 1 156 ? -12.189 3.128   -3.357  1.00 45.46 ? 156 THR I CA  1 
ATOM   1342 C C   . THR A 1 156 ? -13.474 3.919   -3.669  1.00 46.98 ? 156 THR I C   1 
ATOM   1343 O O   . THR A 1 156 ? -14.489 3.338   -3.990  1.00 46.79 ? 156 THR I O   1 
ATOM   1344 C CB  . THR A 1 156 ? -12.427 2.140   -2.177  1.00 45.05 ? 156 THR I CB  1 
ATOM   1345 O OG1 . THR A 1 156 ? -12.826 2.861   -1.010  1.00 44.86 ? 156 THR I OG1 1 
ATOM   1346 C CG2 . THR A 1 156 ? -11.167 1.319   -1.859  1.00 43.77 ? 156 THR I CG2 1 
ATOM   1347 N N   . ARG A 1 157 ? -13.424 5.240   -3.583  1.00 49.98 ? 157 ARG I N   1 
ATOM   1348 C CA  . ARG A 1 157 ? -14.582 6.063   -3.904  1.00 53.79 ? 157 ARG I CA  1 
ATOM   1349 C C   . ARG A 1 157 ? -14.765 6.007   -5.411  1.00 54.46 ? 157 ARG I C   1 
ATOM   1350 O O   . ARG A 1 157 ? -15.885 6.084   -5.911  1.00 55.98 ? 157 ARG I O   1 
ATOM   1351 C CB  . ARG A 1 157 ? -14.368 7.517   -3.459  1.00 55.70 ? 157 ARG I CB  1 
ATOM   1352 C CG  . ARG A 1 157 ? -13.468 8.316   -4.430  1.00 60.28 ? 157 ARG I CG  1 
ATOM   1353 C CD  . ARG A 1 157 ? -12.993 9.667   -3.902  1.00 63.31 ? 157 ARG I CD  1 
ATOM   1354 N NE  . ARG A 1 157 ? -11.614 9.923   -4.335  1.00 68.49 ? 157 ARG I NE  1 
ATOM   1355 C CZ  . ARG A 1 157 ? -11.258 10.535  -5.462  1.00 70.36 ? 157 ARG I CZ  1 
ATOM   1356 N NH1 . ARG A 1 157 ? -12.176 10.989  -6.313  1.00 71.69 ? 157 ARG I NH1 1 
ATOM   1357 N NH2 . ARG A 1 157 ? -9.969  10.689  -5.739  1.00 71.93 ? 157 ARG I NH2 1 
ATOM   1358 N N   . ASN A 1 158 ? -13.655 5.872   -6.128  1.00 55.33 ? 158 ASN I N   1 
ATOM   1359 C CA  . ASN A 1 158 ? -13.665 5.781   -7.582  1.00 56.26 ? 158 ASN I CA  1 
ATOM   1360 C C   . ASN A 1 158 ? -14.366 4.527   -8.115  1.00 57.66 ? 158 ASN I C   1 
ATOM   1361 O O   . ASN A 1 158 ? -14.645 4.437   -9.313  1.00 58.17 ? 158 ASN I O   1 
ATOM   1362 C CB  . ASN A 1 158 ? -12.233 5.848   -8.130  1.00 55.88 ? 158 ASN I CB  1 
ATOM   1363 C CG  . ASN A 1 158 ? -11.580 7.206   -7.927  1.00 55.73 ? 158 ASN I CG  1 
ATOM   1364 O OD1 . ASN A 1 158 ? -10.397 7.388   -8.212  1.00 54.16 ? 158 ASN I OD1 1 
ATOM   1365 N ND2 . ASN A 1 158 ? -12.349 8.170   -7.442  1.00 57.04 ? 158 ASN I ND2 1 
ATOM   1366 N N   . PHE A 1 159 ? -14.635 3.559   -7.239  1.00 58.89 ? 159 PHE I N   1 
ATOM   1367 C CA  . PHE A 1 159 ? -15.328 2.337   -7.641  1.00 60.87 ? 159 PHE I CA  1 
ATOM   1368 C C   . PHE A 1 159 ? -16.854 2.464   -7.604  1.00 63.32 ? 159 PHE I C   1 
ATOM   1369 O O   . PHE A 1 159 ? -17.573 1.513   -7.947  1.00 63.86 ? 159 PHE I O   1 
ATOM   1370 C CB  . PHE A 1 159 ? -14.887 1.140   -6.786  1.00 59.35 ? 159 PHE I CB  1 
ATOM   1371 C CG  . PHE A 1 159 ? -13.542 0.575   -7.165  1.00 58.13 ? 159 PHE I CG  1 
ATOM   1372 C CD1 . PHE A 1 159 ? -12.728 -0.006  -6.198  1.00 56.90 ? 159 PHE I CD1 1 
ATOM   1373 C CD2 . PHE A 1 159 ? -13.087 0.621   -8.484  1.00 56.46 ? 159 PHE I CD2 1 
ATOM   1374 C CE1 . PHE A 1 159 ? -11.488 -0.541  -6.541  1.00 56.35 ? 159 PHE I CE1 1 
ATOM   1375 C CE2 . PHE A 1 159 ? -11.847 0.092   -8.833  1.00 55.50 ? 159 PHE I CE2 1 
ATOM   1376 C CZ  . PHE A 1 159 ? -11.048 -0.492  -7.864  1.00 55.86 ? 159 PHE I CZ  1 
ATOM   1377 N N   . GLN A 1 160 ? -17.350 3.631   -7.202  1.00 65.69 ? 160 GLN I N   1 
ATOM   1378 C CA  . GLN A 1 160 ? -18.794 3.847   -7.082  1.00 68.02 ? 160 GLN I CA  1 
ATOM   1379 C C   . GLN A 1 160 ? -19.303 4.942   -8.017  1.00 68.49 ? 160 GLN I C   1 
ATOM   1380 O O   . GLN A 1 160 ? -18.620 5.945   -8.249  1.00 69.27 ? 160 GLN I O   1 
ATOM   1381 C CB  . GLN A 1 160 ? -19.186 4.143   -5.625  1.00 68.99 ? 160 GLN I CB  1 
ATOM   1382 C CG  . GLN A 1 160 ? -18.849 5.547   -5.127  1.00 71.21 ? 160 GLN I CG  1 
ATOM   1383 C CD  . GLN A 1 160 ? -18.604 5.587   -3.631  1.00 73.80 ? 160 GLN I CD  1 
ATOM   1384 O OE1 . GLN A 1 160 ? -19.466 6.002   -2.856  1.00 75.00 ? 160 GLN I OE1 1 
ATOM   1385 N NE2 . GLN A 1 160 ? -17.429 5.142   -3.219  1.00 75.44 ? 160 GLN I NE2 1 
ATOM   1386 N N   . ASN A 1 161 ? -20.440 4.560   -8.488  0.00 76.31 ? 161 ASN I N   1 
ATOM   1387 C CA  . ASN A 1 161 ? -21.104 5.469   -9.413  0.00 76.44 ? 161 ASN I CA  1 
ATOM   1388 C C   . ASN A 1 161 ? -22.606 5.517   -9.125  0.00 76.43 ? 161 ASN I C   1 
ATOM   1389 O O   . ASN A 1 161 ? -23.049 4.822   -8.187  0.00 76.44 ? 161 ASN I O   1 
ATOM   1390 C CB  . ASN A 1 161 ? -20.865 5.020   -10.859 0.00 76.58 ? 161 ASN I CB  1 
ATOM   1391 C CG  . ASN A 1 161 ? -21.429 3.636   -11.151 0.00 76.70 ? 161 ASN I CG  1 
ATOM   1392 O OD1 . ASN A 1 161 ? -20.684 2.661   -11.275 0.00 76.76 ? 161 ASN I OD1 1 
ATOM   1393 N ND2 . ASN A 1 161 ? -22.747 3.542   -11.272 0.00 76.76 ? 161 ASN I ND2 1 
ATOM   1394 O OXT . ASN A 1 161 ? -23.325 6.225   -9.861  0.00 76.43 ? 161 ASN I OXT 1 
HETATM 1395 O O   . HOH B 2 .   ? 5.678   11.732  2.744   1.00 34.48 ? 201 HOH I O   1 
HETATM 1396 O O   . HOH B 2 .   ? -0.887  -3.123  -11.067 1.00 31.96 ? 202 HOH I O   1 
HETATM 1397 O O   . HOH B 2 .   ? 3.019   13.189  -8.831  1.00 29.99 ? 203 HOH I O   1 
HETATM 1398 O O   . HOH B 2 .   ? 4.755   -6.084  18.183  1.00 37.07 ? 204 HOH I O   1 
HETATM 1399 O O   . HOH B 2 .   ? -12.998 2.530   -17.295 1.00 32.95 ? 205 HOH I O   1 
HETATM 1400 O O   . HOH B 2 .   ? 9.111   -9.870  6.740   1.00 31.13 ? 206 HOH I O   1 
HETATM 1401 O O   . HOH B 2 .   ? 4.204   13.193  0.992   1.00 35.56 ? 207 HOH I O   1 
HETATM 1402 O O   . HOH B 2 .   ? -3.976  -12.110 8.180   1.00 36.39 ? 208 HOH I O   1 
HETATM 1403 O O   . HOH B 2 .   ? 4.802   4.955   13.297  1.00 34.09 ? 209 HOH I O   1 
HETATM 1404 O O   . HOH B 2 .   ? 11.626  15.757  1.572   1.00 34.08 ? 210 HOH I O   1 
HETATM 1405 O O   . HOH B 2 .   ? -2.271  4.965   16.684  1.00 48.65 ? 211 HOH I O   1 
HETATM 1406 O O   . HOH B 2 .   ? 15.693  1.708   -3.521  1.00 41.50 ? 212 HOH I O   1 
HETATM 1407 O O   . HOH B 2 .   ? -2.258  -15.813 1.775   1.00 39.45 ? 213 HOH I O   1 
HETATM 1408 O O   . HOH B 2 .   ? -3.998  5.604   14.608  1.00 38.73 ? 214 HOH I O   1 
HETATM 1409 O O   . HOH B 2 .   ? 15.010  -1.118  1.519   1.00 33.09 ? 215 HOH I O   1 
HETATM 1410 O O   . HOH B 2 .   ? 16.046  -5.797  4.877   1.00 48.00 ? 216 HOH I O   1 
HETATM 1411 O O   . HOH B 2 .   ? 9.404   11.227  -8.977  1.00 45.85 ? 217 HOH I O   1 
HETATM 1412 O O   . HOH B 2 .   ? 11.728  -6.078  -0.458  1.00 40.13 ? 219 HOH I O   1 
HETATM 1413 O O   . HOH B 2 .   ? 6.988   10.078  -7.409  1.00 29.52 ? 220 HOH I O   1 
HETATM 1414 O O   . HOH B 2 .   ? 4.375   -8.013  -4.505  1.00 49.83 ? 221 HOH I O   1 
HETATM 1415 O O   . HOH B 2 .   ? -0.194  11.074  14.689  1.00 30.16 ? 223 HOH I O   1 
HETATM 1416 O O   . HOH B 2 .   ? -12.625 7.216   4.916   1.00 69.22 ? 224 HOH I O   1 
HETATM 1417 O O   . HOH B 2 .   ? 11.979  -9.691  7.599   1.00 39.29 ? 225 HOH I O   1 
HETATM 1418 O O   . HOH B 2 .   ? -6.721  -7.302  14.243  1.00 49.52 ? 226 HOH I O   1 
HETATM 1419 O O   . HOH B 2 .   ? 9.212   -1.657  -3.397  1.00 49.15 ? 227 HOH I O   1 
HETATM 1420 O O   . HOH B 2 .   ? 10.947  -0.323  -5.318  1.00 54.14 ? 228 HOH I O   1 
HETATM 1421 O O   . HOH B 2 .   ? 8.916   -12.172 4.866   1.00 50.85 ? 230 HOH I O   1 
HETATM 1422 O O   . HOH B 2 .   ? 12.403  -9.539  11.043  1.00 55.08 ? 232 HOH I O   1 
HETATM 1423 O O   . HOH B 2 .   ? 11.251  -8.272  15.918  1.00 48.99 ? 233 HOH I O   1 
HETATM 1424 O O   . HOH B 2 .   ? -9.140  -7.848  -1.313  1.00 47.92 ? 234 HOH I O   1 
HETATM 1425 O O   . HOH B 2 .   ? 21.548  -1.190  5.347   1.00 60.11 ? 235 HOH I O   1 
HETATM 1426 O O   . HOH B 2 .   ? 22.007  -3.088  7.188   1.00 47.30 ? 236 HOH I O   1 
HETATM 1427 O O   . HOH B 2 .   ? -13.308 9.003   -13.898 1.00 69.73 ? 238 HOH I O   1 
HETATM 1428 O O   . HOH B 2 .   ? 1.565   -10.641 -2.491  1.00 85.52 ? 239 HOH I O   1 
HETATM 1429 O O   . HOH B 2 .   ? -1.711  -17.504 -1.314  1.00 71.37 ? 240 HOH I O   1 
HETATM 1430 O O   . HOH B 2 .   ? 11.300  13.755  13.114  1.00 50.75 ? 241 HOH I O   1 
HETATM 1431 O O   . HOH B 2 .   ? 4.815   6.817   15.180  1.00 48.05 ? 244 HOH I O   1 
HETATM 1432 O O   . HOH B 2 .   ? 14.927  -4.652  0.072   1.00 59.48 ? 245 HOH I O   1 
HETATM 1433 O O   . HOH B 2 .   ? 17.957  1.039   16.062  1.00 46.71 ? 247 HOH I O   1 
HETATM 1434 O O   . HOH B 2 .   ? 6.430   -3.674  20.354  1.00 58.52 ? 248 HOH I O   1 
HETATM 1435 O O   . HOH B 2 .   ? 11.652  -9.215  -1.242  1.00 59.83 ? 249 HOH I O   1 
HETATM 1436 O O   . HOH B 2 .   ? 17.842  0.611   -7.343  1.00 53.77 ? 250 HOH I O   1 
HETATM 1437 O O   . HOH B 2 .   ? 16.678  4.258   15.893  1.00 41.09 ? 251 HOH I O   1 
HETATM 1438 O O   . HOH B 2 .   ? 5.295   11.927  -8.241  1.00 43.21 ? 252 HOH I O   1 
HETATM 1439 O O   . HOH B 2 .   ? -9.420  -12.144 0.105   1.00 74.51 ? 253 HOH I O   1 
HETATM 1440 O O   . HOH B 2 .   ? -20.325 -1.986  -10.593 1.00 60.89 ? 254 HOH I O   1 
HETATM 1441 O O   . HOH B 2 .   ? -7.440  -6.982  11.462  1.00 68.23 ? 255 HOH I O   1 
HETATM 1442 O O   . HOH B 2 .   ? -5.551  -13.995 10.918  1.00 69.70 ? 256 HOH I O   1 
# 
